data_6YET
#
_entry.id   6YET
#
loop_
_entity.id
_entity.type
_entity.pdbx_description
1 polymer 'Calcium-binding EF hand family protein'
2 non-polymer 'CALCIUM ION'
#
_entity_poly.entity_id   1
_entity_poly.type   'polypeptide(L)'
_entity_poly.pdbx_seq_one_letter_code
;GGGNNQPPWPKMKPSDVQKYTKVFMEVDSDKDGKITGEQARNLFLSWRLPREVLKHVWELSDQDNDTMLSLREFCISLYL
MERYREGRPLPTALPSSIMFDETLLS
;
_entity_poly.pdbx_strand_id   A
#
loop_
_chem_comp.id
_chem_comp.type
_chem_comp.name
_chem_comp.formula
CA non-polymer 'CALCIUM ION' 'Ca 2'
#
# COMPACT_ATOMS: atom_id res chain seq x y z
N GLY A 3 21.86 5.33 6.27
CA GLY A 3 22.00 5.39 4.81
C GLY A 3 20.89 4.63 4.14
N ASN A 4 21.23 3.79 3.18
CA ASN A 4 20.23 3.00 2.47
C ASN A 4 19.80 1.81 3.29
N ASN A 5 20.53 1.53 4.36
CA ASN A 5 20.16 0.47 5.26
C ASN A 5 19.04 0.93 6.15
N GLN A 6 17.96 0.23 6.09
CA GLN A 6 16.80 0.53 6.86
C GLN A 6 16.36 -0.75 7.55
N PRO A 7 15.60 -0.66 8.64
CA PRO A 7 15.12 -1.83 9.36
C PRO A 7 14.20 -2.64 8.46
N PRO A 8 14.48 -3.94 8.26
CA PRO A 8 13.73 -4.78 7.37
C PRO A 8 12.46 -5.28 7.98
N TRP A 9 11.59 -5.64 7.11
CA TRP A 9 10.27 -6.02 7.46
C TRP A 9 10.00 -7.40 6.90
N PRO A 10 9.07 -8.16 7.51
CA PRO A 10 8.63 -9.38 6.94
C PRO A 10 7.76 -9.01 5.79
N LYS A 11 8.20 -9.36 4.65
CA LYS A 11 7.59 -8.85 3.46
C LYS A 11 6.24 -9.47 3.19
N MET A 12 5.59 -8.96 2.20
CA MET A 12 4.27 -9.36 1.84
C MET A 12 4.29 -10.80 1.36
N LYS A 13 3.37 -11.61 1.83
CA LYS A 13 3.30 -12.99 1.38
C LYS A 13 2.30 -13.10 0.26
N PRO A 14 2.26 -14.20 -0.53
CA PRO A 14 1.26 -14.34 -1.58
C PRO A 14 -0.13 -14.20 -0.98
N SER A 15 -0.28 -14.77 0.21
CA SER A 15 -1.49 -14.70 0.97
C SER A 15 -1.84 -13.24 1.31
N ASP A 16 -0.81 -12.40 1.59
CA ASP A 16 -1.11 -10.99 1.87
C ASP A 16 -1.53 -10.30 0.61
N VAL A 17 -0.84 -10.57 -0.47
CA VAL A 17 -1.13 -9.92 -1.73
C VAL A 17 -2.53 -10.30 -2.20
N GLN A 18 -2.90 -11.55 -2.01
CA GLN A 18 -4.21 -12.05 -2.39
C GLN A 18 -5.31 -11.42 -1.54
N LYS A 19 -5.04 -11.25 -0.26
CA LYS A 19 -6.00 -10.67 0.65
C LYS A 19 -6.21 -9.19 0.31
N TYR A 20 -5.15 -8.55 -0.21
CA TYR A 20 -5.24 -7.16 -0.64
C TYR A 20 -5.95 -7.05 -1.99
N THR A 21 -5.58 -7.93 -2.91
CA THR A 21 -6.11 -7.96 -4.27
C THR A 21 -7.67 -8.03 -4.31
N LYS A 22 -8.27 -8.76 -3.38
CA LYS A 22 -9.74 -8.89 -3.34
C LYS A 22 -10.38 -7.55 -3.06
N VAL A 23 -9.74 -6.85 -2.18
CA VAL A 23 -10.16 -5.54 -1.75
C VAL A 23 -9.98 -4.57 -2.89
N PHE A 24 -8.99 -4.83 -3.73
CA PHE A 24 -8.66 -3.94 -4.84
C PHE A 24 -9.81 -3.87 -5.81
N MET A 25 -10.44 -5.01 -5.99
CA MET A 25 -11.57 -5.17 -6.90
C MET A 25 -12.75 -4.35 -6.40
N GLU A 26 -12.81 -4.22 -5.10
CA GLU A 26 -13.87 -3.49 -4.43
C GLU A 26 -13.63 -1.98 -4.53
N VAL A 27 -12.38 -1.61 -4.55
CA VAL A 27 -12.01 -0.20 -4.59
C VAL A 27 -11.89 0.31 -6.05
N ASP A 28 -11.49 -0.57 -6.94
CA ASP A 28 -11.35 -0.24 -8.36
C ASP A 28 -12.70 -0.23 -9.04
N SER A 29 -13.35 0.90 -8.97
CA SER A 29 -14.66 1.10 -9.51
C SER A 29 -14.59 1.33 -11.02
N ASP A 30 -13.40 1.65 -11.53
CA ASP A 30 -13.24 1.90 -12.97
C ASP A 30 -12.83 0.64 -13.69
N LYS A 31 -12.49 -0.37 -12.90
CA LYS A 31 -12.09 -1.70 -13.34
C LYS A 31 -10.89 -1.62 -14.27
N ASP A 32 -10.03 -0.68 -13.99
CA ASP A 32 -8.90 -0.38 -14.88
C ASP A 32 -7.66 -1.15 -14.47
N GLY A 33 -7.60 -1.52 -13.23
CA GLY A 33 -6.46 -2.18 -12.69
C GLY A 33 -5.68 -1.23 -11.84
N LYS A 34 -6.29 -0.08 -11.57
CA LYS A 34 -5.75 0.93 -10.72
C LYS A 34 -6.91 1.57 -10.01
N ILE A 35 -6.65 2.10 -8.87
CA ILE A 35 -7.64 2.81 -8.12
C ILE A 35 -7.28 4.26 -8.12
N THR A 36 -8.25 5.09 -7.94
CA THR A 36 -8.02 6.50 -8.04
C THR A 36 -7.62 7.05 -6.69
N GLY A 37 -7.21 8.28 -6.65
CA GLY A 37 -6.87 8.93 -5.39
C GLY A 37 -8.06 8.93 -4.45
N GLU A 38 -9.22 9.27 -4.99
CA GLU A 38 -10.45 9.33 -4.22
C GLU A 38 -10.77 7.97 -3.63
N GLN A 39 -10.69 6.94 -4.49
CA GLN A 39 -10.99 5.56 -4.08
C GLN A 39 -10.09 5.13 -2.96
N ALA A 40 -8.81 5.41 -3.13
CA ALA A 40 -7.80 5.05 -2.16
C ALA A 40 -8.04 5.74 -0.84
N ARG A 41 -8.20 7.06 -0.87
CA ARG A 41 -8.39 7.83 0.36
C ARG A 41 -9.59 7.36 1.10
N ASN A 42 -10.71 7.18 0.39
CA ASN A 42 -11.97 6.75 1.01
C ASN A 42 -11.81 5.42 1.71
N LEU A 43 -11.07 4.51 1.08
CA LEU A 43 -10.78 3.21 1.66
C LEU A 43 -10.02 3.38 2.97
N PHE A 44 -8.95 4.15 2.92
CA PHE A 44 -8.06 4.34 4.05
C PHE A 44 -8.79 5.13 5.16
N LEU A 45 -9.64 6.05 4.74
CA LEU A 45 -10.47 6.86 5.63
C LEU A 45 -11.45 6.02 6.41
N SER A 46 -11.87 4.90 5.85
CA SER A 46 -12.71 3.96 6.53
C SER A 46 -11.97 3.35 7.73
N TRP A 47 -10.63 3.40 7.68
CA TRP A 47 -9.79 2.87 8.74
C TRP A 47 -9.41 3.99 9.72
N ARG A 48 -9.99 5.17 9.46
CA ARG A 48 -9.80 6.39 10.25
C ARG A 48 -8.35 6.84 10.27
N LEU A 49 -7.70 6.75 9.14
CA LEU A 49 -6.33 7.13 9.02
C LEU A 49 -6.22 8.63 8.82
N PRO A 50 -5.20 9.23 9.43
CA PRO A 50 -4.93 10.67 9.35
C PRO A 50 -4.48 11.04 7.98
N ARG A 51 -4.63 12.31 7.68
CA ARG A 51 -4.31 12.87 6.38
C ARG A 51 -2.83 12.76 6.15
N GLU A 52 -2.09 12.88 7.25
CA GLU A 52 -0.65 12.71 7.27
C GLU A 52 -0.27 11.28 6.89
N VAL A 53 -1.11 10.30 7.26
CA VAL A 53 -0.76 8.92 7.04
C VAL A 53 -1.16 8.59 5.66
N LEU A 54 -2.28 9.13 5.31
CA LEU A 54 -2.86 9.05 4.02
C LEU A 54 -1.87 9.48 2.94
N LYS A 55 -1.27 10.66 3.10
CA LYS A 55 -0.30 11.13 2.12
C LYS A 55 0.98 10.29 2.18
N HIS A 56 1.35 9.88 3.39
CA HIS A 56 2.59 9.15 3.61
C HIS A 56 2.50 7.76 2.98
N VAL A 57 1.39 7.08 3.18
CA VAL A 57 1.16 5.76 2.60
C VAL A 57 1.18 5.85 1.08
N TRP A 58 0.59 6.92 0.57
CA TRP A 58 0.56 7.19 -0.85
C TRP A 58 1.98 7.31 -1.39
N GLU A 59 2.79 8.12 -0.70
CA GLU A 59 4.18 8.36 -1.04
C GLU A 59 5.01 7.08 -1.10
N LEU A 60 4.70 6.15 -0.23
CA LEU A 60 5.41 4.90 -0.19
C LEU A 60 4.90 3.93 -1.25
N SER A 61 3.63 3.99 -1.50
CA SER A 61 3.00 3.06 -2.42
C SER A 61 3.14 3.51 -3.88
N ASP A 62 2.74 4.73 -4.21
CA ASP A 62 2.75 5.21 -5.60
C ASP A 62 4.14 5.55 -6.07
N GLN A 63 4.76 4.55 -6.55
CA GLN A 63 6.11 4.61 -7.04
C GLN A 63 6.22 5.26 -8.38
N ASP A 64 5.28 4.99 -9.24
CA ASP A 64 5.37 5.51 -10.62
C ASP A 64 4.86 6.93 -10.75
N ASN A 65 4.71 7.58 -9.60
CA ASN A 65 4.34 9.01 -9.45
C ASN A 65 3.12 9.43 -10.23
N ASP A 66 2.21 8.55 -10.32
CA ASP A 66 0.96 8.85 -11.01
C ASP A 66 -0.15 8.95 -9.99
N THR A 67 -1.16 9.67 -10.37
CA THR A 67 -2.29 10.01 -9.54
C THR A 67 -3.08 8.80 -9.00
N MET A 68 -2.86 7.64 -9.57
CA MET A 68 -3.58 6.45 -9.22
C MET A 68 -2.74 5.35 -8.54
N LEU A 69 -3.37 4.64 -7.61
CA LEU A 69 -2.69 3.56 -6.97
C LEU A 69 -2.93 2.31 -7.75
N SER A 70 -1.88 1.74 -8.16
CA SER A 70 -1.92 0.59 -8.98
C SER A 70 -2.02 -0.66 -8.06
N LEU A 71 -2.28 -1.85 -8.63
CA LEU A 71 -2.47 -3.08 -7.83
C LEU A 71 -1.34 -3.34 -6.83
N ARG A 72 -0.11 -3.30 -7.32
CA ARG A 72 1.07 -3.49 -6.47
C ARG A 72 1.09 -2.49 -5.35
N GLU A 73 0.97 -1.23 -5.72
CA GLU A 73 0.98 -0.11 -4.80
C GLU A 73 -0.11 -0.25 -3.74
N PHE A 74 -1.29 -0.65 -4.18
CA PHE A 74 -2.44 -0.86 -3.31
C PHE A 74 -2.15 -1.92 -2.24
N CYS A 75 -1.52 -3.00 -2.66
CA CYS A 75 -1.15 -4.07 -1.75
C CYS A 75 -0.16 -3.52 -0.72
N ILE A 76 0.72 -2.66 -1.20
CA ILE A 76 1.70 -2.00 -0.38
C ILE A 76 1.02 -1.07 0.62
N SER A 77 0.02 -0.34 0.13
CA SER A 77 -0.71 0.62 0.93
C SER A 77 -1.33 -0.06 2.12
N LEU A 78 -2.07 -1.11 1.85
CA LEU A 78 -2.74 -1.85 2.89
C LEU A 78 -1.76 -2.51 3.82
N TYR A 79 -0.63 -2.95 3.29
CA TYR A 79 0.43 -3.53 4.11
C TYR A 79 0.89 -2.50 5.13
N LEU A 80 1.21 -1.32 4.65
CA LEU A 80 1.67 -0.22 5.48
C LEU A 80 0.61 0.15 6.49
N MET A 81 -0.63 0.20 6.04
CA MET A 81 -1.75 0.53 6.88
C MET A 81 -1.95 -0.49 7.99
N GLU A 82 -1.90 -1.79 7.66
CA GLU A 82 -2.03 -2.83 8.68
C GLU A 82 -0.90 -2.71 9.68
N ARG A 83 0.33 -2.52 9.17
CA ARG A 83 1.52 -2.39 10.03
C ARG A 83 1.41 -1.16 10.93
N TYR A 84 0.89 -0.07 10.36
CA TYR A 84 0.67 1.17 11.08
C TYR A 84 -0.26 0.93 12.27
N ARG A 85 -1.34 0.23 12.03
CA ARG A 85 -2.34 -0.08 13.07
C ARG A 85 -1.77 -1.04 14.11
N GLU A 86 -0.79 -1.81 13.69
CA GLU A 86 -0.06 -2.71 14.59
C GLU A 86 0.90 -1.92 15.49
N GLY A 87 1.14 -0.68 15.12
CA GLY A 87 2.00 0.18 15.90
C GLY A 87 3.38 0.36 15.29
N ARG A 88 3.61 -0.25 14.15
CA ARG A 88 4.89 -0.13 13.50
C ARG A 88 4.89 1.13 12.63
N PRO A 89 5.88 2.02 12.84
CA PRO A 89 5.99 3.30 12.10
C PRO A 89 6.18 3.12 10.59
N LEU A 90 5.65 4.05 9.83
CA LEU A 90 5.74 4.02 8.39
C LEU A 90 7.12 4.50 7.95
N PRO A 91 7.75 3.74 7.03
CA PRO A 91 9.09 4.03 6.50
C PRO A 91 9.16 5.38 5.85
N THR A 92 10.34 5.92 5.85
CA THR A 92 10.62 7.15 5.19
C THR A 92 10.83 6.84 3.71
N ALA A 93 11.02 5.57 3.45
CA ALA A 93 11.21 5.07 2.12
C ALA A 93 10.82 3.61 2.13
N LEU A 94 9.86 3.25 1.29
CA LEU A 94 9.40 1.90 1.19
C LEU A 94 10.56 0.99 0.83
N PRO A 95 10.85 0.02 1.70
CA PRO A 95 11.93 -0.95 1.55
C PRO A 95 11.90 -1.65 0.20
N SER A 96 13.05 -1.70 -0.42
CA SER A 96 13.24 -2.27 -1.71
C SER A 96 12.90 -3.77 -1.69
N SER A 97 13.15 -4.42 -0.54
CA SER A 97 12.87 -5.82 -0.35
C SER A 97 11.35 -6.09 -0.34
N ILE A 98 10.56 -5.05 -0.14
CA ILE A 98 9.12 -5.19 -0.15
C ILE A 98 8.59 -5.12 -1.57
N MET A 99 9.06 -4.14 -2.28
CA MET A 99 8.59 -3.92 -3.65
C MET A 99 9.17 -4.90 -4.65
N PHE A 100 10.44 -5.25 -4.50
CA PHE A 100 11.09 -6.14 -5.43
C PHE A 100 10.96 -7.56 -5.00
N ASP A 101 9.97 -7.80 -4.20
CA ASP A 101 9.68 -9.12 -3.72
C ASP A 101 8.85 -9.83 -4.74
N GLU A 102 9.12 -11.10 -4.85
CA GLU A 102 8.51 -12.01 -5.78
C GLU A 102 6.98 -12.00 -5.75
N THR A 103 6.41 -11.67 -4.62
CA THR A 103 4.97 -11.64 -4.50
C THR A 103 4.38 -10.48 -5.29
N LEU A 104 5.13 -9.41 -5.42
CA LEU A 104 4.68 -8.27 -6.17
C LEU A 104 5.14 -8.33 -7.60
N LEU A 105 5.99 -9.29 -7.89
CA LEU A 105 6.47 -9.49 -9.18
C LEU A 105 5.54 -10.44 -9.94
N SER A 106 5.06 -11.44 -9.23
CA SER A 106 4.17 -12.43 -9.79
C SER A 106 2.73 -11.86 -9.81
CA CA B . 0.70 4.34 -9.44
N GLY A 3 17.56 9.77 0.65
CA GLY A 3 18.66 8.86 0.97
C GLY A 3 18.50 8.30 2.35
N ASN A 4 18.25 7.01 2.44
CA ASN A 4 18.03 6.36 3.72
C ASN A 4 18.15 4.86 3.57
N ASN A 5 18.62 4.22 4.60
CA ASN A 5 18.68 2.78 4.64
C ASN A 5 18.22 2.35 6.00
N GLN A 6 17.33 1.42 6.04
CA GLN A 6 16.73 0.96 7.24
C GLN A 6 16.46 -0.53 7.10
N PRO A 7 16.34 -1.26 8.25
CA PRO A 7 16.19 -2.71 8.27
C PRO A 7 14.99 -3.19 7.45
N PRO A 8 15.20 -4.27 6.69
CA PRO A 8 14.20 -4.78 5.76
C PRO A 8 13.10 -5.52 6.44
N TRP A 9 11.97 -5.35 5.86
CA TRP A 9 10.75 -5.89 6.31
C TRP A 9 10.51 -7.20 5.56
N PRO A 10 9.71 -8.10 6.13
CA PRO A 10 9.40 -9.36 5.49
C PRO A 10 8.59 -9.15 4.25
N LYS A 11 9.10 -9.70 3.16
CA LYS A 11 8.46 -9.62 1.88
C LYS A 11 7.09 -10.22 1.93
N MET A 12 6.18 -9.53 1.30
CA MET A 12 4.76 -9.82 1.36
C MET A 12 4.47 -11.21 0.82
N LYS A 13 3.75 -11.99 1.61
CA LYS A 13 3.42 -13.38 1.28
C LYS A 13 2.46 -13.39 0.11
N PRO A 14 2.51 -14.36 -0.80
CA PRO A 14 1.53 -14.44 -1.89
C PRO A 14 0.08 -14.39 -1.36
N SER A 15 -0.21 -15.22 -0.37
CA SER A 15 -1.53 -15.26 0.24
C SER A 15 -1.84 -13.95 0.99
N ASP A 16 -0.80 -13.29 1.51
CA ASP A 16 -0.95 -12.01 2.18
C ASP A 16 -1.34 -10.95 1.17
N VAL A 17 -0.71 -11.01 -0.01
CA VAL A 17 -0.99 -10.09 -1.12
C VAL A 17 -2.42 -10.30 -1.56
N GLN A 18 -2.83 -11.55 -1.62
CA GLN A 18 -4.17 -11.91 -2.03
C GLN A 18 -5.22 -11.39 -1.04
N LYS A 19 -4.84 -11.30 0.23
CA LYS A 19 -5.73 -10.77 1.24
C LYS A 19 -5.98 -9.27 0.97
N TYR A 20 -4.99 -8.61 0.41
CA TYR A 20 -5.12 -7.25 -0.03
C TYR A 20 -5.85 -7.19 -1.38
N THR A 21 -5.51 -8.12 -2.24
CA THR A 21 -6.06 -8.23 -3.60
C THR A 21 -7.61 -8.35 -3.60
N LYS A 22 -8.16 -9.04 -2.63
CA LYS A 22 -9.62 -9.20 -2.51
C LYS A 22 -10.29 -7.87 -2.35
N VAL A 23 -9.65 -7.05 -1.62
CA VAL A 23 -10.08 -5.72 -1.31
C VAL A 23 -9.96 -4.84 -2.55
N PHE A 24 -8.96 -5.16 -3.37
CA PHE A 24 -8.65 -4.36 -4.56
C PHE A 24 -9.80 -4.48 -5.54
N MET A 25 -10.40 -5.64 -5.57
CA MET A 25 -11.52 -5.95 -6.44
C MET A 25 -12.69 -5.04 -6.10
N GLU A 26 -12.79 -4.75 -4.83
CA GLU A 26 -13.87 -3.94 -4.29
C GLU A 26 -13.62 -2.45 -4.52
N VAL A 27 -12.36 -2.08 -4.61
CA VAL A 27 -11.99 -0.68 -4.80
C VAL A 27 -11.83 -0.36 -6.31
N ASP A 28 -11.53 -1.40 -7.11
CA ASP A 28 -11.38 -1.28 -8.58
C ASP A 28 -12.72 -1.05 -9.25
N SER A 29 -13.28 0.08 -8.98
CA SER A 29 -14.47 0.53 -9.56
C SER A 29 -14.20 1.14 -10.93
N ASP A 30 -12.98 1.62 -11.13
CA ASP A 30 -12.63 2.34 -12.35
C ASP A 30 -12.22 1.41 -13.44
N LYS A 31 -12.07 0.13 -13.07
CA LYS A 31 -11.67 -0.95 -13.93
C LYS A 31 -10.61 -0.69 -14.94
N ASP A 32 -9.62 0.00 -14.50
CA ASP A 32 -8.47 0.30 -15.31
C ASP A 32 -7.39 -0.73 -14.97
N GLY A 33 -7.60 -1.37 -13.84
CA GLY A 33 -6.65 -2.30 -13.31
C GLY A 33 -5.92 -1.65 -12.19
N LYS A 34 -6.24 -0.39 -12.01
CA LYS A 34 -5.70 0.41 -10.97
C LYS A 34 -6.86 1.15 -10.37
N ILE A 35 -6.64 1.71 -9.25
CA ILE A 35 -7.61 2.51 -8.59
C ILE A 35 -7.11 3.92 -8.56
N THR A 36 -8.01 4.84 -8.54
CA THR A 36 -7.64 6.21 -8.56
C THR A 36 -7.29 6.68 -7.16
N GLY A 37 -6.66 7.80 -7.05
CA GLY A 37 -6.32 8.36 -5.74
C GLY A 37 -7.54 8.50 -4.85
N GLU A 38 -8.64 8.92 -5.46
CA GLU A 38 -9.89 9.10 -4.76
C GLU A 38 -10.38 7.79 -4.13
N GLN A 39 -10.37 6.72 -4.91
CA GLN A 39 -10.81 5.40 -4.46
C GLN A 39 -9.95 4.95 -3.29
N ALA A 40 -8.65 5.16 -3.44
CA ALA A 40 -7.67 4.77 -2.45
C ALA A 40 -7.90 5.51 -1.13
N ARG A 41 -8.05 6.82 -1.20
CA ARG A 41 -8.22 7.60 0.01
C ARG A 41 -9.52 7.28 0.71
N ASN A 42 -10.58 7.04 -0.05
CA ASN A 42 -11.88 6.62 0.53
C ASN A 42 -11.72 5.37 1.37
N LEU A 43 -10.92 4.46 0.87
CA LEU A 43 -10.61 3.22 1.55
C LEU A 43 -9.87 3.49 2.86
N PHE A 44 -8.80 4.25 2.78
CA PHE A 44 -7.92 4.50 3.93
C PHE A 44 -8.66 5.32 4.99
N LEU A 45 -9.52 6.23 4.52
CA LEU A 45 -10.35 7.07 5.40
C LEU A 45 -11.32 6.22 6.21
N SER A 46 -11.71 5.09 5.66
CA SER A 46 -12.58 4.20 6.34
C SER A 46 -11.84 3.50 7.50
N TRP A 47 -10.52 3.59 7.49
CA TRP A 47 -9.70 3.04 8.55
C TRP A 47 -9.31 4.15 9.51
N ARG A 48 -9.94 5.33 9.31
CA ARG A 48 -9.74 6.53 10.11
C ARG A 48 -8.29 7.00 10.12
N LEU A 49 -7.67 6.96 8.96
CA LEU A 49 -6.32 7.40 8.85
C LEU A 49 -6.26 8.90 8.68
N PRO A 50 -5.28 9.53 9.33
CA PRO A 50 -5.06 10.96 9.25
C PRO A 50 -4.57 11.30 7.88
N ARG A 51 -4.74 12.56 7.55
CA ARG A 51 -4.42 13.10 6.24
C ARG A 51 -2.91 13.07 6.06
N GLU A 52 -2.22 13.20 7.18
CA GLU A 52 -0.78 13.10 7.23
C GLU A 52 -0.32 11.66 6.98
N VAL A 53 -1.13 10.67 7.35
CA VAL A 53 -0.73 9.30 7.20
C VAL A 53 -1.06 8.90 5.81
N LEU A 54 -2.17 9.40 5.38
CA LEU A 54 -2.68 9.25 4.08
C LEU A 54 -1.65 9.64 3.02
N LYS A 55 -1.09 10.85 3.13
CA LYS A 55 -0.07 11.29 2.20
C LYS A 55 1.17 10.41 2.31
N HIS A 56 1.51 10.04 3.54
CA HIS A 56 2.73 9.29 3.80
C HIS A 56 2.61 7.88 3.22
N VAL A 57 1.47 7.24 3.40
CA VAL A 57 1.23 5.91 2.84
C VAL A 57 1.32 5.98 1.32
N TRP A 58 0.79 7.05 0.77
CA TRP A 58 0.81 7.28 -0.66
C TRP A 58 2.25 7.38 -1.16
N GLU A 59 3.08 8.06 -0.40
CA GLU A 59 4.50 8.22 -0.70
C GLU A 59 5.22 6.87 -0.76
N LEU A 60 4.85 5.99 0.12
CA LEU A 60 5.47 4.67 0.21
C LEU A 60 4.91 3.72 -0.83
N SER A 61 3.66 3.90 -1.13
CA SER A 61 2.98 3.03 -2.07
C SER A 61 3.18 3.47 -3.52
N ASP A 62 2.87 4.72 -3.80
CA ASP A 62 2.91 5.21 -5.14
C ASP A 62 4.26 5.74 -5.54
N GLN A 63 5.01 4.84 -6.01
CA GLN A 63 6.38 5.05 -6.45
C GLN A 63 6.46 5.81 -7.73
N ASP A 64 5.40 5.75 -8.48
CA ASP A 64 5.38 6.38 -9.81
C ASP A 64 5.14 7.88 -9.71
N ASN A 65 5.01 8.39 -8.44
CA ASN A 65 4.63 9.79 -8.11
C ASN A 65 3.49 10.28 -8.99
N ASP A 66 2.59 9.35 -9.11
CA ASP A 66 1.44 9.24 -9.96
C ASP A 66 0.15 9.44 -9.12
N THR A 67 -0.96 9.44 -9.79
CA THR A 67 -2.25 9.67 -9.21
C THR A 67 -2.98 8.37 -8.90
N MET A 68 -2.53 7.28 -9.48
CA MET A 68 -3.25 6.02 -9.34
C MET A 68 -2.48 4.90 -8.66
N LEU A 69 -3.20 4.07 -7.91
CA LEU A 69 -2.56 2.95 -7.25
C LEU A 69 -2.91 1.66 -7.95
N SER A 70 -1.91 0.89 -8.28
CA SER A 70 -2.15 -0.40 -8.90
C SER A 70 -2.15 -1.47 -7.82
N LEU A 71 -2.39 -2.72 -8.19
CA LEU A 71 -2.49 -3.84 -7.24
C LEU A 71 -1.26 -3.93 -6.36
N ARG A 72 -0.09 -3.86 -6.98
CA ARG A 72 1.18 -3.93 -6.29
C ARG A 72 1.27 -2.87 -5.18
N GLU A 73 0.83 -1.67 -5.52
CA GLU A 73 0.93 -0.52 -4.66
C GLU A 73 -0.14 -0.59 -3.58
N PHE A 74 -1.31 -0.99 -3.99
CA PHE A 74 -2.47 -1.15 -3.12
C PHE A 74 -2.17 -2.10 -1.96
N CYS A 75 -1.55 -3.22 -2.29
CA CYS A 75 -1.17 -4.21 -1.30
C CYS A 75 -0.16 -3.61 -0.32
N ILE A 76 0.74 -2.80 -0.86
CA ILE A 76 1.74 -2.08 -0.07
C ILE A 76 1.06 -1.13 0.90
N SER A 77 0.09 -0.39 0.40
CA SER A 77 -0.62 0.60 1.17
C SER A 77 -1.24 -0.04 2.39
N LEU A 78 -1.99 -1.09 2.16
CA LEU A 78 -2.68 -1.78 3.21
C LEU A 78 -1.72 -2.46 4.16
N TYR A 79 -0.66 -3.01 3.61
CA TYR A 79 0.41 -3.66 4.38
C TYR A 79 0.94 -2.69 5.42
N LEU A 80 1.20 -1.48 4.99
CA LEU A 80 1.71 -0.43 5.85
C LEU A 80 0.63 0.08 6.79
N MET A 81 -0.58 0.24 6.27
CA MET A 81 -1.72 0.72 7.03
C MET A 81 -2.03 -0.17 8.21
N GLU A 82 -1.95 -1.48 8.02
CA GLU A 82 -2.19 -2.42 9.09
C GLU A 82 -1.11 -2.27 10.16
N ARG A 83 0.14 -2.07 9.72
CA ARG A 83 1.28 -1.88 10.66
C ARG A 83 1.04 -0.62 11.48
N TYR A 84 0.60 0.43 10.79
CA TYR A 84 0.31 1.70 11.41
C TYR A 84 -0.75 1.56 12.49
N ARG A 85 -1.81 0.82 12.18
CA ARG A 85 -2.89 0.56 13.13
C ARG A 85 -2.39 -0.23 14.32
N GLU A 86 -1.40 -1.06 14.08
CA GLU A 86 -0.77 -1.84 15.13
C GLU A 86 0.13 -0.96 16.00
N GLY A 87 0.43 0.23 15.52
CA GLY A 87 1.24 1.15 16.26
C GLY A 87 2.66 1.24 15.75
N ARG A 88 2.93 0.64 14.61
CA ARG A 88 4.25 0.65 14.05
C ARG A 88 4.39 1.83 13.06
N PRO A 89 5.42 2.68 13.27
CA PRO A 89 5.69 3.83 12.41
C PRO A 89 6.00 3.44 10.95
N LEU A 90 5.66 4.33 10.04
CA LEU A 90 5.80 4.10 8.63
C LEU A 90 7.14 4.60 8.15
N PRO A 91 7.88 3.74 7.39
CA PRO A 91 9.18 4.08 6.75
C PRO A 91 9.10 5.38 6.02
N THR A 92 10.19 6.06 5.93
CA THR A 92 10.22 7.28 5.18
C THR A 92 10.37 6.93 3.68
N ALA A 93 10.71 5.68 3.42
CA ALA A 93 10.85 5.17 2.07
C ALA A 93 10.64 3.69 2.12
N LEU A 94 9.82 3.17 1.22
CA LEU A 94 9.49 1.79 1.20
C LEU A 94 10.71 0.94 0.84
N PRO A 95 11.02 -0.02 1.71
CA PRO A 95 12.09 -0.98 1.50
C PRO A 95 11.84 -1.82 0.24
N SER A 96 12.87 -1.92 -0.58
CA SER A 96 12.83 -2.65 -1.83
C SER A 96 12.44 -4.12 -1.62
N SER A 97 12.80 -4.66 -0.46
CA SER A 97 12.50 -6.02 -0.05
C SER A 97 10.98 -6.29 -0.05
N ILE A 98 10.20 -5.23 0.13
CA ILE A 98 8.76 -5.33 0.19
C ILE A 98 8.16 -5.34 -1.21
N MET A 99 8.61 -4.42 -2.01
CA MET A 99 8.03 -4.22 -3.35
C MET A 99 8.54 -5.19 -4.40
N PHE A 100 9.75 -5.69 -4.26
CA PHE A 100 10.33 -6.53 -5.29
C PHE A 100 10.01 -8.00 -5.15
N ASP A 101 8.96 -8.31 -4.45
CA ASP A 101 8.50 -9.66 -4.36
C ASP A 101 7.69 -9.96 -5.61
N GLU A 102 7.78 -11.21 -6.04
CA GLU A 102 7.20 -11.69 -7.30
C GLU A 102 5.72 -11.40 -7.45
N THR A 103 5.06 -11.27 -6.34
CA THR A 103 3.65 -11.03 -6.30
C THR A 103 3.29 -9.62 -6.76
N LEU A 104 4.18 -8.67 -6.50
CA LEU A 104 3.90 -7.29 -6.81
C LEU A 104 4.44 -6.93 -8.19
N LEU A 105 5.41 -7.70 -8.65
CA LEU A 105 6.01 -7.52 -9.92
C LEU A 105 4.99 -7.74 -11.02
N SER A 106 4.07 -8.63 -10.77
CA SER A 106 3.01 -8.91 -11.68
C SER A 106 1.90 -7.85 -11.50
CA CA B . 0.99 4.08 -9.30
N GLY A 3 26.04 5.45 2.25
CA GLY A 3 24.67 5.83 2.58
C GLY A 3 24.24 5.18 3.86
N ASN A 4 22.99 5.36 4.23
CA ASN A 4 22.47 4.80 5.45
C ASN A 4 21.60 3.60 5.17
N ASN A 5 21.49 2.76 6.13
CA ASN A 5 20.81 1.51 5.95
C ASN A 5 19.51 1.48 6.71
N GLN A 6 18.46 1.16 6.00
CA GLN A 6 17.19 0.92 6.63
C GLN A 6 17.04 -0.60 6.76
N PRO A 7 16.57 -1.07 7.90
CA PRO A 7 16.39 -2.48 8.13
C PRO A 7 15.18 -2.99 7.36
N PRO A 8 15.34 -4.12 6.65
CA PRO A 8 14.30 -4.65 5.81
C PRO A 8 13.22 -5.32 6.59
N TRP A 9 12.07 -5.23 6.07
CA TRP A 9 10.89 -5.65 6.72
C TRP A 9 10.49 -7.03 6.25
N PRO A 10 9.78 -7.78 7.10
CA PRO A 10 9.22 -9.06 6.71
C PRO A 10 8.32 -8.84 5.53
N LYS A 11 8.65 -9.50 4.47
CA LYS A 11 8.01 -9.26 3.20
C LYS A 11 6.54 -9.63 3.19
N MET A 12 5.86 -9.09 2.21
CA MET A 12 4.43 -9.21 2.09
C MET A 12 4.05 -10.64 1.77
N LYS A 13 3.21 -11.22 2.60
CA LYS A 13 2.82 -12.62 2.48
C LYS A 13 2.00 -12.81 1.23
N PRO A 14 2.22 -13.88 0.45
CA PRO A 14 1.39 -14.17 -0.72
C PRO A 14 -0.10 -14.16 -0.37
N SER A 15 -0.47 -14.87 0.69
CA SER A 15 -1.86 -14.91 1.11
C SER A 15 -2.34 -13.55 1.64
N ASP A 16 -1.42 -12.77 2.23
CA ASP A 16 -1.79 -11.43 2.72
C ASP A 16 -2.04 -10.49 1.52
N VAL A 17 -1.31 -10.74 0.43
CA VAL A 17 -1.50 -10.00 -0.84
C VAL A 17 -2.84 -10.39 -1.45
N GLN A 18 -3.17 -11.67 -1.38
CA GLN A 18 -4.45 -12.20 -1.89
C GLN A 18 -5.63 -11.59 -1.15
N LYS A 19 -5.40 -11.32 0.11
CA LYS A 19 -6.30 -10.67 0.98
C LYS A 19 -6.48 -9.21 0.53
N TYR A 20 -5.40 -8.57 0.12
CA TYR A 20 -5.45 -7.19 -0.38
C TYR A 20 -6.15 -7.16 -1.73
N THR A 21 -5.87 -8.18 -2.53
CA THR A 21 -6.41 -8.30 -3.88
C THR A 21 -7.96 -8.30 -3.89
N LYS A 22 -8.57 -8.92 -2.90
CA LYS A 22 -10.02 -9.02 -2.83
C LYS A 22 -10.63 -7.65 -2.63
N VAL A 23 -9.95 -6.89 -1.82
CA VAL A 23 -10.30 -5.54 -1.48
C VAL A 23 -10.14 -4.64 -2.68
N PHE A 24 -9.17 -4.99 -3.52
CA PHE A 24 -8.85 -4.18 -4.67
C PHE A 24 -9.98 -4.21 -5.66
N MET A 25 -10.60 -5.36 -5.76
CA MET A 25 -11.74 -5.58 -6.65
C MET A 25 -12.92 -4.74 -6.23
N GLU A 26 -12.95 -4.43 -4.96
CA GLU A 26 -14.00 -3.60 -4.40
C GLU A 26 -13.73 -2.12 -4.69
N VAL A 27 -12.47 -1.74 -4.64
CA VAL A 27 -12.08 -0.35 -4.78
C VAL A 27 -11.90 0.04 -6.25
N ASP A 28 -11.45 -0.91 -7.07
CA ASP A 28 -11.25 -0.66 -8.52
C ASP A 28 -12.57 -0.70 -9.25
N SER A 29 -13.34 0.32 -9.02
CA SER A 29 -14.56 0.48 -9.65
C SER A 29 -14.36 1.05 -11.06
N ASP A 30 -13.16 1.56 -11.30
CA ASP A 30 -12.81 2.14 -12.58
C ASP A 30 -12.42 1.06 -13.56
N LYS A 31 -12.24 -0.14 -12.99
CA LYS A 31 -11.88 -1.37 -13.68
C LYS A 31 -10.71 -1.19 -14.59
N ASP A 32 -9.73 -0.50 -14.10
CA ASP A 32 -8.57 -0.19 -14.88
C ASP A 32 -7.42 -1.10 -14.52
N GLY A 33 -7.49 -1.65 -13.33
CA GLY A 33 -6.44 -2.48 -12.83
C GLY A 33 -5.66 -1.71 -11.81
N LYS A 34 -6.07 -0.48 -11.64
CA LYS A 34 -5.53 0.44 -10.70
C LYS A 34 -6.67 1.20 -10.16
N ILE A 35 -6.49 1.79 -9.05
CA ILE A 35 -7.48 2.60 -8.44
C ILE A 35 -7.03 4.02 -8.52
N THR A 36 -7.95 4.91 -8.57
CA THR A 36 -7.62 6.30 -8.67
C THR A 36 -7.29 6.83 -7.29
N GLY A 37 -6.69 8.00 -7.22
CA GLY A 37 -6.32 8.58 -5.95
C GLY A 37 -7.48 8.67 -4.98
N GLU A 38 -8.62 9.06 -5.50
CA GLU A 38 -9.81 9.25 -4.69
C GLU A 38 -10.31 7.91 -4.17
N GLN A 39 -10.26 6.87 -5.00
CA GLN A 39 -10.68 5.52 -4.61
C GLN A 39 -9.86 5.06 -3.42
N ALA A 40 -8.56 5.27 -3.52
CA ALA A 40 -7.62 4.87 -2.51
C ALA A 40 -7.87 5.62 -1.21
N ARG A 41 -8.01 6.93 -1.30
CA ARG A 41 -8.25 7.74 -0.12
C ARG A 41 -9.52 7.34 0.60
N ASN A 42 -10.59 7.12 -0.15
CA ASN A 42 -11.88 6.70 0.46
C ASN A 42 -11.74 5.37 1.19
N LEU A 43 -10.94 4.47 0.64
CA LEU A 43 -10.65 3.19 1.26
C LEU A 43 -9.97 3.38 2.61
N PHE A 44 -8.90 4.14 2.60
CA PHE A 44 -8.07 4.33 3.78
C PHE A 44 -8.85 5.14 4.83
N LEU A 45 -9.72 6.01 4.35
CA LEU A 45 -10.60 6.81 5.22
C LEU A 45 -11.56 5.93 5.98
N SER A 46 -11.93 4.80 5.38
CA SER A 46 -12.82 3.85 6.00
C SER A 46 -12.08 3.15 7.15
N TRP A 47 -10.75 3.15 7.05
CA TRP A 47 -9.88 2.60 8.05
C TRP A 47 -9.58 3.61 9.14
N ARG A 48 -10.24 4.79 9.05
CA ARG A 48 -10.08 5.89 10.00
C ARG A 48 -8.67 6.46 10.00
N LEU A 49 -8.01 6.40 8.86
CA LEU A 49 -6.65 6.88 8.76
C LEU A 49 -6.61 8.37 8.52
N PRO A 50 -5.67 9.05 9.20
CA PRO A 50 -5.47 10.49 9.13
C PRO A 50 -4.90 10.88 7.81
N ARG A 51 -5.15 12.11 7.46
CA ARG A 51 -4.70 12.71 6.21
C ARG A 51 -3.18 12.73 6.15
N GLU A 52 -2.57 12.84 7.31
CA GLU A 52 -1.12 12.78 7.45
C GLU A 52 -0.61 11.36 7.16
N VAL A 53 -1.41 10.34 7.46
CA VAL A 53 -0.97 8.97 7.27
C VAL A 53 -1.24 8.64 5.86
N LEU A 54 -2.34 9.14 5.41
CA LEU A 54 -2.82 9.05 4.08
C LEU A 54 -1.79 9.54 3.07
N LYS A 55 -1.22 10.71 3.31
CA LYS A 55 -0.21 11.23 2.43
C LYS A 55 1.06 10.40 2.55
N HIS A 56 1.38 9.98 3.77
CA HIS A 56 2.60 9.25 4.04
C HIS A 56 2.57 7.86 3.39
N VAL A 57 1.45 7.16 3.54
CA VAL A 57 1.27 5.84 2.94
C VAL A 57 1.39 5.94 1.43
N TRP A 58 0.76 6.95 0.85
CA TRP A 58 0.78 7.17 -0.59
C TRP A 58 2.22 7.36 -1.07
N GLU A 59 2.95 8.17 -0.34
CA GLU A 59 4.34 8.45 -0.62
C GLU A 59 5.20 7.19 -0.62
N LEU A 60 4.83 6.24 0.19
CA LEU A 60 5.54 4.99 0.26
C LEU A 60 5.08 4.02 -0.83
N SER A 61 3.81 3.99 -1.11
CA SER A 61 3.30 3.05 -2.07
C SER A 61 3.42 3.56 -3.52
N ASP A 62 2.93 4.75 -3.78
CA ASP A 62 3.04 5.28 -5.12
C ASP A 62 4.33 6.03 -5.26
N GLN A 63 5.32 5.26 -5.51
CA GLN A 63 6.72 5.68 -5.75
C GLN A 63 6.82 6.24 -7.14
N ASP A 64 5.86 5.86 -7.87
CA ASP A 64 5.69 6.07 -9.30
C ASP A 64 5.20 7.52 -9.58
N ASN A 65 5.15 8.35 -8.48
CA ASN A 65 4.80 9.83 -8.47
C ASN A 65 3.57 10.15 -9.25
N ASP A 66 2.74 9.22 -9.26
CA ASP A 66 1.57 9.14 -10.05
C ASP A 66 0.30 9.34 -9.18
N THR A 67 -0.82 9.39 -9.81
CA THR A 67 -2.07 9.67 -9.15
C THR A 67 -2.85 8.41 -8.85
N MET A 68 -2.48 7.32 -9.46
CA MET A 68 -3.23 6.08 -9.30
C MET A 68 -2.42 5.00 -8.64
N LEU A 69 -3.07 4.20 -7.81
CA LEU A 69 -2.40 3.08 -7.20
C LEU A 69 -2.79 1.83 -7.92
N SER A 70 -1.84 1.12 -8.42
CA SER A 70 -2.13 -0.12 -9.07
C SER A 70 -2.08 -1.24 -8.05
N LEU A 71 -2.50 -2.45 -8.41
CA LEU A 71 -2.57 -3.58 -7.48
C LEU A 71 -1.27 -3.76 -6.68
N ARG A 72 -0.15 -3.68 -7.38
CA ARG A 72 1.16 -3.81 -6.79
C ARG A 72 1.37 -2.73 -5.67
N GLU A 73 1.01 -1.49 -5.97
CA GLU A 73 1.21 -0.36 -5.10
C GLU A 73 0.15 -0.38 -3.98
N PHE A 74 -1.03 -0.86 -4.35
CA PHE A 74 -2.17 -1.00 -3.47
C PHE A 74 -1.85 -1.94 -2.33
N CYS A 75 -1.24 -3.06 -2.66
CA CYS A 75 -0.85 -4.04 -1.68
C CYS A 75 0.19 -3.44 -0.73
N ILE A 76 1.09 -2.64 -1.29
CA ILE A 76 2.09 -1.91 -0.49
C ILE A 76 1.39 -0.99 0.50
N SER A 77 0.34 -0.33 0.02
CA SER A 77 -0.39 0.64 0.81
C SER A 77 -1.01 -0.05 2.02
N LEU A 78 -1.73 -1.12 1.75
CA LEU A 78 -2.40 -1.86 2.78
C LEU A 78 -1.42 -2.50 3.74
N TYR A 79 -0.29 -2.97 3.21
CA TYR A 79 0.76 -3.54 4.03
C TYR A 79 1.22 -2.54 5.07
N LEU A 80 1.48 -1.32 4.62
CA LEU A 80 1.91 -0.22 5.47
C LEU A 80 0.85 0.09 6.50
N MET A 81 -0.38 0.10 6.06
CA MET A 81 -1.52 0.39 6.90
C MET A 81 -1.70 -0.68 7.99
N GLU A 82 -1.52 -1.94 7.62
CA GLU A 82 -1.58 -3.06 8.58
C GLU A 82 -0.44 -2.97 9.57
N ARG A 83 0.71 -2.64 9.05
CA ARG A 83 1.89 -2.40 9.89
C ARG A 83 1.64 -1.23 10.85
N TYR A 84 1.06 -0.17 10.30
CA TYR A 84 0.68 1.02 11.05
C TYR A 84 -0.32 0.67 12.18
N ARG A 85 -1.23 -0.25 11.89
CA ARG A 85 -2.18 -0.80 12.88
C ARG A 85 -1.47 -1.33 14.12
N GLU A 86 -0.28 -1.88 13.94
CA GLU A 86 0.49 -2.43 15.05
C GLU A 86 1.08 -1.32 15.88
N GLY A 87 1.08 -0.13 15.32
CA GLY A 87 1.74 0.98 15.92
C GLY A 87 3.16 1.06 15.44
N ARG A 88 3.42 0.32 14.37
CA ARG A 88 4.73 0.24 13.79
C ARG A 88 4.93 1.44 12.87
N PRO A 89 5.96 2.25 13.14
CA PRO A 89 6.21 3.50 12.40
C PRO A 89 6.41 3.29 10.91
N LEU A 90 5.71 4.11 10.14
CA LEU A 90 5.79 4.07 8.71
C LEU A 90 7.14 4.60 8.25
N PRO A 91 7.82 3.84 7.38
CA PRO A 91 9.12 4.19 6.81
C PRO A 91 9.10 5.53 6.17
N THR A 92 10.21 6.20 6.22
CA THR A 92 10.34 7.46 5.57
C THR A 92 10.72 7.18 4.10
N ALA A 93 11.09 5.92 3.87
CA ALA A 93 11.46 5.43 2.56
C ALA A 93 11.11 3.97 2.50
N LEU A 94 10.38 3.57 1.49
CA LEU A 94 9.97 2.21 1.36
C LEU A 94 11.12 1.36 0.87
N PRO A 95 11.39 0.27 1.57
CA PRO A 95 12.39 -0.71 1.18
C PRO A 95 11.99 -1.35 -0.16
N SER A 96 12.87 -1.21 -1.13
CA SER A 96 12.66 -1.71 -2.49
C SER A 96 12.34 -3.22 -2.49
N SER A 97 12.90 -3.93 -1.53
CA SER A 97 12.73 -5.35 -1.37
C SER A 97 11.22 -5.73 -1.26
N ILE A 98 10.44 -4.80 -0.69
CA ILE A 98 9.01 -4.96 -0.48
C ILE A 98 8.25 -4.97 -1.80
N MET A 99 8.62 -4.08 -2.68
CA MET A 99 7.93 -3.95 -3.97
C MET A 99 8.45 -4.94 -5.00
N PHE A 100 9.66 -5.41 -4.81
CA PHE A 100 10.25 -6.40 -5.71
C PHE A 100 9.92 -7.81 -5.28
N ASP A 101 8.86 -7.94 -4.52
CA ASP A 101 8.42 -9.25 -4.10
C ASP A 101 7.54 -9.84 -5.17
N GLU A 102 7.72 -11.14 -5.37
CA GLU A 102 7.09 -11.94 -6.43
C GLU A 102 5.58 -11.78 -6.49
N THR A 103 4.98 -11.53 -5.36
CA THR A 103 3.55 -11.45 -5.23
C THR A 103 2.99 -10.21 -5.91
N LEU A 104 3.79 -9.16 -5.98
CA LEU A 104 3.33 -7.90 -6.53
C LEU A 104 3.68 -7.81 -8.00
N LEU A 105 4.66 -8.58 -8.38
CA LEU A 105 5.14 -8.64 -9.70
C LEU A 105 4.15 -9.38 -10.57
N SER A 106 3.77 -10.56 -10.14
CA SER A 106 2.86 -11.36 -10.90
C SER A 106 1.53 -11.49 -10.13
CA CA B . 1.00 4.33 -9.58
N GLY A 3 14.71 -1.01 19.58
CA GLY A 3 15.00 -2.18 20.39
C GLY A 3 14.83 -3.45 19.59
N ASN A 4 13.96 -4.29 20.04
CA ASN A 4 13.74 -5.58 19.42
C ASN A 4 12.63 -5.51 18.38
N ASN A 5 12.90 -4.76 17.35
CA ASN A 5 12.03 -4.63 16.19
C ASN A 5 12.90 -4.52 14.99
N GLN A 6 12.94 -5.59 14.21
CA GLN A 6 13.77 -5.68 13.02
C GLN A 6 13.59 -4.48 12.08
N PRO A 7 14.72 -3.79 11.82
CA PRO A 7 14.81 -2.66 10.88
C PRO A 7 14.33 -2.95 9.44
N PRO A 8 14.74 -4.05 8.81
CA PRO A 8 14.22 -4.48 7.52
C PRO A 8 12.87 -5.09 7.70
N TRP A 9 12.11 -5.05 6.67
CA TRP A 9 10.77 -5.46 6.74
C TRP A 9 10.59 -6.74 5.98
N PRO A 10 9.79 -7.67 6.53
CA PRO A 10 9.47 -8.92 5.86
C PRO A 10 8.70 -8.66 4.57
N LYS A 11 9.16 -9.31 3.52
CA LYS A 11 8.55 -9.19 2.20
C LYS A 11 7.08 -9.60 2.27
N MET A 12 6.31 -9.01 1.40
CA MET A 12 4.87 -9.13 1.41
C MET A 12 4.47 -10.55 1.02
N LYS A 13 3.78 -11.24 1.93
CA LYS A 13 3.36 -12.61 1.72
C LYS A 13 2.39 -12.67 0.58
N PRO A 14 2.51 -13.70 -0.26
CA PRO A 14 1.56 -13.95 -1.34
C PRO A 14 0.16 -14.14 -0.77
N SER A 15 0.10 -14.69 0.43
CA SER A 15 -1.15 -14.88 1.14
C SER A 15 -1.75 -13.53 1.55
N ASP A 16 -0.91 -12.61 2.07
CA ASP A 16 -1.41 -11.26 2.41
C ASP A 16 -1.81 -10.51 1.16
N VAL A 17 -1.03 -10.68 0.11
CA VAL A 17 -1.30 -10.03 -1.18
C VAL A 17 -2.64 -10.48 -1.71
N GLN A 18 -2.97 -11.74 -1.50
CA GLN A 18 -4.25 -12.27 -1.94
C GLN A 18 -5.42 -11.53 -1.32
N LYS A 19 -5.35 -11.27 -0.03
CA LYS A 19 -6.44 -10.58 0.66
C LYS A 19 -6.49 -9.13 0.18
N TYR A 20 -5.31 -8.57 -0.16
CA TYR A 20 -5.23 -7.22 -0.69
C TYR A 20 -5.86 -7.17 -2.08
N THR A 21 -5.65 -8.24 -2.82
CA THR A 21 -6.15 -8.37 -4.17
C THR A 21 -7.69 -8.37 -4.21
N LYS A 22 -8.33 -9.05 -3.25
CA LYS A 22 -9.79 -9.13 -3.24
C LYS A 22 -10.39 -7.76 -3.07
N VAL A 23 -9.80 -7.04 -2.17
CA VAL A 23 -10.18 -5.70 -1.82
C VAL A 23 -9.97 -4.77 -3.00
N PHE A 24 -8.96 -5.08 -3.80
CA PHE A 24 -8.60 -4.22 -4.91
C PHE A 24 -9.70 -4.23 -5.93
N MET A 25 -10.28 -5.38 -6.12
CA MET A 25 -11.36 -5.58 -7.08
C MET A 25 -12.59 -4.86 -6.60
N GLU A 26 -12.71 -4.76 -5.29
CA GLU A 26 -13.82 -4.09 -4.65
C GLU A 26 -13.68 -2.57 -4.79
N VAL A 27 -12.46 -2.09 -4.73
CA VAL A 27 -12.17 -0.66 -4.81
C VAL A 27 -12.08 -0.18 -6.27
N ASP A 28 -11.66 -1.07 -7.17
CA ASP A 28 -11.49 -0.75 -8.60
C ASP A 28 -12.85 -0.60 -9.31
N SER A 29 -13.56 0.44 -8.93
CA SER A 29 -14.78 0.82 -9.49
C SER A 29 -14.53 1.57 -10.79
N ASP A 30 -13.28 1.99 -10.96
CA ASP A 30 -12.86 2.70 -12.15
C ASP A 30 -12.56 1.71 -13.26
N LYS A 31 -12.54 0.44 -12.83
CA LYS A 31 -12.34 -0.73 -13.65
C LYS A 31 -11.22 -0.57 -14.62
N ASP A 32 -10.11 -0.15 -14.10
CA ASP A 32 -8.98 0.17 -14.93
C ASP A 32 -7.81 -0.71 -14.58
N GLY A 33 -7.94 -1.42 -13.48
CA GLY A 33 -6.85 -2.23 -13.01
C GLY A 33 -6.01 -1.42 -12.06
N LYS A 34 -6.46 -0.21 -11.85
CA LYS A 34 -5.95 0.70 -10.92
C LYS A 34 -7.02 1.58 -10.49
N ILE A 35 -6.89 2.00 -9.32
CA ILE A 35 -7.86 2.80 -8.67
C ILE A 35 -7.40 4.18 -8.65
N THR A 36 -8.32 5.07 -8.61
CA THR A 36 -8.01 6.45 -8.59
C THR A 36 -7.62 6.87 -7.18
N GLY A 37 -6.94 7.98 -7.05
CA GLY A 37 -6.54 8.46 -5.73
C GLY A 37 -7.74 8.62 -4.81
N GLU A 38 -8.82 9.03 -5.44
CA GLU A 38 -10.09 9.22 -4.79
C GLU A 38 -10.53 7.91 -4.09
N GLN A 39 -10.49 6.79 -4.84
CA GLN A 39 -10.93 5.48 -4.33
C GLN A 39 -10.02 5.03 -3.21
N ALA A 40 -8.74 5.27 -3.38
CA ALA A 40 -7.74 4.88 -2.42
C ALA A 40 -7.98 5.56 -1.10
N ARG A 41 -8.23 6.87 -1.13
CA ARG A 41 -8.49 7.59 0.10
C ARG A 41 -9.76 7.11 0.72
N ASN A 42 -10.76 6.84 -0.10
CA ASN A 42 -12.06 6.35 0.38
C ASN A 42 -11.89 5.10 1.21
N LEU A 43 -10.98 4.27 0.79
CA LEU A 43 -10.68 3.03 1.48
C LEU A 43 -10.00 3.32 2.82
N PHE A 44 -8.96 4.13 2.77
CA PHE A 44 -8.11 4.41 3.95
C PHE A 44 -8.90 5.23 4.97
N LEU A 45 -9.78 6.08 4.46
CA LEU A 45 -10.64 6.93 5.28
C LEU A 45 -11.56 6.11 6.13
N SER A 46 -11.92 4.94 5.64
CA SER A 46 -12.77 4.05 6.36
C SER A 46 -12.02 3.43 7.54
N TRP A 47 -10.68 3.51 7.49
CA TRP A 47 -9.84 3.00 8.55
C TRP A 47 -9.52 4.14 9.50
N ARG A 48 -10.08 5.31 9.16
CA ARG A 48 -10.03 6.54 9.95
C ARG A 48 -8.61 7.04 10.14
N LEU A 49 -7.83 6.97 9.09
CA LEU A 49 -6.46 7.42 9.12
C LEU A 49 -6.38 8.94 8.98
N PRO A 50 -5.35 9.54 9.60
CA PRO A 50 -5.07 10.97 9.50
C PRO A 50 -4.59 11.31 8.12
N ARG A 51 -4.70 12.57 7.80
CA ARG A 51 -4.28 13.12 6.51
C ARG A 51 -2.79 12.97 6.35
N GLU A 52 -2.08 13.07 7.47
CA GLU A 52 -0.65 12.88 7.47
C GLU A 52 -0.30 11.43 7.17
N VAL A 53 -1.15 10.50 7.57
CA VAL A 53 -0.81 9.10 7.40
C VAL A 53 -1.22 8.71 6.03
N LEU A 54 -2.35 9.23 5.65
CA LEU A 54 -2.91 9.09 4.35
C LEU A 54 -1.93 9.48 3.26
N LYS A 55 -1.33 10.65 3.39
CA LYS A 55 -0.38 11.11 2.43
C LYS A 55 0.90 10.29 2.52
N HIS A 56 1.30 9.96 3.74
CA HIS A 56 2.56 9.26 3.98
C HIS A 56 2.50 7.84 3.41
N VAL A 57 1.38 7.16 3.60
CA VAL A 57 1.18 5.83 3.04
C VAL A 57 1.29 5.90 1.53
N TRP A 58 0.67 6.92 0.96
CA TRP A 58 0.68 7.13 -0.47
C TRP A 58 2.12 7.31 -0.96
N GLU A 59 2.86 8.15 -0.25
CA GLU A 59 4.26 8.44 -0.54
C GLU A 59 5.12 7.18 -0.57
N LEU A 60 4.76 6.23 0.25
CA LEU A 60 5.48 4.98 0.31
C LEU A 60 5.02 4.01 -0.78
N SER A 61 3.71 3.89 -0.98
CA SER A 61 3.18 2.92 -1.91
C SER A 61 3.24 3.37 -3.36
N ASP A 62 2.89 4.61 -3.61
CA ASP A 62 2.86 5.14 -4.97
C ASP A 62 4.24 5.57 -5.38
N GLN A 63 4.94 4.63 -5.88
CA GLN A 63 6.32 4.79 -6.30
C GLN A 63 6.47 5.53 -7.57
N ASP A 64 5.56 5.31 -8.45
CA ASP A 64 5.67 5.87 -9.79
C ASP A 64 5.26 7.36 -9.83
N ASN A 65 4.96 7.92 -8.62
CA ASN A 65 4.59 9.33 -8.38
C ASN A 65 3.48 9.82 -9.25
N ASP A 66 2.59 8.94 -9.45
CA ASP A 66 1.40 9.14 -10.24
C ASP A 66 0.15 9.18 -9.33
N THR A 67 -0.99 9.47 -9.89
CA THR A 67 -2.23 9.68 -9.14
C THR A 67 -3.07 8.42 -8.86
N MET A 68 -2.80 7.34 -9.57
CA MET A 68 -3.61 6.12 -9.43
C MET A 68 -2.85 5.01 -8.75
N LEU A 69 -3.54 4.21 -7.94
CA LEU A 69 -2.84 3.11 -7.31
C LEU A 69 -3.11 1.84 -8.04
N SER A 70 -2.08 1.23 -8.52
CA SER A 70 -2.20 -0.01 -9.22
C SER A 70 -2.08 -1.15 -8.18
N LEU A 71 -2.38 -2.40 -8.56
CA LEU A 71 -2.42 -3.53 -7.59
C LEU A 71 -1.16 -3.64 -6.75
N ARG A 72 0.00 -3.64 -7.40
CA ARG A 72 1.27 -3.78 -6.71
C ARG A 72 1.48 -2.66 -5.69
N GLU A 73 1.02 -1.45 -6.02
CA GLU A 73 1.16 -0.29 -5.15
C GLU A 73 0.14 -0.38 -4.00
N PHE A 74 -1.08 -0.75 -4.38
CA PHE A 74 -2.23 -0.88 -3.49
C PHE A 74 -1.97 -1.88 -2.36
N CYS A 75 -1.35 -2.99 -2.70
CA CYS A 75 -1.02 -4.01 -1.71
C CYS A 75 -0.07 -3.42 -0.66
N ILE A 76 0.81 -2.54 -1.11
CA ILE A 76 1.75 -1.87 -0.25
C ILE A 76 1.02 -0.90 0.67
N SER A 77 0.04 -0.20 0.12
CA SER A 77 -0.76 0.75 0.86
C SER A 77 -1.44 0.07 2.05
N LEU A 78 -1.99 -1.09 1.79
CA LEU A 78 -2.66 -1.87 2.80
C LEU A 78 -1.69 -2.45 3.79
N TYR A 79 -0.56 -2.93 3.28
CA TYR A 79 0.53 -3.45 4.09
C TYR A 79 0.93 -2.40 5.13
N LEU A 80 1.17 -1.19 4.64
CA LEU A 80 1.55 -0.06 5.47
C LEU A 80 0.48 0.27 6.47
N MET A 81 -0.78 0.30 6.02
CA MET A 81 -1.89 0.59 6.92
C MET A 81 -1.97 -0.40 8.06
N GLU A 82 -1.86 -1.68 7.74
CA GLU A 82 -1.92 -2.71 8.77
C GLU A 82 -0.77 -2.57 9.75
N ARG A 83 0.44 -2.33 9.24
CA ARG A 83 1.63 -2.19 10.10
C ARG A 83 1.48 -0.95 11.00
N TYR A 84 0.98 0.14 10.42
CA TYR A 84 0.79 1.40 11.15
C TYR A 84 -0.13 1.20 12.35
N ARG A 85 -1.26 0.55 12.13
CA ARG A 85 -2.27 0.28 13.16
C ARG A 85 -1.72 -0.55 14.31
N GLU A 86 -0.72 -1.32 13.98
CA GLU A 86 -0.04 -2.16 14.96
C GLU A 86 0.90 -1.34 15.84
N GLY A 87 1.22 -0.15 15.42
CA GLY A 87 2.13 0.69 16.18
C GLY A 87 3.53 0.62 15.62
N ARG A 88 3.64 0.20 14.37
CA ARG A 88 4.90 0.09 13.71
C ARG A 88 5.06 1.32 12.82
N PRO A 89 6.10 2.13 13.07
CA PRO A 89 6.35 3.39 12.35
C PRO A 89 6.55 3.21 10.84
N LEU A 90 5.91 4.10 10.09
CA LEU A 90 5.96 4.08 8.64
C LEU A 90 7.31 4.61 8.16
N PRO A 91 7.93 3.87 7.23
CA PRO A 91 9.23 4.21 6.61
C PRO A 91 9.27 5.59 6.02
N THR A 92 10.46 6.12 5.91
CA THR A 92 10.70 7.36 5.26
C THR A 92 10.81 7.11 3.76
N ALA A 93 11.03 5.84 3.44
CA ALA A 93 11.14 5.36 2.08
C ALA A 93 10.82 3.89 2.10
N LEU A 94 10.03 3.45 1.16
CA LEU A 94 9.61 2.09 1.10
C LEU A 94 10.80 1.20 0.74
N PRO A 95 11.08 0.24 1.61
CA PRO A 95 12.12 -0.77 1.39
C PRO A 95 11.80 -1.59 0.14
N SER A 96 12.80 -1.75 -0.69
CA SER A 96 12.67 -2.43 -1.95
C SER A 96 12.29 -3.90 -1.75
N SER A 97 12.70 -4.46 -0.63
CA SER A 97 12.42 -5.84 -0.26
C SER A 97 10.90 -6.11 -0.19
N ILE A 98 10.14 -5.07 0.09
CA ILE A 98 8.71 -5.16 0.23
C ILE A 98 8.03 -5.27 -1.13
N MET A 99 8.55 -4.53 -2.07
CA MET A 99 7.97 -4.50 -3.43
C MET A 99 8.57 -5.58 -4.34
N PHE A 100 9.78 -5.99 -4.05
CA PHE A 100 10.48 -6.93 -4.91
C PHE A 100 10.23 -8.38 -4.60
N ASP A 101 9.13 -8.65 -3.99
CA ASP A 101 8.73 -10.02 -3.81
C ASP A 101 8.01 -10.45 -5.07
N GLU A 102 8.26 -11.68 -5.48
CA GLU A 102 7.76 -12.27 -6.70
C GLU A 102 6.23 -12.25 -6.78
N THR A 103 5.56 -12.15 -5.64
CA THR A 103 4.12 -12.10 -5.62
C THR A 103 3.61 -10.78 -6.28
N LEU A 104 4.42 -9.73 -6.21
CA LEU A 104 4.08 -8.47 -6.85
C LEU A 104 4.68 -8.41 -8.23
N LEU A 105 5.82 -9.06 -8.41
CA LEU A 105 6.52 -9.06 -9.62
C LEU A 105 5.80 -9.88 -10.70
N SER A 106 5.40 -11.06 -10.36
CA SER A 106 4.77 -11.95 -11.29
C SER A 106 3.25 -11.83 -11.12
CA CA B . 0.64 4.67 -9.31
N GLY A 3 15.16 9.51 8.84
CA GLY A 3 16.51 9.15 8.46
C GLY A 3 16.52 7.86 7.73
N ASN A 4 17.65 7.50 7.17
CA ASN A 4 17.81 6.25 6.42
C ASN A 4 18.14 5.10 7.38
N ASN A 5 17.98 5.35 8.67
CA ASN A 5 18.24 4.35 9.70
C ASN A 5 16.98 3.50 9.96
N GLN A 6 16.51 2.89 8.93
CA GLN A 6 15.35 2.04 8.99
C GLN A 6 15.71 0.63 8.56
N PRO A 7 15.32 -0.35 9.35
CA PRO A 7 15.58 -1.75 9.08
C PRO A 7 14.55 -2.34 8.10
N PRO A 8 15.00 -3.27 7.22
CA PRO A 8 14.15 -3.89 6.20
C PRO A 8 13.08 -4.75 6.78
N TRP A 9 12.02 -4.85 6.06
CA TRP A 9 10.81 -5.44 6.53
C TRP A 9 10.54 -6.77 5.87
N PRO A 10 9.83 -7.67 6.58
CA PRO A 10 9.39 -8.95 6.02
C PRO A 10 8.49 -8.73 4.82
N LYS A 11 8.82 -9.40 3.75
CA LYS A 11 8.12 -9.24 2.51
C LYS A 11 6.73 -9.85 2.54
N MET A 12 5.95 -9.52 1.52
CA MET A 12 4.60 -9.98 1.38
C MET A 12 4.47 -11.48 1.34
N LYS A 13 3.41 -11.93 1.92
CA LYS A 13 3.02 -13.29 1.86
C LYS A 13 2.15 -13.39 0.65
N PRO A 14 2.24 -14.49 -0.12
CA PRO A 14 1.36 -14.71 -1.25
C PRO A 14 -0.10 -14.62 -0.80
N SER A 15 -0.34 -15.09 0.42
CA SER A 15 -1.65 -15.06 1.02
C SER A 15 -2.10 -13.62 1.31
N ASP A 16 -1.18 -12.77 1.81
CA ASP A 16 -1.56 -11.38 2.10
C ASP A 16 -1.81 -10.62 0.83
N VAL A 17 -1.10 -10.97 -0.22
CA VAL A 17 -1.30 -10.33 -1.51
C VAL A 17 -2.68 -10.69 -2.03
N GLN A 18 -3.09 -11.93 -1.78
CA GLN A 18 -4.39 -12.40 -2.21
C GLN A 18 -5.52 -11.61 -1.55
N LYS A 19 -5.38 -11.36 -0.25
CA LYS A 19 -6.39 -10.61 0.47
C LYS A 19 -6.43 -9.16 -0.01
N TYR A 20 -5.27 -8.63 -0.39
CA TYR A 20 -5.23 -7.27 -0.91
C TYR A 20 -5.87 -7.21 -2.29
N THR A 21 -5.60 -8.24 -3.09
CA THR A 21 -6.11 -8.33 -4.45
C THR A 21 -7.66 -8.30 -4.49
N LYS A 22 -8.30 -8.99 -3.56
CA LYS A 22 -9.76 -9.07 -3.54
C LYS A 22 -10.37 -7.71 -3.30
N VAL A 23 -9.78 -7.03 -2.36
CA VAL A 23 -10.17 -5.72 -1.95
C VAL A 23 -9.93 -4.74 -3.08
N PHE A 24 -8.92 -5.02 -3.88
CA PHE A 24 -8.55 -4.13 -4.98
C PHE A 24 -9.65 -4.11 -6.00
N MET A 25 -10.24 -5.26 -6.19
CA MET A 25 -11.33 -5.46 -7.13
C MET A 25 -12.56 -4.72 -6.65
N GLU A 26 -12.68 -4.66 -5.34
CA GLU A 26 -13.78 -3.99 -4.69
C GLU A 26 -13.60 -2.45 -4.79
N VAL A 27 -12.39 -1.99 -4.56
CA VAL A 27 -12.07 -0.56 -4.56
C VAL A 27 -12.02 -0.01 -6.00
N ASP A 28 -11.48 -0.82 -6.92
CA ASP A 28 -11.42 -0.41 -8.32
C ASP A 28 -12.77 -0.59 -8.96
N SER A 29 -13.59 0.36 -8.69
CA SER A 29 -14.88 0.41 -9.19
C SER A 29 -14.88 0.96 -10.62
N ASP A 30 -13.83 1.71 -10.96
CA ASP A 30 -13.72 2.33 -12.28
C ASP A 30 -13.24 1.34 -13.30
N LYS A 31 -12.80 0.19 -12.79
CA LYS A 31 -12.33 -0.95 -13.55
C LYS A 31 -11.19 -0.59 -14.46
N ASP A 32 -10.28 0.18 -13.95
CA ASP A 32 -9.16 0.67 -14.74
C ASP A 32 -7.99 -0.30 -14.61
N GLY A 33 -7.97 -1.00 -13.50
CA GLY A 33 -6.90 -1.90 -13.18
C GLY A 33 -6.06 -1.23 -12.14
N LYS A 34 -6.47 -0.04 -11.82
CA LYS A 34 -5.89 0.80 -10.85
C LYS A 34 -7.00 1.47 -10.12
N ILE A 35 -6.72 1.96 -8.99
CA ILE A 35 -7.67 2.69 -8.22
C ILE A 35 -7.25 4.11 -8.24
N THR A 36 -8.20 4.98 -8.11
CA THR A 36 -7.91 6.37 -8.22
C THR A 36 -7.49 6.89 -6.86
N GLY A 37 -6.89 8.06 -6.83
CA GLY A 37 -6.50 8.67 -5.57
C GLY A 37 -7.67 8.76 -4.62
N GLU A 38 -8.79 9.17 -5.15
CA GLU A 38 -10.01 9.30 -4.40
C GLU A 38 -10.47 7.95 -3.85
N GLN A 39 -10.47 6.91 -4.70
CA GLN A 39 -10.87 5.56 -4.30
C GLN A 39 -10.03 5.09 -3.14
N ALA A 40 -8.72 5.25 -3.30
CA ALA A 40 -7.75 4.84 -2.31
C ALA A 40 -7.99 5.55 -0.99
N ARG A 41 -8.08 6.86 -1.04
CA ARG A 41 -8.30 7.66 0.17
C ARG A 41 -9.56 7.25 0.87
N ASN A 42 -10.62 7.03 0.12
CA ASN A 42 -11.92 6.60 0.69
C ASN A 42 -11.79 5.30 1.44
N LEU A 43 -10.98 4.41 0.90
CA LEU A 43 -10.70 3.12 1.53
C LEU A 43 -9.97 3.35 2.86
N PHE A 44 -8.94 4.16 2.82
CA PHE A 44 -8.09 4.38 3.99
C PHE A 44 -8.85 5.19 5.04
N LEU A 45 -9.72 6.07 4.57
CA LEU A 45 -10.60 6.87 5.43
C LEU A 45 -11.55 5.99 6.22
N SER A 46 -11.89 4.85 5.65
CA SER A 46 -12.73 3.89 6.29
C SER A 46 -11.97 3.21 7.45
N TRP A 47 -10.65 3.32 7.44
CA TRP A 47 -9.81 2.81 8.51
C TRP A 47 -9.50 3.94 9.49
N ARG A 48 -10.07 5.11 9.17
CA ARG A 48 -9.93 6.35 9.93
C ARG A 48 -8.48 6.81 10.03
N LEU A 49 -7.77 6.74 8.93
CA LEU A 49 -6.39 7.17 8.87
C LEU A 49 -6.32 8.68 8.66
N PRO A 50 -5.33 9.33 9.28
CA PRO A 50 -5.09 10.77 9.17
C PRO A 50 -4.63 11.13 7.81
N ARG A 51 -4.84 12.38 7.48
CA ARG A 51 -4.50 12.98 6.20
C ARG A 51 -3.01 12.90 5.96
N GLU A 52 -2.25 13.02 7.03
CA GLU A 52 -0.82 12.90 6.93
C GLU A 52 -0.38 11.46 6.74
N VAL A 53 -1.19 10.50 7.18
CA VAL A 53 -0.80 9.11 7.04
C VAL A 53 -1.17 8.72 5.66
N LEU A 54 -2.28 9.25 5.27
CA LEU A 54 -2.83 9.14 3.98
C LEU A 54 -1.82 9.58 2.91
N LYS A 55 -1.22 10.74 3.08
CA LYS A 55 -0.24 11.22 2.14
C LYS A 55 1.08 10.46 2.25
N HIS A 56 1.42 10.03 3.46
CA HIS A 56 2.68 9.33 3.67
C HIS A 56 2.60 7.91 3.08
N VAL A 57 1.50 7.22 3.34
CA VAL A 57 1.28 5.86 2.80
C VAL A 57 1.30 5.92 1.29
N TRP A 58 0.69 6.97 0.75
CA TRP A 58 0.65 7.18 -0.68
C TRP A 58 2.08 7.26 -1.22
N GLU A 59 2.88 8.10 -0.63
CA GLU A 59 4.27 8.30 -1.02
C GLU A 59 5.11 7.02 -0.98
N LEU A 60 4.80 6.14 -0.08
CA LEU A 60 5.53 4.90 0.03
C LEU A 60 5.07 3.90 -1.00
N SER A 61 3.78 3.83 -1.22
CA SER A 61 3.23 2.85 -2.12
C SER A 61 3.25 3.32 -3.59
N ASP A 62 2.76 4.52 -3.82
CA ASP A 62 2.73 5.14 -5.14
C ASP A 62 4.09 5.62 -5.55
N GLN A 63 4.79 4.74 -6.15
CA GLN A 63 6.14 4.93 -6.61
C GLN A 63 6.24 5.82 -7.82
N ASP A 64 5.20 5.84 -8.61
CA ASP A 64 5.21 6.67 -9.85
C ASP A 64 4.97 8.12 -9.53
N ASN A 65 4.55 8.35 -8.29
CA ASN A 65 4.05 9.63 -7.80
C ASN A 65 2.93 10.19 -8.64
N ASP A 66 2.14 9.25 -9.15
CA ASP A 66 0.96 9.54 -9.94
C ASP A 66 -0.28 9.24 -9.17
N THR A 67 -1.31 10.01 -9.45
CA THR A 67 -2.59 10.03 -8.77
C THR A 67 -3.27 8.66 -8.58
N MET A 68 -2.84 7.65 -9.29
CA MET A 68 -3.51 6.37 -9.21
C MET A 68 -2.66 5.29 -8.54
N LEU A 69 -3.33 4.42 -7.79
CA LEU A 69 -2.63 3.29 -7.19
C LEU A 69 -2.94 2.04 -7.97
N SER A 70 -1.94 1.34 -8.35
CA SER A 70 -2.16 0.08 -9.02
C SER A 70 -2.09 -1.05 -8.00
N LEU A 71 -2.30 -2.29 -8.44
CA LEU A 71 -2.36 -3.46 -7.56
C LEU A 71 -1.16 -3.57 -6.63
N ARG A 72 0.04 -3.49 -7.19
CA ARG A 72 1.27 -3.59 -6.38
C ARG A 72 1.29 -2.55 -5.32
N GLU A 73 1.11 -1.31 -5.73
CA GLU A 73 1.11 -0.16 -4.84
C GLU A 73 0.05 -0.35 -3.76
N PHE A 74 -1.15 -0.75 -4.17
CA PHE A 74 -2.29 -0.98 -3.28
C PHE A 74 -1.98 -2.01 -2.20
N CYS A 75 -1.34 -3.11 -2.60
CA CYS A 75 -0.95 -4.16 -1.67
C CYS A 75 0.02 -3.61 -0.64
N ILE A 76 0.86 -2.71 -1.09
CA ILE A 76 1.85 -2.08 -0.27
C ILE A 76 1.19 -1.06 0.66
N SER A 77 0.20 -0.34 0.13
CA SER A 77 -0.52 0.66 0.89
C SER A 77 -1.14 0.01 2.10
N LEU A 78 -1.88 -1.06 1.84
CA LEU A 78 -2.58 -1.78 2.87
C LEU A 78 -1.63 -2.41 3.86
N TYR A 79 -0.51 -2.92 3.37
CA TYR A 79 0.52 -3.50 4.20
C TYR A 79 1.00 -2.47 5.22
N LEU A 80 1.35 -1.28 4.73
CA LEU A 80 1.84 -0.20 5.56
C LEU A 80 0.74 0.28 6.51
N MET A 81 -0.48 0.31 6.02
CA MET A 81 -1.62 0.70 6.81
C MET A 81 -1.83 -0.25 7.98
N GLU A 82 -1.77 -1.56 7.72
CA GLU A 82 -1.90 -2.55 8.78
C GLU A 82 -0.78 -2.37 9.81
N ARG A 83 0.42 -2.14 9.29
CA ARG A 83 1.59 -1.90 10.12
C ARG A 83 1.40 -0.71 11.04
N TYR A 84 0.88 0.37 10.47
CA TYR A 84 0.59 1.60 11.18
C TYR A 84 -0.38 1.37 12.34
N ARG A 85 -1.42 0.58 12.10
CA ARG A 85 -2.44 0.29 13.13
C ARG A 85 -1.83 -0.52 14.27
N GLU A 86 -0.78 -1.25 13.94
CA GLU A 86 -0.03 -2.05 14.93
C GLU A 86 0.83 -1.11 15.80
N GLY A 87 0.93 0.13 15.38
CA GLY A 87 1.70 1.12 16.10
C GLY A 87 3.07 1.29 15.49
N ARG A 88 3.30 0.59 14.42
CA ARG A 88 4.57 0.59 13.77
C ARG A 88 4.65 1.78 12.82
N PRO A 89 5.69 2.62 13.00
CA PRO A 89 5.86 3.85 12.21
C PRO A 89 6.09 3.57 10.72
N LEU A 90 5.67 4.51 9.90
CA LEU A 90 5.78 4.40 8.47
C LEU A 90 7.15 4.88 8.00
N PRO A 91 7.88 3.99 7.30
CA PRO A 91 9.21 4.26 6.71
C PRO A 91 9.24 5.52 5.92
N THR A 92 10.40 6.11 5.85
CA THR A 92 10.56 7.30 5.07
C THR A 92 10.84 6.87 3.62
N ALA A 93 11.14 5.59 3.45
CA ALA A 93 11.40 5.01 2.16
C ALA A 93 10.93 3.58 2.17
N LEU A 94 10.23 3.16 1.14
CA LEU A 94 9.76 1.81 1.06
C LEU A 94 10.92 0.87 0.77
N PRO A 95 11.17 -0.04 1.69
CA PRO A 95 12.25 -1.04 1.60
C PRO A 95 12.09 -1.98 0.41
N SER A 96 13.22 -2.28 -0.20
CA SER A 96 13.33 -3.11 -1.39
C SER A 96 12.82 -4.53 -1.10
N SER A 97 12.98 -4.94 0.16
CA SER A 97 12.59 -6.25 0.65
C SER A 97 11.11 -6.52 0.39
N ILE A 98 10.35 -5.47 0.53
CA ILE A 98 8.90 -5.49 0.37
C ILE A 98 8.55 -5.51 -1.09
N MET A 99 9.19 -4.63 -1.80
CA MET A 99 8.86 -4.33 -3.19
C MET A 99 9.24 -5.42 -4.14
N PHE A 100 10.37 -6.02 -3.90
CA PHE A 100 10.89 -7.02 -4.79
C PHE A 100 10.50 -8.42 -4.42
N ASP A 101 9.30 -8.55 -3.94
CA ASP A 101 8.75 -9.86 -3.69
C ASP A 101 8.15 -10.40 -4.97
N GLU A 102 8.42 -11.67 -5.18
CA GLU A 102 8.06 -12.41 -6.37
C GLU A 102 6.57 -12.36 -6.72
N THR A 103 5.71 -12.27 -5.71
CA THR A 103 4.28 -12.26 -5.97
C THR A 103 3.84 -10.91 -6.53
N LEU A 104 4.62 -9.89 -6.26
CA LEU A 104 4.31 -8.56 -6.76
C LEU A 104 5.01 -8.34 -8.10
N LEU A 105 6.14 -8.97 -8.28
CA LEU A 105 6.93 -8.82 -9.45
C LEU A 105 6.26 -9.47 -10.67
N SER A 106 5.82 -10.69 -10.51
CA SER A 106 5.22 -11.41 -11.58
C SER A 106 3.73 -11.09 -11.65
CA CA B . 0.90 4.76 -9.15
N GLY A 3 13.34 9.97 14.39
CA GLY A 3 13.73 8.81 13.58
C GLY A 3 13.97 9.20 12.16
N ASN A 4 14.73 8.38 11.45
CA ASN A 4 15.08 8.63 10.06
C ASN A 4 15.20 7.31 9.32
N ASN A 5 14.51 6.31 9.81
CA ASN A 5 14.66 4.97 9.29
C ASN A 5 13.47 4.12 9.65
N GLN A 6 13.54 2.88 9.25
CA GLN A 6 12.57 1.89 9.53
C GLN A 6 13.33 0.60 9.77
N PRO A 7 12.89 -0.20 10.73
CA PRO A 7 13.44 -1.54 10.97
C PRO A 7 12.90 -2.48 9.90
N PRO A 8 13.57 -3.63 9.62
CA PRO A 8 13.18 -4.54 8.52
C PRO A 8 11.82 -5.17 8.72
N TRP A 9 11.16 -5.35 7.63
CA TRP A 9 9.81 -5.77 7.59
C TRP A 9 9.71 -7.09 6.87
N PRO A 10 8.79 -7.96 7.29
CA PRO A 10 8.53 -9.19 6.59
C PRO A 10 7.80 -8.88 5.31
N LYS A 11 8.34 -9.31 4.22
CA LYS A 11 7.78 -8.95 2.95
C LYS A 11 6.49 -9.73 2.68
N MET A 12 5.76 -9.33 1.67
CA MET A 12 4.48 -9.95 1.32
C MET A 12 4.56 -11.44 1.10
N LYS A 13 3.45 -12.05 1.29
CA LYS A 13 3.26 -13.44 1.06
C LYS A 13 2.31 -13.48 -0.10
N PRO A 14 2.29 -14.51 -0.93
CA PRO A 14 1.31 -14.59 -2.03
C PRO A 14 -0.11 -14.44 -1.46
N SER A 15 -0.35 -15.14 -0.37
CA SER A 15 -1.60 -15.11 0.34
C SER A 15 -1.92 -13.70 0.87
N ASP A 16 -0.90 -12.99 1.36
CA ASP A 16 -1.09 -11.67 1.93
C ASP A 16 -1.44 -10.68 0.82
N VAL A 17 -0.89 -10.92 -0.36
CA VAL A 17 -1.18 -10.09 -1.51
C VAL A 17 -2.59 -10.35 -2.02
N GLN A 18 -2.99 -11.62 -2.01
CA GLN A 18 -4.35 -12.03 -2.44
C GLN A 18 -5.40 -11.38 -1.52
N LYS A 19 -5.02 -11.26 -0.25
CA LYS A 19 -5.78 -10.64 0.78
C LYS A 19 -6.04 -9.16 0.44
N TYR A 20 -5.04 -8.50 -0.10
CA TYR A 20 -5.21 -7.11 -0.49
C TYR A 20 -5.95 -7.04 -1.82
N THR A 21 -5.63 -7.97 -2.69
CA THR A 21 -6.21 -8.06 -4.00
C THR A 21 -7.75 -8.23 -3.96
N LYS A 22 -8.24 -8.96 -2.96
CA LYS A 22 -9.69 -9.18 -2.80
C LYS A 22 -10.40 -7.88 -2.57
N VAL A 23 -9.75 -7.06 -1.80
CA VAL A 23 -10.22 -5.74 -1.47
C VAL A 23 -10.11 -4.85 -2.69
N PHE A 24 -9.10 -5.11 -3.50
CA PHE A 24 -8.81 -4.31 -4.69
C PHE A 24 -9.92 -4.44 -5.68
N MET A 25 -10.50 -5.61 -5.72
CA MET A 25 -11.61 -5.93 -6.61
C MET A 25 -12.79 -5.00 -6.32
N GLU A 26 -12.95 -4.66 -5.06
CA GLU A 26 -14.04 -3.81 -4.61
C GLU A 26 -13.71 -2.35 -4.89
N VAL A 27 -12.46 -2.00 -4.68
CA VAL A 27 -12.01 -0.63 -4.80
C VAL A 27 -11.78 -0.24 -6.27
N ASP A 28 -11.39 -1.20 -7.12
CA ASP A 28 -11.16 -0.94 -8.57
C ASP A 28 -12.49 -0.81 -9.28
N SER A 29 -13.18 0.22 -8.94
CA SER A 29 -14.43 0.58 -9.50
C SER A 29 -14.17 1.28 -10.84
N ASP A 30 -12.91 1.71 -11.00
CA ASP A 30 -12.49 2.42 -12.20
C ASP A 30 -12.08 1.44 -13.30
N LYS A 31 -11.98 0.16 -12.88
CA LYS A 31 -11.70 -0.99 -13.74
C LYS A 31 -10.54 -0.81 -14.67
N ASP A 32 -9.43 -0.41 -14.13
CA ASP A 32 -8.26 -0.19 -14.96
C ASP A 32 -7.12 -1.09 -14.53
N GLY A 33 -7.21 -1.58 -13.33
CA GLY A 33 -6.12 -2.36 -12.77
C GLY A 33 -5.38 -1.52 -11.78
N LYS A 34 -5.88 -0.34 -11.60
CA LYS A 34 -5.46 0.59 -10.63
C LYS A 34 -6.62 1.43 -10.25
N ILE A 35 -6.56 1.89 -9.08
CA ILE A 35 -7.60 2.65 -8.49
C ILE A 35 -7.21 4.08 -8.44
N THR A 36 -8.19 4.91 -8.47
CA THR A 36 -7.97 6.30 -8.44
C THR A 36 -7.66 6.78 -7.04
N GLY A 37 -7.04 7.92 -6.91
CA GLY A 37 -6.71 8.47 -5.59
C GLY A 37 -7.93 8.55 -4.69
N GLU A 38 -9.07 8.89 -5.29
CA GLU A 38 -10.30 9.05 -4.56
C GLU A 38 -10.72 7.71 -3.92
N GLN A 39 -10.63 6.63 -4.71
CA GLN A 39 -11.01 5.29 -4.21
C GLN A 39 -10.11 4.91 -3.06
N ALA A 40 -8.82 5.17 -3.26
CA ALA A 40 -7.79 4.85 -2.30
C ALA A 40 -8.02 5.56 -0.98
N ARG A 41 -8.24 6.87 -1.05
CA ARG A 41 -8.45 7.66 0.16
C ARG A 41 -9.65 7.19 0.92
N ASN A 42 -10.76 6.96 0.23
CA ASN A 42 -12.01 6.50 0.87
C ASN A 42 -11.80 5.18 1.60
N LEU A 43 -10.98 4.34 1.02
CA LEU A 43 -10.63 3.06 1.60
C LEU A 43 -9.84 3.26 2.89
N PHE A 44 -8.79 4.05 2.80
CA PHE A 44 -7.89 4.28 3.93
C PHE A 44 -8.64 5.04 5.04
N LEU A 45 -9.54 5.92 4.63
CA LEU A 45 -10.41 6.67 5.54
C LEU A 45 -11.29 5.74 6.35
N SER A 46 -11.61 4.59 5.79
CA SER A 46 -12.42 3.60 6.47
C SER A 46 -11.61 2.96 7.60
N TRP A 47 -10.30 3.14 7.55
CA TRP A 47 -9.42 2.62 8.57
C TRP A 47 -9.10 3.72 9.58
N ARG A 48 -9.77 4.86 9.41
CA ARG A 48 -9.65 6.04 10.29
C ARG A 48 -8.23 6.62 10.27
N LEU A 49 -7.64 6.67 9.08
CA LEU A 49 -6.32 7.21 8.91
C LEU A 49 -6.34 8.73 8.77
N PRO A 50 -5.33 9.40 9.36
CA PRO A 50 -5.14 10.85 9.27
C PRO A 50 -4.66 11.23 7.90
N ARG A 51 -4.84 12.50 7.60
CA ARG A 51 -4.51 13.08 6.30
C ARG A 51 -3.02 13.02 6.07
N GLU A 52 -2.29 13.11 7.16
CA GLU A 52 -0.85 13.04 7.11
C GLU A 52 -0.39 11.60 6.86
N VAL A 53 -1.19 10.60 7.28
CA VAL A 53 -0.77 9.23 7.11
C VAL A 53 -1.14 8.82 5.74
N LEU A 54 -2.27 9.31 5.37
CA LEU A 54 -2.84 9.16 4.08
C LEU A 54 -1.87 9.56 2.98
N LYS A 55 -1.29 10.76 3.09
CA LYS A 55 -0.31 11.19 2.12
C LYS A 55 0.98 10.37 2.24
N HIS A 56 1.38 10.05 3.47
CA HIS A 56 2.64 9.35 3.70
C HIS A 56 2.59 7.92 3.14
N VAL A 57 1.46 7.26 3.33
CA VAL A 57 1.28 5.92 2.78
C VAL A 57 1.32 6.00 1.25
N TRP A 58 0.74 7.05 0.71
CA TRP A 58 0.74 7.30 -0.71
C TRP A 58 2.18 7.48 -1.20
N GLU A 59 2.94 8.26 -0.45
CA GLU A 59 4.34 8.52 -0.74
C GLU A 59 5.17 7.24 -0.83
N LEU A 60 4.87 6.29 0.01
CA LEU A 60 5.57 5.03 0.04
C LEU A 60 5.05 4.07 -1.02
N SER A 61 3.76 4.03 -1.15
CA SER A 61 3.09 3.13 -2.07
C SER A 61 3.25 3.54 -3.53
N ASP A 62 2.91 4.78 -3.82
CA ASP A 62 2.89 5.29 -5.16
C ASP A 62 4.28 5.67 -5.59
N GLN A 63 4.94 4.70 -6.09
CA GLN A 63 6.30 4.79 -6.53
C GLN A 63 6.46 5.60 -7.78
N ASP A 64 5.55 5.43 -8.70
CA ASP A 64 5.68 6.04 -10.03
C ASP A 64 5.21 7.51 -10.05
N ASN A 65 4.88 8.04 -8.86
CA ASN A 65 4.42 9.43 -8.63
C ASN A 65 3.23 9.85 -9.44
N ASP A 66 2.32 8.96 -9.56
CA ASP A 66 1.09 9.21 -10.25
C ASP A 66 -0.12 9.29 -9.30
N THR A 67 -1.25 9.60 -9.85
CA THR A 67 -2.51 9.79 -9.16
C THR A 67 -3.24 8.48 -8.80
N MET A 68 -2.85 7.37 -9.41
CA MET A 68 -3.56 6.12 -9.21
C MET A 68 -2.73 5.05 -8.54
N LEU A 69 -3.35 4.24 -7.71
CA LEU A 69 -2.61 3.18 -7.07
C LEU A 69 -2.89 1.89 -7.78
N SER A 70 -1.85 1.27 -8.26
CA SER A 70 -2.01 0.03 -8.99
C SER A 70 -2.13 -1.13 -8.00
N LEU A 71 -2.31 -2.35 -8.49
CA LEU A 71 -2.48 -3.50 -7.61
C LEU A 71 -1.28 -3.69 -6.70
N ARG A 72 -0.10 -3.61 -7.27
CA ARG A 72 1.12 -3.72 -6.54
C ARG A 72 1.28 -2.63 -5.49
N GLU A 73 1.02 -1.38 -5.87
CA GLU A 73 1.10 -0.25 -4.95
C GLU A 73 0.04 -0.41 -3.84
N PHE A 74 -1.16 -0.78 -4.24
CA PHE A 74 -2.32 -0.97 -3.36
C PHE A 74 -2.03 -1.97 -2.23
N CYS A 75 -1.41 -3.08 -2.59
CA CYS A 75 -1.05 -4.11 -1.62
C CYS A 75 -0.05 -3.55 -0.60
N ILE A 76 0.80 -2.66 -1.06
CA ILE A 76 1.77 -2.01 -0.23
C ILE A 76 1.10 -1.06 0.74
N SER A 77 0.12 -0.32 0.23
CA SER A 77 -0.58 0.68 1.00
C SER A 77 -1.21 0.03 2.21
N LEU A 78 -1.96 -1.02 1.96
CA LEU A 78 -2.68 -1.72 3.00
C LEU A 78 -1.75 -2.36 3.98
N TYR A 79 -0.64 -2.89 3.47
CA TYR A 79 0.37 -3.50 4.31
C TYR A 79 0.85 -2.50 5.35
N LEU A 80 1.27 -1.32 4.88
CA LEU A 80 1.78 -0.26 5.72
C LEU A 80 0.71 0.22 6.68
N MET A 81 -0.51 0.34 6.19
CA MET A 81 -1.64 0.80 6.97
C MET A 81 -1.93 -0.11 8.15
N GLU A 82 -1.89 -1.43 7.92
CA GLU A 82 -2.13 -2.40 9.00
C GLU A 82 -1.00 -2.32 10.03
N ARG A 83 0.21 -2.07 9.55
CA ARG A 83 1.36 -2.02 10.43
C ARG A 83 1.36 -0.71 11.22
N TYR A 84 0.81 0.34 10.62
CA TYR A 84 0.60 1.62 11.28
C TYR A 84 -0.33 1.42 12.47
N ARG A 85 -1.37 0.63 12.25
CA ARG A 85 -2.32 0.25 13.31
C ARG A 85 -1.61 -0.47 14.46
N GLU A 86 -0.55 -1.20 14.13
CA GLU A 86 0.26 -1.92 15.13
C GLU A 86 1.23 -0.97 15.84
N GLY A 87 1.14 0.30 15.53
CA GLY A 87 1.96 1.30 16.17
C GLY A 87 3.37 1.33 15.61
N ARG A 88 3.53 0.81 14.43
CA ARG A 88 4.82 0.78 13.80
C ARG A 88 4.93 2.00 12.88
N PRO A 89 6.04 2.76 13.01
CA PRO A 89 6.28 3.95 12.19
C PRO A 89 6.42 3.64 10.70
N LEU A 90 5.84 4.51 9.91
CA LEU A 90 5.88 4.40 8.48
C LEU A 90 7.24 4.86 7.95
N PRO A 91 7.85 4.01 7.09
CA PRO A 91 9.18 4.21 6.49
C PRO A 91 9.41 5.56 5.86
N THR A 92 10.66 5.94 5.83
CA THR A 92 11.09 7.12 5.16
C THR A 92 11.29 6.78 3.69
N ALA A 93 11.39 5.49 3.44
CA ALA A 93 11.52 4.93 2.12
C ALA A 93 11.04 3.50 2.18
N LEU A 94 10.28 3.08 1.21
CA LEU A 94 9.71 1.76 1.19
C LEU A 94 10.76 0.75 0.77
N PRO A 95 11.02 -0.22 1.64
CA PRO A 95 12.00 -1.29 1.40
C PRO A 95 11.80 -1.98 0.05
N SER A 96 12.86 -2.03 -0.71
CA SER A 96 12.89 -2.58 -2.03
C SER A 96 12.54 -4.07 -2.04
N SER A 97 12.88 -4.78 -0.97
CA SER A 97 12.58 -6.21 -0.88
C SER A 97 11.05 -6.43 -0.78
N ILE A 98 10.34 -5.40 -0.35
CA ILE A 98 8.90 -5.41 -0.23
C ILE A 98 8.27 -5.28 -1.59
N MET A 99 8.75 -4.31 -2.33
CA MET A 99 8.18 -4.02 -3.66
C MET A 99 8.62 -5.01 -4.71
N PHE A 100 9.83 -5.54 -4.55
CA PHE A 100 10.33 -6.51 -5.49
C PHE A 100 10.00 -7.92 -5.08
N ASP A 101 8.87 -8.07 -4.49
CA ASP A 101 8.39 -9.37 -4.18
C ASP A 101 7.69 -9.90 -5.39
N GLU A 102 7.88 -11.19 -5.62
CA GLU A 102 7.39 -11.93 -6.78
C GLU A 102 5.92 -11.73 -7.04
N THR A 103 5.17 -11.51 -6.01
CA THR A 103 3.75 -11.37 -6.08
C THR A 103 3.34 -9.98 -6.61
N LEU A 104 4.22 -9.00 -6.44
CA LEU A 104 3.93 -7.66 -6.89
C LEU A 104 4.47 -7.46 -8.28
N LEU A 105 5.60 -8.09 -8.53
CA LEU A 105 6.29 -8.00 -9.75
C LEU A 105 5.54 -8.74 -10.85
N SER A 106 5.22 -9.98 -10.61
CA SER A 106 4.62 -10.79 -11.61
C SER A 106 3.10 -10.73 -11.50
CA CA B . 0.78 4.68 -9.20
N GLY A 3 27.10 1.66 3.49
CA GLY A 3 26.19 1.22 4.55
C GLY A 3 24.83 1.77 4.30
N ASN A 4 24.11 2.08 5.36
CA ASN A 4 22.76 2.66 5.27
C ASN A 4 21.83 1.68 4.55
N ASN A 5 21.76 0.49 5.06
CA ASN A 5 20.90 -0.51 4.50
C ASN A 5 19.54 -0.34 5.07
N GLN A 6 18.57 -0.17 4.20
CA GLN A 6 17.21 0.00 4.62
C GLN A 6 16.72 -1.33 5.18
N PRO A 7 16.13 -1.31 6.37
CA PRO A 7 15.79 -2.51 7.08
C PRO A 7 14.69 -3.29 6.37
N PRO A 8 14.83 -4.61 6.31
CA PRO A 8 13.88 -5.46 5.68
C PRO A 8 12.81 -5.86 6.64
N TRP A 9 11.67 -5.66 6.19
CA TRP A 9 10.49 -5.92 6.90
C TRP A 9 10.00 -7.25 6.43
N PRO A 10 9.23 -8.00 7.22
CA PRO A 10 8.66 -9.24 6.74
C PRO A 10 7.66 -8.91 5.68
N LYS A 11 8.04 -9.19 4.47
CA LYS A 11 7.28 -8.78 3.35
C LYS A 11 6.05 -9.63 3.13
N MET A 12 5.36 -9.34 2.07
CA MET A 12 4.12 -9.99 1.74
C MET A 12 4.22 -11.47 1.60
N LYS A 13 3.11 -12.05 1.75
CA LYS A 13 2.89 -13.40 1.43
C LYS A 13 1.95 -13.43 0.30
N PRO A 14 2.09 -14.37 -0.65
CA PRO A 14 1.14 -14.51 -1.76
C PRO A 14 -0.31 -14.41 -1.26
N SER A 15 -0.60 -15.10 -0.17
CA SER A 15 -1.91 -15.11 0.43
C SER A 15 -2.29 -13.72 0.98
N ASP A 16 -1.32 -12.96 1.54
CA ASP A 16 -1.70 -11.65 2.08
C ASP A 16 -1.97 -10.70 0.93
N VAL A 17 -1.26 -10.91 -0.17
CA VAL A 17 -1.46 -10.15 -1.40
C VAL A 17 -2.84 -10.46 -1.98
N GLN A 18 -3.20 -11.73 -1.96
CA GLN A 18 -4.51 -12.17 -2.40
C GLN A 18 -5.63 -11.50 -1.61
N LYS A 19 -5.39 -11.33 -0.31
CA LYS A 19 -6.38 -10.68 0.55
C LYS A 19 -6.52 -9.21 0.13
N TYR A 20 -5.41 -8.60 -0.30
CA TYR A 20 -5.45 -7.22 -0.76
C TYR A 20 -6.14 -7.17 -2.11
N THR A 21 -5.81 -8.13 -2.95
CA THR A 21 -6.32 -8.22 -4.30
C THR A 21 -7.86 -8.26 -4.33
N LYS A 22 -8.47 -8.97 -3.39
CA LYS A 22 -9.93 -9.05 -3.32
C LYS A 22 -10.50 -7.66 -3.08
N VAL A 23 -9.84 -6.95 -2.19
CA VAL A 23 -10.22 -5.62 -1.78
C VAL A 23 -9.99 -4.67 -2.93
N PHE A 24 -8.99 -4.96 -3.74
CA PHE A 24 -8.63 -4.11 -4.84
C PHE A 24 -9.75 -4.10 -5.84
N MET A 25 -10.36 -5.24 -5.99
CA MET A 25 -11.47 -5.42 -6.91
C MET A 25 -12.70 -4.73 -6.36
N GLU A 26 -12.75 -4.63 -5.06
CA GLU A 26 -13.82 -3.93 -4.38
C GLU A 26 -13.67 -2.42 -4.60
N VAL A 27 -12.45 -1.94 -4.53
CA VAL A 27 -12.14 -0.53 -4.66
C VAL A 27 -12.07 -0.07 -6.14
N ASP A 28 -11.54 -0.93 -6.98
CA ASP A 28 -11.36 -0.65 -8.43
C ASP A 28 -12.67 -0.79 -9.16
N SER A 29 -13.40 0.26 -9.22
CA SER A 29 -14.65 0.31 -9.87
C SER A 29 -14.53 0.44 -11.36
N ASP A 30 -13.43 1.02 -11.77
CA ASP A 30 -13.22 1.38 -13.15
C ASP A 30 -12.57 0.25 -13.89
N LYS A 31 -12.14 -0.72 -13.08
CA LYS A 31 -11.50 -1.97 -13.51
C LYS A 31 -10.39 -1.79 -14.52
N ASP A 32 -9.50 -0.86 -14.29
CA ASP A 32 -8.40 -0.67 -15.22
C ASP A 32 -7.09 -1.16 -14.64
N GLY A 33 -7.16 -1.71 -13.45
CA GLY A 33 -5.99 -2.31 -12.85
C GLY A 33 -5.37 -1.39 -11.87
N LYS A 34 -5.99 -0.25 -11.69
CA LYS A 34 -5.55 0.74 -10.78
C LYS A 34 -6.74 1.37 -10.13
N ILE A 35 -6.50 1.98 -9.02
CA ILE A 35 -7.49 2.73 -8.32
C ILE A 35 -7.07 4.15 -8.33
N THR A 36 -8.04 5.01 -8.27
CA THR A 36 -7.78 6.40 -8.35
C THR A 36 -7.44 6.94 -6.98
N GLY A 37 -6.91 8.14 -6.91
CA GLY A 37 -6.55 8.73 -5.63
C GLY A 37 -7.71 8.76 -4.65
N GLU A 38 -8.87 9.09 -5.17
CA GLU A 38 -10.11 9.17 -4.42
C GLU A 38 -10.42 7.82 -3.78
N GLN A 39 -10.38 6.78 -4.61
CA GLN A 39 -10.72 5.41 -4.20
C GLN A 39 -9.83 4.96 -3.06
N ALA A 40 -8.56 5.26 -3.21
CA ALA A 40 -7.56 4.88 -2.25
C ALA A 40 -7.79 5.60 -0.93
N ARG A 41 -7.94 6.92 -0.98
CA ARG A 41 -8.15 7.70 0.24
C ARG A 41 -9.39 7.24 0.95
N ASN A 42 -10.49 7.07 0.21
CA ASN A 42 -11.76 6.63 0.79
C ASN A 42 -11.60 5.30 1.51
N LEU A 43 -10.78 4.43 0.95
CA LEU A 43 -10.51 3.14 1.55
C LEU A 43 -9.81 3.30 2.88
N PHE A 44 -8.73 4.07 2.86
CA PHE A 44 -7.89 4.24 4.04
C PHE A 44 -8.66 5.07 5.09
N LEU A 45 -9.48 6.00 4.61
CA LEU A 45 -10.35 6.82 5.46
C LEU A 45 -11.37 5.96 6.18
N SER A 46 -11.75 4.86 5.56
CA SER A 46 -12.67 3.93 6.14
C SER A 46 -12.00 3.20 7.32
N TRP A 47 -10.67 3.29 7.39
CA TRP A 47 -9.88 2.76 8.47
C TRP A 47 -9.56 3.88 9.47
N ARG A 48 -10.21 5.03 9.27
CA ARG A 48 -10.07 6.24 10.09
C ARG A 48 -8.63 6.79 10.09
N LEU A 49 -7.95 6.70 8.96
CA LEU A 49 -6.59 7.18 8.85
C LEU A 49 -6.54 8.68 8.60
N PRO A 50 -5.58 9.36 9.22
CA PRO A 50 -5.35 10.81 9.10
C PRO A 50 -4.78 11.15 7.76
N ARG A 51 -5.01 12.39 7.38
CA ARG A 51 -4.59 12.96 6.08
C ARG A 51 -3.08 12.88 5.96
N GLU A 52 -2.43 13.04 7.09
CA GLU A 52 -0.99 12.98 7.19
C GLU A 52 -0.46 11.55 7.03
N VAL A 53 -1.28 10.56 7.39
CA VAL A 53 -0.84 9.17 7.27
C VAL A 53 -1.15 8.74 5.88
N LEU A 54 -2.29 9.19 5.45
CA LEU A 54 -2.83 9.00 4.14
C LEU A 54 -1.84 9.39 3.06
N LYS A 55 -1.33 10.60 3.14
CA LYS A 55 -0.38 11.07 2.16
C LYS A 55 0.95 10.33 2.30
N HIS A 56 1.31 9.98 3.53
CA HIS A 56 2.55 9.29 3.79
C HIS A 56 2.51 7.87 3.20
N VAL A 57 1.41 7.16 3.43
CA VAL A 57 1.22 5.81 2.89
C VAL A 57 1.30 5.88 1.39
N TRP A 58 0.69 6.92 0.84
CA TRP A 58 0.69 7.16 -0.58
C TRP A 58 2.13 7.31 -1.09
N GLU A 59 2.90 8.17 -0.44
CA GLU A 59 4.29 8.43 -0.77
C GLU A 59 5.14 7.17 -0.78
N LEU A 60 4.84 6.26 0.10
CA LEU A 60 5.57 5.03 0.19
C LEU A 60 5.13 4.06 -0.89
N SER A 61 3.85 3.96 -1.04
CA SER A 61 3.23 3.02 -1.95
C SER A 61 3.39 3.45 -3.43
N ASP A 62 3.01 4.66 -3.73
CA ASP A 62 3.00 5.13 -5.10
C ASP A 62 4.36 5.59 -5.57
N GLN A 63 5.06 4.65 -6.06
CA GLN A 63 6.40 4.82 -6.59
C GLN A 63 6.41 5.65 -7.87
N ASP A 64 5.33 5.61 -8.60
CA ASP A 64 5.26 6.34 -9.91
C ASP A 64 5.04 7.80 -9.73
N ASN A 65 4.71 8.19 -8.49
CA ASN A 65 4.29 9.54 -8.11
C ASN A 65 3.18 10.06 -9.00
N ASP A 66 2.32 9.14 -9.32
CA ASP A 66 1.19 9.38 -10.20
C ASP A 66 -0.07 9.47 -9.34
N THR A 67 -1.18 9.75 -9.92
CA THR A 67 -2.39 9.90 -9.14
C THR A 67 -3.03 8.57 -8.74
N MET A 68 -2.64 7.50 -9.38
CA MET A 68 -3.29 6.24 -9.19
C MET A 68 -2.46 5.15 -8.51
N LEU A 69 -3.14 4.38 -7.65
CA LEU A 69 -2.48 3.27 -7.01
C LEU A 69 -2.79 2.01 -7.77
N SER A 70 -1.80 1.30 -8.10
CA SER A 70 -1.97 0.10 -8.84
C SER A 70 -2.08 -1.08 -7.87
N LEU A 71 -2.35 -2.29 -8.37
CA LEU A 71 -2.51 -3.48 -7.52
C LEU A 71 -1.31 -3.67 -6.58
N ARG A 72 -0.11 -3.61 -7.15
CA ARG A 72 1.13 -3.77 -6.43
C ARG A 72 1.21 -2.77 -5.25
N GLU A 73 0.78 -1.55 -5.54
CA GLU A 73 0.87 -0.44 -4.62
C GLU A 73 -0.21 -0.56 -3.56
N PHE A 74 -1.39 -0.96 -3.98
CA PHE A 74 -2.53 -1.16 -3.11
C PHE A 74 -2.18 -2.15 -2.01
N CYS A 75 -1.46 -3.19 -2.40
CA CYS A 75 -0.98 -4.19 -1.48
C CYS A 75 -0.02 -3.58 -0.46
N ILE A 76 0.83 -2.70 -0.94
CA ILE A 76 1.81 -1.99 -0.12
C ILE A 76 1.10 -1.09 0.87
N SER A 77 0.09 -0.39 0.38
CA SER A 77 -0.65 0.56 1.17
C SER A 77 -1.27 -0.13 2.37
N LEU A 78 -1.98 -1.21 2.10
CA LEU A 78 -2.65 -1.96 3.14
C LEU A 78 -1.67 -2.59 4.10
N TYR A 79 -0.54 -3.00 3.58
CA TYR A 79 0.53 -3.55 4.38
C TYR A 79 1.01 -2.49 5.39
N LEU A 80 1.33 -1.30 4.88
CA LEU A 80 1.80 -0.20 5.69
C LEU A 80 0.75 0.23 6.69
N MET A 81 -0.48 0.21 6.27
CA MET A 81 -1.60 0.56 7.11
C MET A 81 -1.74 -0.39 8.29
N GLU A 82 -1.65 -1.70 8.05
CA GLU A 82 -1.72 -2.65 9.15
C GLU A 82 -0.48 -2.52 10.04
N ARG A 83 0.67 -2.23 9.42
CA ARG A 83 1.90 -1.97 10.15
C ARG A 83 1.72 -0.79 11.08
N TYR A 84 1.13 0.25 10.55
CA TYR A 84 0.83 1.46 11.26
C TYR A 84 -0.08 1.18 12.45
N ARG A 85 -1.10 0.33 12.25
CA ARG A 85 -2.05 0.00 13.32
C ARG A 85 -1.36 -0.69 14.49
N GLU A 86 -0.21 -1.32 14.23
CA GLU A 86 0.56 -1.99 15.27
C GLU A 86 1.26 -0.98 16.16
N GLY A 87 1.17 0.28 15.80
CA GLY A 87 1.84 1.30 16.53
C GLY A 87 3.22 1.49 15.99
N ARG A 88 3.38 1.15 14.74
CA ARG A 88 4.66 1.22 14.10
C ARG A 88 4.67 2.44 13.19
N PRO A 89 5.75 3.23 13.19
CA PRO A 89 5.90 4.38 12.31
C PRO A 89 6.11 3.96 10.86
N LEU A 90 5.72 4.81 9.96
CA LEU A 90 5.84 4.57 8.56
C LEU A 90 7.19 5.02 8.05
N PRO A 91 7.88 4.12 7.29
CA PRO A 91 9.20 4.36 6.69
C PRO A 91 9.34 5.66 5.94
N THR A 92 10.56 6.06 5.82
CA THR A 92 10.95 7.23 5.08
C THR A 92 11.10 6.88 3.61
N ALA A 93 11.14 5.59 3.36
CA ALA A 93 11.28 5.04 2.02
C ALA A 93 10.84 3.61 2.06
N LEU A 94 10.09 3.17 1.08
CA LEU A 94 9.63 1.82 1.01
C LEU A 94 10.81 0.92 0.65
N PRO A 95 11.12 -0.02 1.54
CA PRO A 95 12.23 -0.94 1.38
C PRO A 95 12.15 -1.74 0.09
N SER A 96 13.22 -1.70 -0.68
CA SER A 96 13.33 -2.42 -1.94
C SER A 96 13.26 -3.95 -1.68
N SER A 97 13.56 -4.34 -0.46
CA SER A 97 13.47 -5.70 -0.01
C SER A 97 11.98 -6.17 -0.09
N ILE A 98 11.07 -5.23 0.08
CA ILE A 98 9.63 -5.44 -0.01
C ILE A 98 9.20 -5.31 -1.46
N MET A 99 9.75 -4.29 -2.09
CA MET A 99 9.41 -3.88 -3.46
C MET A 99 9.51 -4.98 -4.51
N PHE A 100 10.50 -5.80 -4.40
CA PHE A 100 10.68 -6.84 -5.39
C PHE A 100 10.00 -8.13 -4.98
N ASP A 101 8.81 -8.01 -4.47
CA ASP A 101 8.03 -9.17 -4.14
C ASP A 101 7.47 -9.74 -5.40
N GLU A 102 7.64 -11.01 -5.53
CA GLU A 102 7.28 -11.77 -6.69
C GLU A 102 5.80 -11.67 -7.09
N THR A 103 4.93 -11.49 -6.14
CA THR A 103 3.52 -11.33 -6.46
C THR A 103 3.21 -9.94 -6.98
N LEU A 104 3.96 -8.97 -6.52
CA LEU A 104 3.69 -7.58 -6.86
C LEU A 104 4.23 -7.20 -8.22
N LEU A 105 5.14 -8.02 -8.73
CA LEU A 105 5.77 -7.81 -9.98
C LEU A 105 4.75 -7.79 -11.13
N SER A 106 3.77 -8.65 -11.04
CA SER A 106 2.75 -8.70 -12.04
C SER A 106 1.71 -7.63 -11.73
CA CA B . 1.06 4.18 -9.21
N GLY A 3 12.26 -3.20 22.58
CA GLY A 3 11.53 -3.69 21.42
C GLY A 3 12.43 -4.48 20.53
N ASN A 4 11.88 -5.15 19.56
CA ASN A 4 12.66 -5.96 18.65
C ASN A 4 12.26 -5.66 17.24
N ASN A 5 13.21 -5.28 16.47
CA ASN A 5 13.00 -4.90 15.10
C ASN A 5 14.30 -4.93 14.36
N GLN A 6 14.22 -5.09 13.08
CA GLN A 6 15.34 -5.01 12.21
C GLN A 6 14.95 -4.09 11.10
N PRO A 7 15.90 -3.41 10.45
CA PRO A 7 15.61 -2.50 9.34
C PRO A 7 14.56 -3.00 8.29
N PRO A 8 14.76 -4.19 7.70
CA PRO A 8 13.83 -4.78 6.76
C PRO A 8 12.60 -5.34 7.43
N TRP A 9 11.59 -5.43 6.66
CA TRP A 9 10.30 -5.82 7.11
C TRP A 9 10.00 -7.21 6.62
N PRO A 10 9.07 -7.93 7.29
CA PRO A 10 8.60 -9.23 6.84
C PRO A 10 8.03 -9.09 5.45
N LYS A 11 8.47 -9.94 4.55
CA LYS A 11 8.05 -9.84 3.16
C LYS A 11 6.55 -10.04 3.07
N MET A 12 5.95 -9.32 2.17
CA MET A 12 4.52 -9.40 1.96
C MET A 12 4.25 -10.78 1.38
N LYS A 13 3.50 -11.58 2.11
CA LYS A 13 3.29 -12.96 1.73
C LYS A 13 2.42 -13.03 0.51
N PRO A 14 2.50 -14.10 -0.28
CA PRO A 14 1.57 -14.29 -1.39
C PRO A 14 0.15 -14.18 -0.86
N SER A 15 -0.12 -14.81 0.28
CA SER A 15 -1.42 -14.77 0.93
C SER A 15 -1.82 -13.33 1.34
N ASP A 16 -0.83 -12.52 1.80
CA ASP A 16 -1.14 -11.11 2.12
C ASP A 16 -1.54 -10.38 0.87
N VAL A 17 -0.75 -10.56 -0.17
CA VAL A 17 -1.01 -9.90 -1.42
C VAL A 17 -2.38 -10.32 -1.95
N GLN A 18 -2.67 -11.60 -1.86
CA GLN A 18 -3.94 -12.16 -2.27
C GLN A 18 -5.11 -11.56 -1.50
N LYS A 19 -4.93 -11.37 -0.20
CA LYS A 19 -5.98 -10.81 0.63
C LYS A 19 -6.18 -9.34 0.29
N TYR A 20 -5.09 -8.67 -0.09
CA TYR A 20 -5.15 -7.27 -0.48
C TYR A 20 -5.80 -7.13 -1.85
N THR A 21 -5.42 -8.04 -2.74
CA THR A 21 -5.89 -8.07 -4.11
C THR A 21 -7.42 -8.23 -4.22
N LYS A 22 -8.02 -8.98 -3.29
CA LYS A 22 -9.45 -9.21 -3.34
C LYS A 22 -10.19 -7.91 -3.06
N VAL A 23 -9.64 -7.20 -2.13
CA VAL A 23 -10.11 -5.90 -1.72
C VAL A 23 -9.94 -4.90 -2.86
N PHE A 24 -8.91 -5.12 -3.66
CA PHE A 24 -8.61 -4.22 -4.77
C PHE A 24 -9.72 -4.28 -5.79
N MET A 25 -10.27 -5.45 -5.95
CA MET A 25 -11.35 -5.69 -6.91
C MET A 25 -12.60 -4.97 -6.47
N GLU A 26 -12.67 -4.76 -5.19
CA GLU A 26 -13.76 -4.02 -4.59
C GLU A 26 -13.56 -2.51 -4.80
N VAL A 27 -12.35 -2.04 -4.61
CA VAL A 27 -12.03 -0.61 -4.70
C VAL A 27 -11.90 -0.16 -6.18
N ASP A 28 -11.44 -1.06 -7.04
CA ASP A 28 -11.27 -0.80 -8.49
C ASP A 28 -12.61 -0.75 -9.19
N SER A 29 -13.33 0.29 -8.87
CA SER A 29 -14.61 0.55 -9.43
C SER A 29 -14.43 1.19 -10.80
N ASP A 30 -13.22 1.67 -11.07
CA ASP A 30 -12.93 2.31 -12.33
C ASP A 30 -12.51 1.30 -13.38
N LYS A 31 -12.27 0.07 -12.88
CA LYS A 31 -11.90 -1.12 -13.66
C LYS A 31 -10.70 -0.83 -14.51
N ASP A 32 -9.71 -0.23 -13.93
CA ASP A 32 -8.58 0.21 -14.72
C ASP A 32 -7.33 -0.60 -14.37
N GLY A 33 -7.40 -1.34 -13.29
CA GLY A 33 -6.23 -2.10 -12.84
C GLY A 33 -5.46 -1.29 -11.83
N LYS A 34 -5.98 -0.12 -11.60
CA LYS A 34 -5.54 0.81 -10.64
C LYS A 34 -6.68 1.63 -10.21
N ILE A 35 -6.57 2.12 -9.06
CA ILE A 35 -7.60 2.90 -8.44
C ILE A 35 -7.19 4.31 -8.38
N THR A 36 -8.14 5.17 -8.36
CA THR A 36 -7.85 6.56 -8.38
C THR A 36 -7.46 7.03 -6.98
N GLY A 37 -6.87 8.18 -6.87
CA GLY A 37 -6.48 8.72 -5.59
C GLY A 37 -7.62 8.77 -4.61
N GLU A 38 -8.77 9.15 -5.13
CA GLU A 38 -9.95 9.30 -4.32
C GLU A 38 -10.39 7.95 -3.75
N GLN A 39 -10.40 6.93 -4.61
CA GLN A 39 -10.81 5.57 -4.23
C GLN A 39 -9.93 5.06 -3.10
N ALA A 40 -8.64 5.26 -3.28
CA ALA A 40 -7.64 4.83 -2.32
C ALA A 40 -7.82 5.53 -0.99
N ARG A 41 -7.93 6.87 -1.03
CA ARG A 41 -8.07 7.63 0.20
C ARG A 41 -9.32 7.26 0.93
N ASN A 42 -10.43 7.13 0.20
CA ASN A 42 -11.72 6.75 0.81
C ASN A 42 -11.63 5.41 1.52
N LEU A 43 -10.85 4.50 0.97
CA LEU A 43 -10.63 3.22 1.59
C LEU A 43 -9.92 3.41 2.92
N PHE A 44 -8.82 4.15 2.89
CA PHE A 44 -7.98 4.37 4.08
C PHE A 44 -8.74 5.21 5.11
N LEU A 45 -9.58 6.13 4.60
CA LEU A 45 -10.45 6.99 5.42
C LEU A 45 -11.44 6.18 6.22
N SER A 46 -11.80 5.02 5.70
CA SER A 46 -12.70 4.14 6.36
C SER A 46 -12.03 3.52 7.60
N TRP A 47 -10.69 3.56 7.62
CA TRP A 47 -9.91 3.04 8.73
C TRP A 47 -9.54 4.20 9.64
N ARG A 48 -10.03 5.38 9.26
CA ARG A 48 -9.84 6.66 9.93
C ARG A 48 -8.38 7.07 10.05
N LEU A 49 -7.67 6.96 8.96
CA LEU A 49 -6.33 7.43 8.91
C LEU A 49 -6.32 8.92 8.62
N PRO A 50 -5.40 9.64 9.27
CA PRO A 50 -5.24 11.08 9.12
C PRO A 50 -4.75 11.42 7.75
N ARG A 51 -5.02 12.64 7.38
CA ARG A 51 -4.69 13.20 6.07
C ARG A 51 -3.20 13.14 5.80
N GLU A 52 -2.43 13.31 6.84
CA GLU A 52 -1.00 13.18 6.76
C GLU A 52 -0.53 11.72 6.67
N VAL A 53 -1.32 10.78 7.20
CA VAL A 53 -0.88 9.38 7.20
C VAL A 53 -1.25 8.83 5.86
N LEU A 54 -2.39 9.29 5.43
CA LEU A 54 -2.94 9.03 4.15
C LEU A 54 -1.95 9.35 3.04
N LYS A 55 -1.43 10.57 3.05
CA LYS A 55 -0.49 10.97 2.04
C LYS A 55 0.84 10.27 2.20
N HIS A 56 1.20 9.93 3.44
CA HIS A 56 2.46 9.25 3.71
C HIS A 56 2.38 7.82 3.16
N VAL A 57 1.25 7.17 3.36
CA VAL A 57 1.03 5.83 2.83
C VAL A 57 1.07 5.87 1.31
N TRP A 58 0.48 6.91 0.74
CA TRP A 58 0.48 7.12 -0.70
C TRP A 58 1.90 7.19 -1.22
N GLU A 59 2.71 7.99 -0.55
CA GLU A 59 4.12 8.19 -0.87
C GLU A 59 4.89 6.89 -0.95
N LEU A 60 4.58 6.00 -0.05
CA LEU A 60 5.27 4.74 0.01
C LEU A 60 4.72 3.76 -1.00
N SER A 61 3.44 3.85 -1.27
CA SER A 61 2.80 2.94 -2.17
C SER A 61 3.03 3.32 -3.64
N ASP A 62 2.74 4.56 -4.00
CA ASP A 62 2.90 5.00 -5.38
C ASP A 62 4.30 5.50 -5.61
N GLN A 63 5.12 4.55 -5.82
CA GLN A 63 6.55 4.72 -6.17
C GLN A 63 6.66 5.09 -7.62
N ASP A 64 5.63 4.77 -8.30
CA ASP A 64 5.48 4.91 -9.71
C ASP A 64 5.15 6.37 -10.10
N ASN A 65 5.04 7.23 -9.07
CA ASN A 65 4.80 8.70 -9.19
C ASN A 65 3.63 9.06 -10.06
N ASP A 66 2.75 8.16 -10.14
CA ASP A 66 1.57 8.25 -10.95
C ASP A 66 0.33 8.41 -10.05
N THR A 67 -0.55 9.28 -10.44
CA THR A 67 -1.68 9.70 -9.65
C THR A 67 -2.62 8.55 -9.12
N MET A 68 -2.49 7.35 -9.66
CA MET A 68 -3.37 6.26 -9.29
C MET A 68 -2.64 5.14 -8.54
N LEU A 69 -3.32 4.46 -7.62
CA LEU A 69 -2.69 3.34 -6.95
C LEU A 69 -2.97 2.08 -7.68
N SER A 70 -1.95 1.50 -8.19
CA SER A 70 -2.06 0.31 -8.95
C SER A 70 -2.09 -0.89 -7.97
N LEU A 71 -2.44 -2.09 -8.44
CA LEU A 71 -2.57 -3.29 -7.59
C LEU A 71 -1.37 -3.52 -6.65
N ARG A 72 -0.17 -3.51 -7.24
CA ARG A 72 1.07 -3.72 -6.51
C ARG A 72 1.24 -2.67 -5.40
N GLU A 73 0.85 -1.45 -5.70
CA GLU A 73 1.00 -0.31 -4.83
C GLU A 73 -0.06 -0.38 -3.73
N PHE A 74 -1.25 -0.78 -4.12
CA PHE A 74 -2.40 -0.92 -3.26
C PHE A 74 -2.13 -1.96 -2.16
N CYS A 75 -1.46 -3.03 -2.54
CA CYS A 75 -1.10 -4.07 -1.58
C CYS A 75 -0.15 -3.48 -0.54
N ILE A 76 0.71 -2.59 -0.99
CA ILE A 76 1.64 -1.88 -0.12
C ILE A 76 0.86 -1.01 0.85
N SER A 77 -0.14 -0.31 0.32
CA SER A 77 -0.97 0.61 1.09
C SER A 77 -1.62 -0.12 2.25
N LEU A 78 -2.19 -1.26 1.98
CA LEU A 78 -2.87 -2.04 2.97
C LEU A 78 -1.88 -2.66 3.95
N TYR A 79 -0.73 -3.09 3.43
CA TYR A 79 0.33 -3.62 4.26
C TYR A 79 0.77 -2.58 5.27
N LEU A 80 1.00 -1.38 4.77
CA LEU A 80 1.41 -0.26 5.59
C LEU A 80 0.33 0.10 6.58
N MET A 81 -0.93 0.11 6.13
CA MET A 81 -2.04 0.37 7.01
C MET A 81 -2.07 -0.60 8.16
N GLU A 82 -1.92 -1.90 7.87
CA GLU A 82 -1.87 -2.88 8.94
C GLU A 82 -0.76 -2.58 9.91
N ARG A 83 0.45 -2.41 9.39
CA ARG A 83 1.64 -2.26 10.25
C ARG A 83 1.57 -1.01 11.11
N TYR A 84 0.99 0.05 10.55
CA TYR A 84 0.78 1.29 11.27
C TYR A 84 -0.10 1.04 12.50
N ARG A 85 -1.20 0.32 12.28
CA ARG A 85 -2.15 -0.01 13.35
C ARG A 85 -1.50 -0.88 14.39
N GLU A 86 -0.67 -1.78 13.91
CA GLU A 86 -0.02 -2.77 14.76
C GLU A 86 1.09 -2.13 15.62
N GLY A 87 1.42 -0.89 15.34
CA GLY A 87 2.37 -0.18 16.16
C GLY A 87 3.74 -0.05 15.55
N ARG A 88 3.86 -0.33 14.28
CA ARG A 88 5.14 -0.17 13.62
C ARG A 88 5.09 1.11 12.77
N PRO A 89 6.09 2.01 12.94
CA PRO A 89 6.15 3.29 12.21
C PRO A 89 6.31 3.11 10.70
N LEU A 90 5.73 4.03 9.96
CA LEU A 90 5.77 4.01 8.53
C LEU A 90 7.09 4.53 8.03
N PRO A 91 7.71 3.80 7.09
CA PRO A 91 9.00 4.14 6.49
C PRO A 91 9.02 5.51 5.87
N THR A 92 10.15 6.10 5.92
CA THR A 92 10.40 7.34 5.28
C THR A 92 10.72 7.05 3.81
N ALA A 93 11.03 5.79 3.57
CA ALA A 93 11.33 5.26 2.27
C ALA A 93 10.99 3.79 2.32
N LEU A 94 10.19 3.34 1.40
CA LEU A 94 9.74 1.99 1.40
C LEU A 94 10.85 1.08 0.90
N PRO A 95 11.14 0.04 1.66
CA PRO A 95 12.14 -0.96 1.31
C PRO A 95 11.86 -1.59 -0.03
N SER A 96 12.88 -1.63 -0.87
CA SER A 96 12.80 -2.17 -2.21
C SER A 96 12.46 -3.66 -2.19
N SER A 97 12.78 -4.31 -1.09
CA SER A 97 12.49 -5.70 -0.89
C SER A 97 10.97 -5.96 -0.76
N ILE A 98 10.25 -4.93 -0.35
CA ILE A 98 8.81 -5.02 -0.21
C ILE A 98 8.15 -4.83 -1.56
N MET A 99 8.56 -3.79 -2.23
CA MET A 99 7.94 -3.41 -3.52
C MET A 99 8.36 -4.31 -4.67
N PHE A 100 9.55 -4.85 -4.61
CA PHE A 100 10.02 -5.71 -5.64
C PHE A 100 10.00 -7.14 -5.22
N ASP A 101 9.05 -7.44 -4.39
CA ASP A 101 8.81 -8.81 -4.02
C ASP A 101 8.03 -9.42 -5.14
N GLU A 102 8.35 -10.67 -5.41
CA GLU A 102 7.80 -11.43 -6.52
C GLU A 102 6.27 -11.45 -6.56
N THR A 103 5.65 -11.28 -5.42
CA THR A 103 4.22 -11.29 -5.34
C THR A 103 3.64 -10.00 -5.92
N LEU A 104 4.36 -8.89 -5.78
CA LEU A 104 3.86 -7.62 -6.26
C LEU A 104 4.09 -7.45 -7.74
N LEU A 105 4.98 -8.25 -8.28
CA LEU A 105 5.25 -8.28 -9.66
C LEU A 105 4.09 -8.96 -10.37
N SER A 106 3.48 -9.92 -9.67
CA SER A 106 2.35 -10.70 -10.11
C SER A 106 2.51 -11.27 -11.54
CA CA B . 0.67 4.09 -9.56
N GLY A 3 18.39 6.55 0.99
CA GLY A 3 19.13 6.22 2.19
C GLY A 3 18.41 5.14 2.95
N ASN A 4 18.93 4.74 4.07
CA ASN A 4 18.26 3.74 4.88
C ASN A 4 18.35 4.11 6.34
N ASN A 5 17.21 4.26 6.94
CA ASN A 5 17.10 4.55 8.35
C ASN A 5 15.95 3.76 8.91
N GLN A 6 15.74 2.63 8.30
CA GLN A 6 14.73 1.72 8.69
C GLN A 6 15.30 0.32 8.55
N PRO A 7 15.12 -0.51 9.56
CA PRO A 7 15.52 -1.90 9.51
C PRO A 7 14.55 -2.66 8.60
N PRO A 8 15.01 -3.77 7.98
CA PRO A 8 14.21 -4.51 6.99
C PRO A 8 13.00 -5.16 7.57
N TRP A 9 12.00 -5.19 6.78
CA TRP A 9 10.70 -5.67 7.15
C TRP A 9 10.47 -7.05 6.56
N PRO A 10 9.64 -7.88 7.22
CA PRO A 10 9.27 -9.16 6.67
C PRO A 10 8.42 -8.94 5.45
N LYS A 11 8.77 -9.59 4.39
CA LYS A 11 8.12 -9.39 3.13
C LYS A 11 6.67 -9.82 3.16
N MET A 12 5.94 -9.38 2.17
CA MET A 12 4.53 -9.56 2.09
C MET A 12 4.22 -10.95 1.58
N LYS A 13 3.44 -11.65 2.36
CA LYS A 13 3.00 -13.00 2.06
C LYS A 13 2.19 -13.02 0.80
N PRO A 14 2.31 -14.06 -0.03
CA PRO A 14 1.46 -14.21 -1.21
C PRO A 14 0.00 -14.18 -0.80
N SER A 15 -0.31 -14.88 0.27
CA SER A 15 -1.63 -14.96 0.82
C SER A 15 -2.09 -13.60 1.35
N ASP A 16 -1.15 -12.86 1.97
CA ASP A 16 -1.42 -11.52 2.47
C ASP A 16 -1.73 -10.58 1.29
N VAL A 17 -0.95 -10.74 0.21
CA VAL A 17 -1.13 -9.97 -1.02
C VAL A 17 -2.49 -10.29 -1.62
N GLN A 18 -2.86 -11.55 -1.56
CA GLN A 18 -4.13 -12.01 -2.10
C GLN A 18 -5.31 -11.37 -1.40
N LYS A 19 -5.22 -11.18 -0.08
CA LYS A 19 -6.32 -10.56 0.61
C LYS A 19 -6.39 -9.09 0.23
N TYR A 20 -5.25 -8.51 -0.06
CA TYR A 20 -5.21 -7.14 -0.53
C TYR A 20 -5.78 -7.08 -1.94
N THR A 21 -5.38 -8.01 -2.76
CA THR A 21 -5.81 -8.11 -4.15
C THR A 21 -7.34 -8.30 -4.27
N LYS A 22 -7.93 -9.06 -3.36
CA LYS A 22 -9.38 -9.32 -3.37
C LYS A 22 -10.13 -8.02 -3.16
N VAL A 23 -9.61 -7.25 -2.25
CA VAL A 23 -10.13 -5.95 -1.89
C VAL A 23 -9.92 -4.97 -3.03
N PHE A 24 -8.84 -5.17 -3.78
CA PHE A 24 -8.48 -4.27 -4.87
C PHE A 24 -9.57 -4.28 -5.91
N MET A 25 -10.07 -5.45 -6.16
CA MET A 25 -11.13 -5.69 -7.15
C MET A 25 -12.41 -5.01 -6.73
N GLU A 26 -12.56 -4.88 -5.43
CA GLU A 26 -13.74 -4.23 -4.84
C GLU A 26 -13.61 -2.72 -4.91
N VAL A 27 -12.39 -2.23 -4.85
CA VAL A 27 -12.14 -0.79 -4.89
C VAL A 27 -12.06 -0.31 -6.35
N ASP A 28 -11.71 -1.23 -7.24
CA ASP A 28 -11.60 -0.95 -8.68
C ASP A 28 -12.96 -0.70 -9.33
N SER A 29 -13.54 0.38 -8.94
CA SER A 29 -14.75 0.88 -9.51
C SER A 29 -14.38 1.63 -10.79
N ASP A 30 -13.10 1.96 -10.90
CA ASP A 30 -12.61 2.77 -12.00
C ASP A 30 -12.24 1.90 -13.17
N LYS A 31 -12.20 0.57 -12.97
CA LYS A 31 -11.99 -0.41 -14.04
C LYS A 31 -10.87 -0.01 -14.98
N ASP A 32 -9.72 0.26 -14.39
CA ASP A 32 -8.56 0.68 -15.15
C ASP A 32 -7.37 -0.24 -14.89
N GLY A 33 -7.50 -1.07 -13.87
CA GLY A 33 -6.40 -1.93 -13.46
C GLY A 33 -5.67 -1.31 -12.31
N LYS A 34 -6.09 -0.13 -12.00
CA LYS A 34 -5.63 0.67 -10.93
C LYS A 34 -6.74 1.52 -10.49
N ILE A 35 -6.65 1.94 -9.30
CA ILE A 35 -7.65 2.72 -8.67
C ILE A 35 -7.21 4.13 -8.57
N THR A 36 -8.16 4.99 -8.57
CA THR A 36 -7.91 6.39 -8.52
C THR A 36 -7.53 6.82 -7.11
N GLY A 37 -6.85 7.94 -6.99
CA GLY A 37 -6.45 8.45 -5.68
C GLY A 37 -7.62 8.54 -4.72
N GLU A 38 -8.76 8.92 -5.28
CA GLU A 38 -9.98 9.07 -4.53
C GLU A 38 -10.40 7.73 -3.90
N GLN A 39 -10.45 6.68 -4.72
CA GLN A 39 -10.91 5.35 -4.27
C GLN A 39 -10.00 4.84 -3.20
N ALA A 40 -8.72 5.06 -3.41
CA ALA A 40 -7.70 4.62 -2.49
C ALA A 40 -7.87 5.30 -1.16
N ARG A 41 -7.96 6.62 -1.17
CA ARG A 41 -8.11 7.34 0.07
C ARG A 41 -9.40 7.07 0.78
N ASN A 42 -10.48 6.91 0.03
CA ASN A 42 -11.78 6.57 0.64
C ASN A 42 -11.71 5.23 1.36
N LEU A 43 -10.89 4.35 0.85
CA LEU A 43 -10.63 3.05 1.46
C LEU A 43 -9.88 3.23 2.77
N PHE A 44 -8.89 4.10 2.77
CA PHE A 44 -8.06 4.30 3.96
C PHE A 44 -8.84 5.13 5.00
N LEU A 45 -9.73 5.97 4.49
CA LEU A 45 -10.58 6.84 5.32
C LEU A 45 -11.50 6.05 6.23
N SER A 46 -11.95 4.90 5.76
CA SER A 46 -12.81 4.05 6.57
C SER A 46 -11.99 3.38 7.68
N TRP A 47 -10.68 3.41 7.53
CA TRP A 47 -9.77 2.89 8.53
C TRP A 47 -9.37 4.01 9.51
N ARG A 48 -10.04 5.16 9.40
CA ARG A 48 -9.83 6.32 10.29
C ARG A 48 -8.39 6.86 10.23
N LEU A 49 -7.76 6.74 9.08
CA LEU A 49 -6.40 7.18 8.94
C LEU A 49 -6.30 8.68 8.74
N PRO A 50 -5.28 9.30 9.37
CA PRO A 50 -5.00 10.73 9.30
C PRO A 50 -4.53 11.13 7.95
N ARG A 51 -4.69 12.39 7.67
CA ARG A 51 -4.35 13.00 6.40
C ARG A 51 -2.86 12.87 6.15
N GLU A 52 -2.10 12.93 7.23
CA GLU A 52 -0.66 12.73 7.18
C GLU A 52 -0.30 11.29 6.83
N VAL A 53 -1.14 10.34 7.23
CA VAL A 53 -0.81 8.94 7.02
C VAL A 53 -1.24 8.60 5.66
N LEU A 54 -2.35 9.15 5.32
CA LEU A 54 -2.94 9.07 4.05
C LEU A 54 -1.98 9.55 2.95
N LYS A 55 -1.32 10.66 3.18
CA LYS A 55 -0.36 11.14 2.22
C LYS A 55 0.90 10.30 2.27
N HIS A 56 1.34 9.94 3.48
CA HIS A 56 2.60 9.22 3.66
C HIS A 56 2.51 7.79 3.09
N VAL A 57 1.41 7.09 3.34
CA VAL A 57 1.20 5.74 2.80
C VAL A 57 1.20 5.81 1.30
N TRP A 58 0.58 6.85 0.79
CA TRP A 58 0.50 7.09 -0.62
C TRP A 58 1.91 7.27 -1.18
N GLU A 59 2.66 8.17 -0.59
CA GLU A 59 4.02 8.50 -0.97
C GLU A 59 4.94 7.28 -0.94
N LEU A 60 4.64 6.32 -0.10
CA LEU A 60 5.41 5.10 -0.06
C LEU A 60 4.97 4.13 -1.15
N SER A 61 3.67 3.90 -1.21
CA SER A 61 3.10 2.93 -2.14
C SER A 61 3.22 3.37 -3.60
N ASP A 62 2.78 4.58 -3.88
CA ASP A 62 2.79 5.11 -5.22
C ASP A 62 4.13 5.65 -5.59
N GLN A 63 4.92 4.77 -6.07
CA GLN A 63 6.27 5.02 -6.50
C GLN A 63 6.30 5.90 -7.74
N ASP A 64 5.27 5.81 -8.55
CA ASP A 64 5.21 6.54 -9.86
C ASP A 64 4.90 8.00 -9.68
N ASN A 65 4.52 8.38 -8.45
CA ASN A 65 3.99 9.71 -8.09
C ASN A 65 2.84 10.12 -8.98
N ASP A 66 2.09 9.13 -9.34
CA ASP A 66 0.94 9.23 -10.20
C ASP A 66 -0.29 9.02 -9.34
N THR A 67 -1.33 9.73 -9.64
CA THR A 67 -2.55 9.77 -8.90
C THR A 67 -3.23 8.39 -8.69
N MET A 68 -2.84 7.38 -9.43
CA MET A 68 -3.49 6.11 -9.31
C MET A 68 -2.65 5.04 -8.62
N LEU A 69 -3.33 4.24 -7.77
CA LEU A 69 -2.65 3.15 -7.11
C LEU A 69 -2.86 1.91 -7.88
N SER A 70 -1.79 1.37 -8.33
CA SER A 70 -1.81 0.19 -9.11
C SER A 70 -1.85 -1.03 -8.12
N LEU A 71 -2.08 -2.24 -8.62
CA LEU A 71 -2.25 -3.45 -7.78
C LEU A 71 -1.11 -3.64 -6.77
N ARG A 72 0.12 -3.57 -7.27
CA ARG A 72 1.31 -3.73 -6.46
C ARG A 72 1.33 -2.70 -5.31
N GLU A 73 0.89 -1.48 -5.62
CA GLU A 73 0.96 -0.35 -4.72
C GLU A 73 -0.11 -0.46 -3.67
N PHE A 74 -1.28 -0.90 -4.11
CA PHE A 74 -2.44 -1.08 -3.24
C PHE A 74 -2.12 -2.06 -2.12
N CYS A 75 -1.44 -3.14 -2.48
CA CYS A 75 -1.05 -4.15 -1.51
C CYS A 75 -0.06 -3.55 -0.51
N ILE A 76 0.83 -2.71 -1.02
CA ILE A 76 1.81 -2.00 -0.21
C ILE A 76 1.11 -1.08 0.78
N SER A 77 0.09 -0.39 0.30
CA SER A 77 -0.66 0.55 1.09
C SER A 77 -1.27 -0.13 2.29
N LEU A 78 -1.99 -1.20 2.04
CA LEU A 78 -2.68 -1.92 3.07
C LEU A 78 -1.71 -2.57 4.04
N TYR A 79 -0.57 -3.01 3.53
CA TYR A 79 0.49 -3.58 4.36
C TYR A 79 0.96 -2.52 5.37
N LEU A 80 1.29 -1.34 4.85
CA LEU A 80 1.76 -0.23 5.66
C LEU A 80 0.69 0.19 6.65
N MET A 81 -0.55 0.25 6.17
CA MET A 81 -1.69 0.61 6.97
C MET A 81 -1.89 -0.35 8.12
N GLU A 82 -1.79 -1.66 7.86
CA GLU A 82 -1.90 -2.64 8.93
C GLU A 82 -0.79 -2.49 9.93
N ARG A 83 0.41 -2.25 9.45
CA ARG A 83 1.56 -2.12 10.34
C ARG A 83 1.48 -0.83 11.17
N TYR A 84 0.90 0.20 10.57
CA TYR A 84 0.64 1.46 11.28
C TYR A 84 -0.30 1.18 12.46
N ARG A 85 -1.36 0.45 12.17
CA ARG A 85 -2.36 0.03 13.18
C ARG A 85 -1.70 -0.76 14.29
N GLU A 86 -0.72 -1.54 13.90
CA GLU A 86 0.04 -2.38 14.83
C GLU A 86 1.01 -1.53 15.66
N GLY A 87 1.23 -0.31 15.24
CA GLY A 87 2.05 0.59 15.99
C GLY A 87 3.45 0.75 15.42
N ARG A 88 3.64 0.44 14.17
CA ARG A 88 4.94 0.65 13.57
C ARG A 88 4.90 1.87 12.65
N PRO A 89 5.84 2.83 12.85
CA PRO A 89 5.92 4.07 12.05
C PRO A 89 6.17 3.80 10.58
N LEU A 90 5.61 4.65 9.74
CA LEU A 90 5.73 4.53 8.32
C LEU A 90 7.12 4.96 7.88
N PRO A 91 7.82 4.09 7.13
CA PRO A 91 9.17 4.33 6.63
C PRO A 91 9.34 5.61 5.87
N THR A 92 10.54 6.08 5.90
CA THR A 92 10.95 7.22 5.15
C THR A 92 11.17 6.84 3.70
N ALA A 93 11.31 5.55 3.48
CA ALA A 93 11.54 4.98 2.18
C ALA A 93 11.03 3.57 2.19
N LEU A 94 10.35 3.15 1.14
CA LEU A 94 9.80 1.85 1.07
C LEU A 94 10.87 0.84 0.62
N PRO A 95 11.15 -0.14 1.49
CA PRO A 95 12.12 -1.22 1.25
C PRO A 95 11.84 -1.96 -0.07
N SER A 96 12.91 -2.16 -0.81
CA SER A 96 12.88 -2.77 -2.12
C SER A 96 12.44 -4.23 -2.07
N SER A 97 12.80 -4.91 -0.99
CA SER A 97 12.44 -6.32 -0.76
C SER A 97 10.92 -6.47 -0.61
N ILE A 98 10.26 -5.39 -0.29
CA ILE A 98 8.83 -5.36 -0.13
C ILE A 98 8.15 -5.27 -1.49
N MET A 99 8.63 -4.35 -2.28
CA MET A 99 8.01 -4.06 -3.60
C MET A 99 8.47 -5.01 -4.71
N PHE A 100 9.69 -5.52 -4.61
CA PHE A 100 10.22 -6.38 -5.63
C PHE A 100 10.10 -7.82 -5.28
N ASP A 101 9.15 -8.12 -4.44
CA ASP A 101 8.87 -9.48 -4.12
C ASP A 101 7.93 -10.02 -5.15
N GLU A 102 8.11 -11.30 -5.45
CA GLU A 102 7.41 -12.05 -6.49
C GLU A 102 5.90 -11.91 -6.43
N THR A 103 5.39 -11.65 -5.26
CA THR A 103 3.98 -11.55 -5.05
C THR A 103 3.40 -10.25 -5.60
N LEU A 104 4.22 -9.21 -5.69
CA LEU A 104 3.76 -7.93 -6.20
C LEU A 104 4.05 -7.82 -7.69
N LEU A 105 5.09 -8.50 -8.11
CA LEU A 105 5.52 -8.50 -9.46
C LEU A 105 4.57 -9.32 -10.33
N SER A 106 4.07 -10.39 -9.78
CA SER A 106 3.17 -11.24 -10.49
C SER A 106 1.73 -10.79 -10.20
CA CA B . 0.92 4.28 -9.30
N GLY A 3 24.15 7.39 5.59
CA GLY A 3 22.76 7.23 5.23
C GLY A 3 21.96 6.78 6.41
N ASN A 4 20.67 6.70 6.26
CA ASN A 4 19.79 6.25 7.31
C ASN A 4 19.13 4.96 6.89
N ASN A 5 19.65 3.87 7.39
CA ASN A 5 19.17 2.54 7.07
C ASN A 5 18.03 2.18 7.99
N GLN A 6 17.01 1.62 7.43
CA GLN A 6 15.87 1.20 8.16
C GLN A 6 15.89 -0.32 8.26
N PRO A 7 15.50 -0.85 9.42
CA PRO A 7 15.43 -2.28 9.64
C PRO A 7 14.43 -2.93 8.68
N PRO A 8 14.73 -4.13 8.20
CA PRO A 8 13.94 -4.78 7.19
C PRO A 8 12.68 -5.37 7.70
N TRP A 9 11.72 -5.27 6.86
CA TRP A 9 10.40 -5.69 7.13
C TRP A 9 10.19 -7.04 6.52
N PRO A 10 9.27 -7.83 7.08
CA PRO A 10 8.85 -9.08 6.48
C PRO A 10 8.17 -8.75 5.18
N LYS A 11 8.45 -9.50 4.17
CA LYS A 11 7.96 -9.18 2.87
C LYS A 11 6.46 -9.47 2.80
N MET A 12 5.83 -8.93 1.81
CA MET A 12 4.41 -9.12 1.64
C MET A 12 4.23 -10.55 1.15
N LYS A 13 3.53 -11.37 1.92
CA LYS A 13 3.39 -12.75 1.57
C LYS A 13 2.33 -12.91 0.53
N PRO A 14 2.31 -14.00 -0.25
CA PRO A 14 1.25 -14.23 -1.24
C PRO A 14 -0.12 -14.06 -0.60
N SER A 15 -0.29 -14.61 0.60
CA SER A 15 -1.51 -14.49 1.34
C SER A 15 -1.81 -13.02 1.72
N ASP A 16 -0.76 -12.19 1.97
CA ASP A 16 -1.03 -10.76 2.22
C ASP A 16 -1.53 -10.12 0.96
N VAL A 17 -0.89 -10.48 -0.14
CA VAL A 17 -1.24 -9.91 -1.42
C VAL A 17 -2.65 -10.31 -1.80
N GLN A 18 -3.01 -11.56 -1.52
CA GLN A 18 -4.35 -12.09 -1.78
C GLN A 18 -5.39 -11.29 -0.99
N LYS A 19 -5.05 -10.97 0.24
CA LYS A 19 -5.84 -10.21 1.12
C LYS A 19 -6.09 -8.82 0.53
N TYR A 20 -5.05 -8.22 0.02
CA TYR A 20 -5.15 -6.90 -0.54
C TYR A 20 -5.84 -6.93 -1.92
N THR A 21 -5.54 -7.96 -2.69
CA THR A 21 -6.08 -8.14 -4.02
C THR A 21 -7.63 -8.28 -4.00
N LYS A 22 -8.15 -8.98 -2.99
CA LYS A 22 -9.59 -9.21 -2.88
C LYS A 22 -10.33 -7.89 -2.77
N VAL A 23 -9.77 -7.05 -1.96
CA VAL A 23 -10.28 -5.74 -1.66
C VAL A 23 -10.15 -4.86 -2.89
N PHE A 24 -9.11 -5.10 -3.67
CA PHE A 24 -8.79 -4.27 -4.81
C PHE A 24 -9.83 -4.41 -5.88
N MET A 25 -10.36 -5.60 -5.99
CA MET A 25 -11.40 -5.93 -6.95
C MET A 25 -12.63 -5.12 -6.69
N GLU A 26 -12.82 -4.79 -5.44
CA GLU A 26 -13.95 -4.00 -5.00
C GLU A 26 -13.74 -2.53 -5.33
N VAL A 27 -12.53 -2.06 -5.21
CA VAL A 27 -12.23 -0.64 -5.36
C VAL A 27 -11.93 -0.26 -6.85
N ASP A 28 -11.39 -1.20 -7.61
CA ASP A 28 -11.06 -1.00 -9.04
C ASP A 28 -12.31 -0.88 -9.90
N SER A 29 -12.84 0.31 -9.95
CA SER A 29 -13.93 0.64 -10.75
C SER A 29 -13.48 0.88 -12.18
N ASP A 30 -12.20 1.23 -12.35
CA ASP A 30 -11.69 1.62 -13.66
C ASP A 30 -11.43 0.39 -14.52
N LYS A 31 -11.50 -0.77 -13.86
CA LYS A 31 -11.35 -2.08 -14.47
C LYS A 31 -10.08 -2.25 -15.26
N ASP A 32 -9.06 -1.59 -14.82
CA ASP A 32 -7.76 -1.69 -15.47
C ASP A 32 -6.75 -2.22 -14.50
N GLY A 33 -7.09 -2.18 -13.24
CA GLY A 33 -6.16 -2.55 -12.24
C GLY A 33 -5.67 -1.32 -11.55
N LYS A 34 -6.45 -0.26 -11.65
CA LYS A 34 -6.12 0.98 -11.03
C LYS A 34 -7.28 1.51 -10.23
N ILE A 35 -6.94 2.31 -9.28
CA ILE A 35 -7.88 3.01 -8.46
C ILE A 35 -7.44 4.44 -8.41
N THR A 36 -8.37 5.31 -8.14
CA THR A 36 -8.08 6.70 -8.17
C THR A 36 -7.66 7.17 -6.80
N GLY A 37 -7.16 8.37 -6.71
CA GLY A 37 -6.75 8.93 -5.43
C GLY A 37 -7.87 8.94 -4.43
N GLU A 38 -9.04 9.35 -4.89
CA GLU A 38 -10.22 9.42 -4.07
C GLU A 38 -10.58 8.03 -3.55
N GLN A 39 -10.57 7.05 -4.46
CA GLN A 39 -10.88 5.65 -4.14
C GLN A 39 -9.97 5.12 -3.06
N ALA A 40 -8.70 5.39 -3.22
CA ALA A 40 -7.69 4.95 -2.29
C ALA A 40 -7.88 5.61 -0.94
N ARG A 41 -8.03 6.93 -0.93
CA ARG A 41 -8.19 7.65 0.32
C ARG A 41 -9.43 7.22 1.06
N ASN A 42 -10.51 6.98 0.33
CA ASN A 42 -11.78 6.51 0.93
C ASN A 42 -11.57 5.24 1.73
N LEU A 43 -10.77 4.35 1.19
CA LEU A 43 -10.46 3.09 1.82
C LEU A 43 -9.72 3.31 3.13
N PHE A 44 -8.69 4.14 3.06
CA PHE A 44 -7.83 4.38 4.20
C PHE A 44 -8.60 5.22 5.25
N LEU A 45 -9.51 6.06 4.76
CA LEU A 45 -10.39 6.87 5.61
C LEU A 45 -11.36 6.00 6.38
N SER A 46 -11.70 4.87 5.81
CA SER A 46 -12.56 3.91 6.49
C SER A 46 -11.78 3.27 7.65
N TRP A 47 -10.47 3.41 7.62
CA TRP A 47 -9.62 2.93 8.69
C TRP A 47 -9.28 4.08 9.64
N ARG A 48 -9.88 5.24 9.37
CA ARG A 48 -9.73 6.47 10.15
C ARG A 48 -8.27 6.95 10.20
N LEU A 49 -7.60 6.86 9.07
CA LEU A 49 -6.25 7.31 8.98
C LEU A 49 -6.19 8.82 8.74
N PRO A 50 -5.22 9.49 9.37
CA PRO A 50 -4.99 10.93 9.25
C PRO A 50 -4.46 11.25 7.90
N ARG A 51 -4.68 12.47 7.51
CA ARG A 51 -4.23 13.04 6.24
C ARG A 51 -2.74 12.94 6.13
N GLU A 52 -2.06 13.15 7.24
CA GLU A 52 -0.62 13.05 7.29
C GLU A 52 -0.14 11.60 7.08
N VAL A 53 -0.97 10.63 7.48
CA VAL A 53 -0.57 9.23 7.33
C VAL A 53 -0.92 8.82 5.94
N LEU A 54 -2.06 9.30 5.53
CA LEU A 54 -2.63 9.12 4.25
C LEU A 54 -1.68 9.49 3.13
N LYS A 55 -1.16 10.70 3.19
CA LYS A 55 -0.24 11.17 2.17
C LYS A 55 1.08 10.42 2.24
N HIS A 56 1.43 9.99 3.45
CA HIS A 56 2.68 9.28 3.68
C HIS A 56 2.58 7.87 3.09
N VAL A 57 1.46 7.19 3.33
CA VAL A 57 1.23 5.85 2.78
C VAL A 57 1.24 5.91 1.27
N TRP A 58 0.67 6.99 0.73
CA TRP A 58 0.64 7.20 -0.70
C TRP A 58 2.07 7.29 -1.23
N GLU A 59 2.89 8.11 -0.59
CA GLU A 59 4.30 8.31 -0.96
C GLU A 59 5.09 7.00 -1.01
N LEU A 60 4.74 6.08 -0.14
CA LEU A 60 5.43 4.82 -0.07
C LEU A 60 4.91 3.86 -1.13
N SER A 61 3.63 3.93 -1.41
CA SER A 61 3.01 3.02 -2.35
C SER A 61 3.15 3.53 -3.79
N ASP A 62 2.73 4.76 -4.01
CA ASP A 62 2.71 5.37 -5.32
C ASP A 62 4.05 5.91 -5.72
N GLN A 63 4.77 5.04 -6.30
CA GLN A 63 6.12 5.29 -6.77
C GLN A 63 6.14 6.16 -8.01
N ASP A 64 5.09 6.10 -8.77
CA ASP A 64 5.01 6.88 -10.04
C ASP A 64 4.72 8.33 -9.79
N ASN A 65 4.40 8.64 -8.53
CA ASN A 65 3.91 9.96 -8.09
C ASN A 65 2.74 10.43 -8.90
N ASP A 66 1.97 9.45 -9.30
CA ASP A 66 0.82 9.65 -10.14
C ASP A 66 -0.41 9.42 -9.29
N THR A 67 -1.43 10.14 -9.63
CA THR A 67 -2.69 10.19 -8.91
C THR A 67 -3.39 8.84 -8.73
N MET A 68 -2.97 7.83 -9.47
CA MET A 68 -3.62 6.56 -9.40
C MET A 68 -2.78 5.46 -8.73
N LEU A 69 -3.45 4.63 -7.92
CA LEU A 69 -2.78 3.51 -7.32
C LEU A 69 -3.12 2.27 -8.10
N SER A 70 -2.14 1.45 -8.30
CA SER A 70 -2.36 0.20 -8.98
C SER A 70 -2.40 -0.94 -7.98
N LEU A 71 -2.61 -2.17 -8.45
CA LEU A 71 -2.69 -3.35 -7.59
C LEU A 71 -1.47 -3.47 -6.69
N ARG A 72 -0.29 -3.35 -7.29
CA ARG A 72 0.98 -3.43 -6.59
C ARG A 72 1.03 -2.39 -5.43
N GLU A 73 0.62 -1.17 -5.74
CA GLU A 73 0.70 -0.05 -4.81
C GLU A 73 -0.36 -0.18 -3.73
N PHE A 74 -1.53 -0.64 -4.13
CA PHE A 74 -2.67 -0.85 -3.23
C PHE A 74 -2.31 -1.87 -2.16
N CYS A 75 -1.66 -2.94 -2.58
CA CYS A 75 -1.22 -3.97 -1.67
C CYS A 75 -0.23 -3.39 -0.68
N ILE A 76 0.63 -2.52 -1.17
CA ILE A 76 1.60 -1.85 -0.36
C ILE A 76 0.92 -0.95 0.66
N SER A 77 -0.07 -0.21 0.19
CA SER A 77 -0.78 0.74 1.04
C SER A 77 -1.38 0.03 2.23
N LEU A 78 -2.12 -1.02 1.96
CA LEU A 78 -2.79 -1.78 3.00
C LEU A 78 -1.79 -2.47 3.91
N TYR A 79 -0.68 -2.91 3.34
CA TYR A 79 0.38 -3.52 4.12
C TYR A 79 0.88 -2.54 5.17
N LEU A 80 1.21 -1.35 4.71
CA LEU A 80 1.72 -0.28 5.56
C LEU A 80 0.70 0.07 6.61
N MET A 81 -0.55 0.16 6.18
CA MET A 81 -1.65 0.49 7.04
C MET A 81 -1.85 -0.54 8.14
N GLU A 82 -1.72 -1.83 7.81
CA GLU A 82 -1.83 -2.85 8.83
C GLU A 82 -0.65 -2.76 9.80
N ARG A 83 0.55 -2.53 9.27
CA ARG A 83 1.76 -2.48 10.11
C ARG A 83 1.70 -1.28 11.04
N TYR A 84 1.18 -0.17 10.51
CA TYR A 84 0.97 1.04 11.26
C TYR A 84 0.08 0.79 12.47
N ARG A 85 -0.98 0.02 12.27
CA ARG A 85 -1.92 -0.27 13.34
C ARG A 85 -1.34 -1.23 14.35
N GLU A 86 -0.28 -1.85 13.98
CA GLU A 86 0.45 -2.74 14.87
C GLU A 86 1.53 -1.97 15.62
N GLY A 87 1.58 -0.68 15.38
CA GLY A 87 2.49 0.19 16.08
C GLY A 87 3.80 0.40 15.37
N ARG A 88 3.91 -0.12 14.16
CA ARG A 88 5.15 0.01 13.42
C ARG A 88 5.13 1.29 12.59
N PRO A 89 6.15 2.17 12.76
CA PRO A 89 6.21 3.45 12.05
C PRO A 89 6.40 3.28 10.54
N LEU A 90 5.81 4.19 9.79
CA LEU A 90 5.85 4.16 8.34
C LEU A 90 7.21 4.58 7.82
N PRO A 91 7.77 3.78 6.88
CA PRO A 91 9.09 3.99 6.27
C PRO A 91 9.30 5.37 5.71
N THR A 92 10.55 5.73 5.65
CA THR A 92 11.00 6.96 5.08
C THR A 92 10.99 6.80 3.56
N ALA A 93 10.98 5.56 3.15
CA ALA A 93 10.96 5.13 1.78
C ALA A 93 10.61 3.67 1.84
N LEU A 94 9.76 3.22 0.98
CA LEU A 94 9.34 1.84 0.98
C LEU A 94 10.51 0.91 0.70
N PRO A 95 10.78 0.00 1.64
CA PRO A 95 11.82 -1.00 1.52
C PRO A 95 11.60 -1.89 0.31
N SER A 96 12.65 -2.06 -0.46
CA SER A 96 12.65 -2.83 -1.68
C SER A 96 12.24 -4.29 -1.44
N SER A 97 12.52 -4.79 -0.24
CA SER A 97 12.18 -6.14 0.17
C SER A 97 10.65 -6.37 0.07
N ILE A 98 9.91 -5.30 0.30
CA ILE A 98 8.46 -5.34 0.33
C ILE A 98 7.91 -5.32 -1.09
N MET A 99 8.39 -4.40 -1.87
CA MET A 99 7.89 -4.22 -3.24
C MET A 99 8.41 -5.25 -4.23
N PHE A 100 9.62 -5.72 -4.05
CA PHE A 100 10.22 -6.64 -4.98
C PHE A 100 9.98 -8.08 -4.64
N ASP A 101 8.89 -8.34 -4.02
CA ASP A 101 8.50 -9.69 -3.79
C ASP A 101 7.78 -10.16 -5.03
N GLU A 102 8.00 -11.41 -5.37
CA GLU A 102 7.47 -12.04 -6.58
C GLU A 102 5.96 -11.93 -6.69
N THR A 103 5.29 -11.74 -5.59
CA THR A 103 3.87 -11.63 -5.56
C THR A 103 3.40 -10.32 -6.18
N LEU A 104 4.18 -9.27 -6.04
CA LEU A 104 3.81 -7.98 -6.61
C LEU A 104 4.33 -7.87 -8.01
N LEU A 105 5.48 -8.49 -8.24
CA LEU A 105 6.12 -8.48 -9.48
C LEU A 105 5.36 -9.30 -10.51
N SER A 106 4.91 -10.46 -10.14
CA SER A 106 4.19 -11.30 -11.05
C SER A 106 2.83 -11.69 -10.43
CA CA B . 0.83 4.75 -9.26
N GLY A 3 19.08 3.90 12.74
CA GLY A 3 20.15 3.13 12.10
C GLY A 3 20.75 3.89 10.95
N ASN A 4 21.74 3.31 10.32
CA ASN A 4 22.39 3.89 9.14
C ASN A 4 21.74 3.31 7.89
N ASN A 5 21.59 2.02 7.93
CA ASN A 5 20.96 1.27 6.86
C ASN A 5 19.52 1.12 7.22
N GLN A 6 18.66 1.16 6.25
CA GLN A 6 17.26 0.96 6.52
C GLN A 6 17.03 -0.53 6.73
N PRO A 7 16.28 -0.89 7.74
CA PRO A 7 16.03 -2.27 8.06
C PRO A 7 15.02 -2.88 7.11
N PRO A 8 15.25 -4.12 6.68
CA PRO A 8 14.35 -4.80 5.81
C PRO A 8 13.24 -5.45 6.58
N TRP A 9 12.11 -5.24 6.09
CA TRP A 9 10.91 -5.67 6.67
C TRP A 9 10.56 -7.04 6.14
N PRO A 10 9.78 -7.82 6.93
CA PRO A 10 9.27 -9.12 6.50
C PRO A 10 8.51 -8.95 5.19
N LYS A 11 8.82 -9.82 4.26
CA LYS A 11 8.28 -9.73 2.91
C LYS A 11 6.76 -9.90 2.91
N MET A 12 6.16 -9.52 1.83
CA MET A 12 4.72 -9.48 1.73
C MET A 12 4.25 -10.88 1.40
N LYS A 13 3.35 -11.40 2.19
CA LYS A 13 2.87 -12.75 1.99
C LYS A 13 1.84 -12.84 0.92
N PRO A 14 1.83 -13.95 0.15
CA PRO A 14 0.82 -14.18 -0.85
C PRO A 14 -0.56 -14.14 -0.20
N SER A 15 -0.65 -14.71 1.00
CA SER A 15 -1.86 -14.72 1.79
C SER A 15 -2.36 -13.28 2.04
N ASP A 16 -1.43 -12.34 2.27
CA ASP A 16 -1.84 -10.94 2.44
C ASP A 16 -2.14 -10.30 1.10
N VAL A 17 -1.31 -10.59 0.11
CA VAL A 17 -1.45 -9.98 -1.22
C VAL A 17 -2.78 -10.37 -1.83
N GLN A 18 -3.19 -11.59 -1.59
CA GLN A 18 -4.46 -12.07 -2.11
C GLN A 18 -5.63 -11.33 -1.50
N LYS A 19 -5.56 -11.03 -0.21
CA LYS A 19 -6.63 -10.31 0.44
C LYS A 19 -6.58 -8.84 -0.01
N TYR A 20 -5.37 -8.34 -0.29
CA TYR A 20 -5.19 -6.98 -0.79
C TYR A 20 -5.81 -6.89 -2.19
N THR A 21 -5.52 -7.88 -2.99
CA THR A 21 -6.03 -7.99 -4.34
C THR A 21 -7.57 -8.05 -4.34
N LYS A 22 -8.13 -8.76 -3.37
CA LYS A 22 -9.50 -8.88 -3.17
C LYS A 22 -10.12 -7.49 -2.91
N VAL A 23 -9.50 -6.75 -2.00
CA VAL A 23 -9.94 -5.39 -1.65
C VAL A 23 -9.88 -4.48 -2.87
N PHE A 24 -8.93 -4.76 -3.73
CA PHE A 24 -8.70 -3.95 -4.90
C PHE A 24 -9.85 -4.10 -5.87
N MET A 25 -10.41 -5.29 -5.90
CA MET A 25 -11.55 -5.59 -6.77
C MET A 25 -12.78 -4.86 -6.26
N GLU A 26 -12.77 -4.59 -5.00
CA GLU A 26 -13.82 -3.86 -4.35
C GLU A 26 -13.67 -2.36 -4.61
N VAL A 27 -12.45 -1.86 -4.49
CA VAL A 27 -12.17 -0.42 -4.63
C VAL A 27 -12.14 0.02 -6.09
N ASP A 28 -11.67 -0.85 -6.99
CA ASP A 28 -11.59 -0.53 -8.43
C ASP A 28 -12.96 -0.49 -9.05
N SER A 29 -13.62 0.58 -8.77
CA SER A 29 -14.93 0.85 -9.26
C SER A 29 -14.85 1.38 -10.68
N ASP A 30 -13.69 1.86 -11.06
CA ASP A 30 -13.53 2.46 -12.36
C ASP A 30 -13.15 1.45 -13.41
N LYS A 31 -12.82 0.24 -12.92
CA LYS A 31 -12.44 -0.92 -13.72
C LYS A 31 -11.32 -0.58 -14.67
N ASP A 32 -10.39 0.19 -14.16
CA ASP A 32 -9.29 0.70 -14.96
C ASP A 32 -8.06 -0.16 -14.72
N GLY A 33 -8.14 -0.95 -13.69
CA GLY A 33 -7.02 -1.78 -13.32
C GLY A 33 -6.23 -1.12 -12.24
N LYS A 34 -6.64 0.08 -11.94
CA LYS A 34 -6.09 0.90 -10.91
C LYS A 34 -7.12 1.80 -10.40
N ILE A 35 -6.93 2.18 -9.21
CA ILE A 35 -7.83 3.01 -8.51
C ILE A 35 -7.29 4.36 -8.41
N THR A 36 -8.16 5.31 -8.38
CA THR A 36 -7.79 6.67 -8.35
C THR A 36 -7.38 7.08 -6.95
N GLY A 37 -6.81 8.25 -6.80
CA GLY A 37 -6.45 8.74 -5.49
C GLY A 37 -7.65 8.77 -4.60
N GLU A 38 -8.76 9.23 -5.16
CA GLU A 38 -10.02 9.33 -4.49
C GLU A 38 -10.49 7.96 -3.99
N GLN A 39 -10.48 6.95 -4.88
CA GLN A 39 -10.94 5.60 -4.55
C GLN A 39 -10.11 5.02 -3.41
N ALA A 40 -8.81 5.11 -3.58
CA ALA A 40 -7.86 4.57 -2.62
C ALA A 40 -8.00 5.24 -1.28
N ARG A 41 -8.08 6.55 -1.27
CA ARG A 41 -8.17 7.27 -0.02
C ARG A 41 -9.46 7.05 0.69
N ASN A 42 -10.55 6.86 -0.05
CA ASN A 42 -11.85 6.52 0.57
C ASN A 42 -11.72 5.23 1.38
N LEU A 43 -10.96 4.30 0.84
CA LEU A 43 -10.69 3.04 1.51
C LEU A 43 -9.96 3.29 2.82
N PHE A 44 -8.91 4.08 2.74
CA PHE A 44 -8.07 4.35 3.90
C PHE A 44 -8.87 5.19 4.92
N LEU A 45 -9.73 6.06 4.41
CA LEU A 45 -10.64 6.88 5.23
C LEU A 45 -11.62 6.01 5.99
N SER A 46 -11.94 4.85 5.43
CA SER A 46 -12.80 3.90 6.07
C SER A 46 -12.08 3.33 7.31
N TRP A 47 -10.75 3.30 7.24
CA TRP A 47 -9.93 2.79 8.34
C TRP A 47 -9.61 3.91 9.33
N ARG A 48 -10.14 5.11 9.03
CA ARG A 48 -9.96 6.32 9.84
C ARG A 48 -8.52 6.75 9.93
N LEU A 49 -7.84 6.71 8.81
CA LEU A 49 -6.48 7.15 8.76
C LEU A 49 -6.43 8.66 8.59
N PRO A 50 -5.44 9.31 9.22
CA PRO A 50 -5.21 10.75 9.13
C PRO A 50 -4.68 11.08 7.78
N ARG A 51 -4.90 12.30 7.39
CA ARG A 51 -4.57 12.80 6.06
C ARG A 51 -3.08 12.82 5.84
N GLU A 52 -2.37 13.01 6.92
CA GLU A 52 -0.93 12.95 6.90
C GLU A 52 -0.42 11.51 6.81
N VAL A 53 -1.23 10.53 7.24
CA VAL A 53 -0.79 9.14 7.14
C VAL A 53 -1.13 8.70 5.76
N LEU A 54 -2.26 9.19 5.34
CA LEU A 54 -2.80 9.01 4.05
C LEU A 54 -1.80 9.37 2.95
N LYS A 55 -1.24 10.58 3.03
CA LYS A 55 -0.26 10.99 2.04
C LYS A 55 1.01 10.16 2.18
N HIS A 56 1.36 9.81 3.40
CA HIS A 56 2.61 9.11 3.67
C HIS A 56 2.54 7.67 3.14
N VAL A 57 1.42 7.01 3.35
CA VAL A 57 1.20 5.67 2.84
C VAL A 57 1.25 5.70 1.33
N TRP A 58 0.67 6.76 0.77
CA TRP A 58 0.64 6.96 -0.66
C TRP A 58 2.06 7.08 -1.20
N GLU A 59 2.87 7.88 -0.51
CA GLU A 59 4.27 8.09 -0.85
C GLU A 59 5.08 6.80 -0.86
N LEU A 60 4.76 5.91 0.04
CA LEU A 60 5.46 4.66 0.14
C LEU A 60 4.95 3.64 -0.88
N SER A 61 3.68 3.65 -1.14
CA SER A 61 3.11 2.69 -2.07
C SER A 61 3.19 3.17 -3.52
N ASP A 62 2.71 4.35 -3.78
CA ASP A 62 2.77 4.92 -5.11
C ASP A 62 4.12 5.59 -5.29
N GLN A 63 5.05 4.75 -5.57
CA GLN A 63 6.45 5.11 -5.86
C GLN A 63 6.55 5.68 -7.23
N ASP A 64 5.57 5.33 -7.95
CA ASP A 64 5.39 5.69 -9.33
C ASP A 64 4.89 7.13 -9.43
N ASN A 65 4.67 7.73 -8.22
CA ASN A 65 4.31 9.16 -7.99
C ASN A 65 3.20 9.65 -8.86
N ASP A 66 2.37 8.75 -9.17
CA ASP A 66 1.23 8.97 -9.99
C ASP A 66 -0.09 8.89 -9.18
N THR A 67 -1.04 9.68 -9.57
CA THR A 67 -2.32 9.87 -8.93
C THR A 67 -3.12 8.56 -8.63
N MET A 68 -2.76 7.45 -9.25
CA MET A 68 -3.54 6.23 -9.08
C MET A 68 -2.74 5.10 -8.48
N LEU A 69 -3.40 4.25 -7.72
CA LEU A 69 -2.73 3.10 -7.18
C LEU A 69 -3.07 1.89 -8.00
N SER A 70 -2.07 1.26 -8.53
CA SER A 70 -2.27 0.05 -9.26
C SER A 70 -2.25 -1.11 -8.26
N LEU A 71 -2.52 -2.32 -8.71
CA LEU A 71 -2.67 -3.49 -7.84
C LEU A 71 -1.48 -3.73 -6.91
N ARG A 72 -0.29 -3.77 -7.49
CA ARG A 72 0.89 -4.07 -6.72
C ARG A 72 1.24 -2.91 -5.77
N GLU A 73 0.94 -1.68 -6.18
CA GLU A 73 1.19 -0.52 -5.33
C GLU A 73 0.22 -0.57 -4.16
N PHE A 74 -1.02 -0.91 -4.47
CA PHE A 74 -2.12 -0.99 -3.51
C PHE A 74 -1.86 -2.04 -2.43
N CYS A 75 -1.22 -3.13 -2.82
CA CYS A 75 -0.86 -4.18 -1.86
C CYS A 75 0.12 -3.63 -0.84
N ILE A 76 0.97 -2.74 -1.29
CA ILE A 76 1.93 -2.09 -0.44
C ILE A 76 1.21 -1.13 0.51
N SER A 77 0.21 -0.43 -0.02
CA SER A 77 -0.55 0.55 0.74
C SER A 77 -1.16 -0.12 1.96
N LEU A 78 -1.87 -1.20 1.71
CA LEU A 78 -2.55 -1.93 2.76
C LEU A 78 -1.56 -2.57 3.72
N TYR A 79 -0.44 -3.05 3.19
CA TYR A 79 0.62 -3.62 4.01
C TYR A 79 1.07 -2.59 5.07
N LEU A 80 1.35 -1.38 4.59
CA LEU A 80 1.79 -0.29 5.44
C LEU A 80 0.72 0.10 6.43
N MET A 81 -0.51 0.14 5.95
CA MET A 81 -1.65 0.48 6.76
C MET A 81 -1.83 -0.49 7.91
N GLU A 82 -1.67 -1.79 7.63
CA GLU A 82 -1.79 -2.79 8.68
C GLU A 82 -0.66 -2.62 9.70
N ARG A 83 0.55 -2.28 9.21
CA ARG A 83 1.71 -2.05 10.09
C ARG A 83 1.44 -0.83 10.99
N TYR A 84 0.90 0.21 10.41
CA TYR A 84 0.57 1.43 11.13
C TYR A 84 -0.39 1.13 12.32
N ARG A 85 -1.37 0.28 12.07
CA ARG A 85 -2.37 -0.09 13.08
C ARG A 85 -1.75 -0.83 14.25
N GLU A 86 -0.83 -1.70 13.93
CA GLU A 86 -0.17 -2.53 14.93
C GLU A 86 0.93 -1.75 15.69
N GLY A 87 0.98 -0.44 15.48
CA GLY A 87 1.91 0.41 16.18
C GLY A 87 3.29 0.37 15.59
N ARG A 88 3.36 0.05 14.35
CA ARG A 88 4.61 -0.05 13.68
C ARG A 88 4.77 1.19 12.81
N PRO A 89 5.89 1.91 12.96
CA PRO A 89 6.12 3.17 12.25
C PRO A 89 6.23 2.98 10.73
N LEU A 90 5.67 3.93 10.01
CA LEU A 90 5.74 3.92 8.57
C LEU A 90 7.13 4.34 8.13
N PRO A 91 7.73 3.59 7.21
CA PRO A 91 9.02 3.91 6.60
C PRO A 91 9.05 5.30 6.05
N THR A 92 10.18 5.92 6.11
CA THR A 92 10.34 7.21 5.54
C THR A 92 10.64 7.02 4.05
N ALA A 93 10.95 5.78 3.71
CA ALA A 93 11.22 5.36 2.36
C ALA A 93 10.97 3.87 2.30
N LEU A 94 10.28 3.40 1.30
CA LEU A 94 9.96 2.02 1.19
C LEU A 94 11.19 1.25 0.74
N PRO A 95 11.58 0.26 1.53
CA PRO A 95 12.72 -0.61 1.23
C PRO A 95 12.49 -1.36 -0.08
N SER A 96 13.51 -1.37 -0.94
CA SER A 96 13.47 -2.03 -2.25
C SER A 96 13.16 -3.53 -2.10
N SER A 97 13.41 -4.06 -0.92
CA SER A 97 13.11 -5.43 -0.57
C SER A 97 11.59 -5.69 -0.75
N ILE A 98 10.80 -4.71 -0.35
CA ILE A 98 9.33 -4.79 -0.41
C ILE A 98 8.88 -4.45 -1.83
N MET A 99 9.64 -3.57 -2.42
CA MET A 99 9.38 -3.09 -3.79
C MET A 99 9.48 -4.22 -4.80
N PHE A 100 10.45 -5.06 -4.59
CA PHE A 100 10.70 -6.17 -5.45
C PHE A 100 10.40 -7.43 -4.70
N ASP A 101 9.23 -7.46 -4.16
CA ASP A 101 8.76 -8.60 -3.41
C ASP A 101 8.28 -9.65 -4.36
N GLU A 102 8.53 -10.88 -3.97
CA GLU A 102 8.25 -12.08 -4.72
C GLU A 102 6.78 -12.19 -5.13
N THR A 103 5.89 -11.73 -4.27
CA THR A 103 4.48 -11.81 -4.54
C THR A 103 4.01 -10.74 -5.49
N LEU A 104 4.77 -9.68 -5.60
CA LEU A 104 4.38 -8.56 -6.44
C LEU A 104 4.97 -8.65 -7.84
N LEU A 105 5.76 -9.67 -8.06
CA LEU A 105 6.31 -9.94 -9.32
C LEU A 105 5.30 -10.71 -10.16
N SER A 106 4.54 -11.53 -9.50
CA SER A 106 3.49 -12.28 -10.11
C SER A 106 2.35 -12.33 -9.13
CA CA B . 0.68 4.53 -9.46
N GLY A 3 19.23 5.12 14.79
CA GLY A 3 18.46 4.33 13.87
C GLY A 3 18.43 4.97 12.52
N ASN A 4 19.13 4.38 11.58
CA ASN A 4 19.16 4.89 10.22
C ASN A 4 18.28 4.01 9.37
N ASN A 5 18.36 2.73 9.64
CA ASN A 5 17.54 1.76 8.98
C ASN A 5 16.72 1.05 10.00
N GLN A 6 15.45 1.09 9.82
CA GLN A 6 14.58 0.28 10.65
C GLN A 6 14.69 -1.14 10.09
N PRO A 7 14.49 -2.18 10.92
CA PRO A 7 14.68 -3.59 10.50
C PRO A 7 13.87 -3.93 9.24
N PRO A 8 14.44 -4.77 8.37
CA PRO A 8 13.89 -5.08 7.06
C PRO A 8 12.60 -5.80 7.15
N TRP A 9 11.70 -5.31 6.40
CA TRP A 9 10.36 -5.74 6.42
C TRP A 9 10.20 -6.96 5.55
N PRO A 10 9.35 -7.88 5.98
CA PRO A 10 9.02 -9.05 5.20
C PRO A 10 8.13 -8.64 4.06
N LYS A 11 8.48 -9.08 2.89
CA LYS A 11 7.73 -8.71 1.71
C LYS A 11 6.38 -9.42 1.70
N MET A 12 5.49 -8.92 0.90
CA MET A 12 4.13 -9.42 0.86
C MET A 12 4.02 -10.85 0.42
N LYS A 13 3.37 -11.61 1.27
CA LYS A 13 3.15 -13.04 1.12
C LYS A 13 2.12 -13.24 0.04
N PRO A 14 2.15 -14.36 -0.72
CA PRO A 14 1.12 -14.61 -1.73
C PRO A 14 -0.28 -14.52 -1.12
N SER A 15 -0.42 -15.16 0.03
CA SER A 15 -1.63 -15.19 0.80
C SER A 15 -2.06 -13.78 1.24
N ASP A 16 -1.10 -12.95 1.67
CA ASP A 16 -1.45 -11.58 2.06
C ASP A 16 -1.81 -10.73 0.87
N VAL A 17 -1.12 -10.95 -0.25
CA VAL A 17 -1.41 -10.22 -1.47
C VAL A 17 -2.81 -10.56 -1.95
N GLN A 18 -3.22 -11.81 -1.79
CA GLN A 18 -4.55 -12.28 -2.16
C GLN A 18 -5.64 -11.53 -1.45
N LYS A 19 -5.44 -11.27 -0.16
CA LYS A 19 -6.45 -10.56 0.59
C LYS A 19 -6.46 -9.09 0.19
N TYR A 20 -5.30 -8.54 -0.14
CA TYR A 20 -5.22 -7.17 -0.61
C TYR A 20 -5.86 -7.06 -2.00
N THR A 21 -5.67 -8.10 -2.79
CA THR A 21 -6.24 -8.21 -4.12
C THR A 21 -7.78 -8.22 -4.05
N LYS A 22 -8.33 -8.87 -3.02
CA LYS A 22 -9.71 -8.94 -2.79
C LYS A 22 -10.25 -7.54 -2.55
N VAL A 23 -9.58 -6.82 -1.68
CA VAL A 23 -9.95 -5.46 -1.35
C VAL A 23 -9.90 -4.58 -2.59
N PHE A 24 -8.97 -4.89 -3.49
CA PHE A 24 -8.76 -4.11 -4.68
C PHE A 24 -9.97 -4.23 -5.57
N MET A 25 -10.54 -5.40 -5.60
CA MET A 25 -11.73 -5.70 -6.41
C MET A 25 -12.92 -4.94 -5.88
N GLU A 26 -12.91 -4.72 -4.60
CA GLU A 26 -13.98 -4.02 -3.92
C GLU A 26 -13.86 -2.51 -4.14
N VAL A 27 -12.64 -2.05 -4.33
CA VAL A 27 -12.36 -0.62 -4.55
C VAL A 27 -12.35 -0.27 -6.07
N ASP A 28 -12.02 -1.26 -6.89
CA ASP A 28 -11.91 -1.14 -8.36
C ASP A 28 -13.27 -0.94 -9.02
N SER A 29 -13.77 0.24 -8.87
CA SER A 29 -14.98 0.69 -9.49
C SER A 29 -14.67 1.16 -10.93
N ASP A 30 -13.41 1.49 -11.16
CA ASP A 30 -13.01 2.12 -12.41
C ASP A 30 -12.58 1.14 -13.47
N LYS A 31 -12.43 -0.12 -13.05
CA LYS A 31 -12.10 -1.25 -13.94
C LYS A 31 -10.90 -1.01 -14.85
N ASP A 32 -9.96 -0.25 -14.36
CA ASP A 32 -8.78 0.11 -15.15
C ASP A 32 -7.61 -0.80 -14.81
N GLY A 33 -7.68 -1.40 -13.66
CA GLY A 33 -6.61 -2.23 -13.17
C GLY A 33 -5.85 -1.47 -12.13
N LYS A 34 -6.32 -0.27 -11.90
CA LYS A 34 -5.81 0.60 -10.91
C LYS A 34 -7.02 1.27 -10.30
N ILE A 35 -6.82 1.87 -9.19
CA ILE A 35 -7.83 2.62 -8.52
C ILE A 35 -7.39 4.05 -8.48
N THR A 36 -8.32 4.93 -8.31
CA THR A 36 -8.02 6.32 -8.34
C THR A 36 -7.49 6.76 -6.99
N GLY A 37 -6.99 7.97 -6.91
CA GLY A 37 -6.57 8.49 -5.64
C GLY A 37 -7.74 8.56 -4.68
N GLU A 38 -8.87 8.99 -5.21
CA GLU A 38 -10.11 9.14 -4.49
C GLU A 38 -10.55 7.79 -3.93
N GLN A 39 -10.52 6.76 -4.77
CA GLN A 39 -10.91 5.41 -4.38
C GLN A 39 -10.07 4.92 -3.23
N ALA A 40 -8.77 5.11 -3.35
CA ALA A 40 -7.84 4.70 -2.35
C ALA A 40 -8.04 5.46 -1.06
N ARG A 41 -8.13 6.78 -1.17
CA ARG A 41 -8.32 7.61 -0.01
C ARG A 41 -9.59 7.30 0.75
N ASN A 42 -10.67 7.05 0.04
CA ASN A 42 -11.95 6.62 0.68
C ASN A 42 -11.75 5.36 1.51
N LEU A 43 -10.97 4.44 0.98
CA LEU A 43 -10.68 3.20 1.65
C LEU A 43 -9.90 3.46 2.95
N PHE A 44 -8.87 4.28 2.84
CA PHE A 44 -7.98 4.55 3.97
C PHE A 44 -8.73 5.37 5.02
N LEU A 45 -9.62 6.23 4.55
CA LEU A 45 -10.49 7.05 5.41
C LEU A 45 -11.43 6.18 6.23
N SER A 46 -11.77 5.04 5.67
CA SER A 46 -12.63 4.08 6.34
C SER A 46 -11.83 3.42 7.50
N TRP A 47 -10.51 3.48 7.38
CA TRP A 47 -9.61 2.97 8.39
C TRP A 47 -9.22 4.10 9.35
N ARG A 48 -9.85 5.26 9.14
CA ARG A 48 -9.67 6.46 9.95
C ARG A 48 -8.24 6.98 9.96
N LEU A 49 -7.58 6.84 8.83
CA LEU A 49 -6.23 7.30 8.72
C LEU A 49 -6.18 8.80 8.51
N PRO A 50 -5.26 9.47 9.22
CA PRO A 50 -5.07 10.92 9.18
C PRO A 50 -4.56 11.33 7.85
N ARG A 51 -4.77 12.60 7.56
CA ARG A 51 -4.40 13.22 6.28
C ARG A 51 -2.91 13.14 6.05
N GLU A 52 -2.18 13.17 7.15
CA GLU A 52 -0.74 13.04 7.12
C GLU A 52 -0.31 11.59 6.85
N VAL A 53 -1.11 10.62 7.28
CA VAL A 53 -0.73 9.22 7.12
C VAL A 53 -1.12 8.82 5.75
N LEU A 54 -2.24 9.34 5.37
CA LEU A 54 -2.82 9.20 4.09
C LEU A 54 -1.84 9.57 2.98
N LYS A 55 -1.24 10.74 3.09
CA LYS A 55 -0.27 11.16 2.11
C LYS A 55 1.00 10.33 2.24
N HIS A 56 1.39 10.03 3.47
CA HIS A 56 2.61 9.28 3.74
C HIS A 56 2.54 7.88 3.11
N VAL A 57 1.40 7.22 3.30
CA VAL A 57 1.18 5.89 2.74
C VAL A 57 1.29 5.94 1.23
N TRP A 58 0.63 6.95 0.62
CA TRP A 58 0.63 7.10 -0.83
C TRP A 58 2.05 7.32 -1.34
N GLU A 59 2.78 8.16 -0.62
CA GLU A 59 4.15 8.48 -0.94
C GLU A 59 5.04 7.24 -0.90
N LEU A 60 4.70 6.31 -0.06
CA LEU A 60 5.45 5.09 0.03
C LEU A 60 5.03 4.11 -1.05
N SER A 61 3.75 3.81 -1.09
CA SER A 61 3.24 2.77 -1.97
C SER A 61 3.27 3.17 -3.43
N ASP A 62 2.84 4.36 -3.73
CA ASP A 62 2.87 4.82 -5.08
C ASP A 62 4.23 5.41 -5.36
N GLN A 63 5.12 4.49 -5.61
CA GLN A 63 6.54 4.74 -5.96
C GLN A 63 6.60 5.60 -7.19
N ASP A 64 5.64 5.38 -7.97
CA ASP A 64 5.45 5.88 -9.27
C ASP A 64 4.96 7.33 -9.26
N ASN A 65 4.69 7.83 -8.03
CA ASN A 65 4.27 9.22 -7.70
C ASN A 65 3.19 9.75 -8.60
N ASP A 66 2.37 8.85 -8.96
CA ASP A 66 1.27 9.08 -9.85
C ASP A 66 -0.06 9.04 -9.08
N THR A 67 -1.01 9.68 -9.67
CA THR A 67 -2.34 9.89 -9.15
C THR A 67 -3.15 8.64 -8.78
N MET A 68 -2.75 7.48 -9.27
CA MET A 68 -3.53 6.27 -9.08
C MET A 68 -2.72 5.13 -8.49
N LEU A 69 -3.40 4.26 -7.73
CA LEU A 69 -2.72 3.11 -7.17
C LEU A 69 -3.05 1.90 -7.97
N SER A 70 -2.04 1.25 -8.44
CA SER A 70 -2.23 0.02 -9.16
C SER A 70 -2.23 -1.13 -8.17
N LEU A 71 -2.51 -2.33 -8.64
CA LEU A 71 -2.67 -3.51 -7.78
C LEU A 71 -1.54 -3.71 -6.78
N ARG A 72 -0.30 -3.72 -7.24
CA ARG A 72 0.77 -3.97 -6.34
C ARG A 72 1.01 -2.78 -5.41
N GLU A 73 0.83 -1.56 -5.95
CA GLU A 73 1.02 -0.33 -5.17
C GLU A 73 -0.03 -0.31 -4.04
N PHE A 74 -1.23 -0.77 -4.40
CA PHE A 74 -2.36 -0.86 -3.49
C PHE A 74 -2.08 -1.85 -2.36
N CYS A 75 -1.51 -2.98 -2.72
CA CYS A 75 -1.16 -4.00 -1.74
C CYS A 75 -0.16 -3.42 -0.74
N ILE A 76 0.83 -2.68 -1.27
CA ILE A 76 1.84 -2.01 -0.44
C ILE A 76 1.17 -1.06 0.53
N SER A 77 0.16 -0.35 0.03
CA SER A 77 -0.55 0.63 0.81
C SER A 77 -1.18 -0.04 2.02
N LEU A 78 -1.91 -1.11 1.77
CA LEU A 78 -2.60 -1.84 2.81
C LEU A 78 -1.62 -2.50 3.76
N TYR A 79 -0.52 -3.00 3.22
CA TYR A 79 0.55 -3.59 4.02
C TYR A 79 1.04 -2.57 5.05
N LEU A 80 1.33 -1.37 4.58
CA LEU A 80 1.81 -0.29 5.42
C LEU A 80 0.75 0.11 6.42
N MET A 81 -0.47 0.24 5.93
CA MET A 81 -1.61 0.61 6.74
C MET A 81 -1.84 -0.36 7.88
N GLU A 82 -1.75 -1.67 7.60
CA GLU A 82 -1.92 -2.66 8.65
C GLU A 82 -0.83 -2.54 9.68
N ARG A 83 0.41 -2.40 9.24
CA ARG A 83 1.53 -2.30 10.16
C ARG A 83 1.45 -0.99 10.96
N TYR A 84 0.90 0.05 10.36
CA TYR A 84 0.66 1.31 11.04
C TYR A 84 -0.35 1.11 12.18
N ARG A 85 -1.42 0.36 11.90
CA ARG A 85 -2.44 0.00 12.92
C ARG A 85 -1.79 -0.73 14.07
N GLU A 86 -0.80 -1.52 13.73
CA GLU A 86 -0.01 -2.31 14.68
C GLU A 86 0.94 -1.42 15.51
N GLY A 87 1.04 -0.17 15.11
CA GLY A 87 1.81 0.79 15.84
C GLY A 87 3.21 0.95 15.33
N ARG A 88 3.50 0.43 14.16
CA ARG A 88 4.82 0.54 13.61
C ARG A 88 4.88 1.76 12.70
N PRO A 89 5.84 2.68 12.98
CA PRO A 89 6.01 3.90 12.18
C PRO A 89 6.34 3.60 10.72
N LEU A 90 5.60 4.27 9.86
CA LEU A 90 5.73 4.13 8.43
C LEU A 90 7.11 4.54 7.96
N PRO A 91 7.67 3.73 7.04
CA PRO A 91 8.98 3.97 6.42
C PRO A 91 9.19 5.38 5.97
N THR A 92 10.39 5.84 6.21
CA THR A 92 10.88 7.10 5.75
C THR A 92 11.09 6.99 4.25
N ALA A 93 11.29 5.77 3.83
CA ALA A 93 11.46 5.40 2.46
C ALA A 93 11.07 3.96 2.39
N LEU A 94 10.29 3.59 1.38
CA LEU A 94 9.83 2.26 1.24
C LEU A 94 11.00 1.36 0.88
N PRO A 95 11.29 0.41 1.76
CA PRO A 95 12.44 -0.46 1.64
C PRO A 95 12.36 -1.35 0.42
N SER A 96 13.50 -1.50 -0.25
CA SER A 96 13.63 -2.34 -1.41
C SER A 96 13.48 -3.80 -0.99
N SER A 97 13.68 -4.05 0.30
CA SER A 97 13.49 -5.33 0.92
C SER A 97 12.01 -5.77 0.79
N ILE A 98 11.13 -4.79 0.60
CA ILE A 98 9.72 -5.05 0.36
C ILE A 98 9.50 -5.17 -1.12
N MET A 99 10.01 -4.19 -1.83
CA MET A 99 9.81 -4.00 -3.29
C MET A 99 10.15 -5.21 -4.15
N PHE A 100 11.06 -6.03 -3.69
CA PHE A 100 11.45 -7.21 -4.43
C PHE A 100 10.56 -8.41 -4.13
N ASP A 101 9.31 -8.14 -3.88
CA ASP A 101 8.32 -9.18 -3.67
C ASP A 101 7.78 -9.71 -4.98
N GLU A 102 8.01 -10.99 -5.19
CA GLU A 102 7.67 -11.68 -6.41
C GLU A 102 6.17 -11.77 -6.58
N THR A 103 5.49 -11.66 -5.48
CA THR A 103 4.08 -11.72 -5.41
C THR A 103 3.45 -10.52 -6.10
N LEU A 104 4.08 -9.37 -5.94
CA LEU A 104 3.58 -8.17 -6.54
C LEU A 104 4.14 -8.02 -7.94
N LEU A 105 5.39 -8.45 -8.10
CA LEU A 105 6.07 -8.41 -9.34
C LEU A 105 5.39 -9.28 -10.37
N SER A 106 5.04 -10.50 -9.96
CA SER A 106 4.43 -11.52 -10.76
C SER A 106 5.15 -11.78 -12.09
CA CA B . 0.72 4.54 -9.50
N GLY A 3 14.32 -10.15 17.67
CA GLY A 3 12.92 -9.93 17.39
C GLY A 3 12.71 -9.59 15.94
N ASN A 4 11.56 -9.05 15.63
CA ASN A 4 11.20 -8.73 14.26
C ASN A 4 11.17 -7.20 14.07
N ASN A 5 11.61 -6.47 15.09
CA ASN A 5 11.69 -5.01 14.99
C ASN A 5 13.07 -4.66 14.50
N GLN A 6 13.26 -4.81 13.21
CA GLN A 6 14.53 -4.65 12.58
C GLN A 6 14.41 -3.68 11.40
N PRO A 7 15.52 -3.12 10.92
CA PRO A 7 15.51 -2.23 9.76
C PRO A 7 14.76 -2.77 8.49
N PRO A 8 15.11 -3.95 7.98
CA PRO A 8 14.43 -4.56 6.85
C PRO A 8 13.13 -5.19 7.27
N TRP A 9 12.20 -5.07 6.42
CA TRP A 9 10.87 -5.49 6.72
C TRP A 9 10.58 -6.84 6.16
N PRO A 10 9.84 -7.67 6.93
CA PRO A 10 9.37 -8.94 6.45
C PRO A 10 8.44 -8.70 5.29
N LYS A 11 8.80 -9.24 4.17
CA LYS A 11 8.15 -8.87 2.95
C LYS A 11 6.74 -9.44 2.81
N MET A 12 6.07 -9.02 1.77
CA MET A 12 4.69 -9.31 1.56
C MET A 12 4.51 -10.77 1.14
N LYS A 13 3.61 -11.46 1.82
CA LYS A 13 3.34 -12.87 1.53
C LYS A 13 2.35 -12.93 0.38
N PRO A 14 2.23 -14.05 -0.36
CA PRO A 14 1.13 -14.22 -1.31
C PRO A 14 -0.20 -14.00 -0.59
N SER A 15 -0.28 -14.53 0.63
CA SER A 15 -1.43 -14.37 1.51
C SER A 15 -1.75 -12.88 1.73
N ASP A 16 -0.70 -12.06 1.93
CA ASP A 16 -0.91 -10.62 2.12
C ASP A 16 -1.44 -10.04 0.85
N VAL A 17 -0.80 -10.38 -0.24
CA VAL A 17 -1.14 -9.81 -1.53
C VAL A 17 -2.56 -10.19 -1.91
N GLN A 18 -2.93 -11.41 -1.62
CA GLN A 18 -4.25 -11.90 -1.95
C GLN A 18 -5.33 -11.26 -1.13
N LYS A 19 -5.04 -11.01 0.15
CA LYS A 19 -6.02 -10.33 1.00
C LYS A 19 -6.21 -8.91 0.49
N TYR A 20 -5.15 -8.33 -0.08
CA TYR A 20 -5.23 -7.00 -0.64
C TYR A 20 -5.90 -7.03 -2.02
N THR A 21 -5.60 -8.07 -2.80
CA THR A 21 -6.14 -8.24 -4.15
C THR A 21 -7.68 -8.27 -4.17
N LYS A 22 -8.29 -8.92 -3.17
CA LYS A 22 -9.76 -9.01 -3.09
C LYS A 22 -10.35 -7.63 -2.94
N VAL A 23 -9.69 -6.86 -2.12
CA VAL A 23 -10.07 -5.53 -1.79
C VAL A 23 -9.92 -4.65 -3.00
N PHE A 24 -8.96 -4.99 -3.83
CA PHE A 24 -8.64 -4.17 -4.99
C PHE A 24 -9.77 -4.24 -5.97
N MET A 25 -10.38 -5.39 -6.06
CA MET A 25 -11.50 -5.63 -6.96
C MET A 25 -12.70 -4.82 -6.48
N GLU A 26 -12.78 -4.67 -5.20
CA GLU A 26 -13.85 -3.95 -4.56
C GLU A 26 -13.66 -2.43 -4.69
N VAL A 27 -12.42 -2.00 -4.67
CA VAL A 27 -12.10 -0.57 -4.75
C VAL A 27 -11.98 -0.10 -6.22
N ASP A 28 -11.55 -1.00 -7.12
CA ASP A 28 -11.41 -0.66 -8.56
C ASP A 28 -12.75 -0.69 -9.25
N SER A 29 -13.54 0.29 -8.93
CA SER A 29 -14.78 0.50 -9.50
C SER A 29 -14.64 1.20 -10.85
N ASP A 30 -13.49 1.78 -11.08
CA ASP A 30 -13.22 2.48 -12.33
C ASP A 30 -12.81 1.51 -13.41
N LYS A 31 -12.57 0.25 -12.97
CA LYS A 31 -12.20 -0.88 -13.81
C LYS A 31 -11.09 -0.55 -14.75
N ASP A 32 -10.12 0.14 -14.23
CA ASP A 32 -9.00 0.60 -15.02
C ASP A 32 -7.85 -0.36 -14.85
N GLY A 33 -7.88 -1.06 -13.74
CA GLY A 33 -6.81 -1.94 -13.38
C GLY A 33 -5.98 -1.29 -12.32
N LYS A 34 -6.38 -0.08 -11.99
CA LYS A 34 -5.80 0.69 -10.95
C LYS A 34 -6.92 1.40 -10.29
N ILE A 35 -6.72 1.79 -9.10
CA ILE A 35 -7.70 2.52 -8.38
C ILE A 35 -7.29 3.95 -8.37
N THR A 36 -8.22 4.83 -8.22
CA THR A 36 -7.93 6.21 -8.29
C THR A 36 -7.42 6.71 -6.95
N GLY A 37 -6.95 7.91 -6.90
CA GLY A 37 -6.50 8.47 -5.66
C GLY A 37 -7.62 8.53 -4.66
N GLU A 38 -8.80 8.94 -5.11
CA GLU A 38 -9.91 9.12 -4.22
C GLU A 38 -10.41 7.77 -3.72
N GLN A 39 -10.43 6.79 -4.62
CA GLN A 39 -10.82 5.42 -4.28
C GLN A 39 -9.97 4.91 -3.14
N ALA A 40 -8.68 5.16 -3.26
CA ALA A 40 -7.72 4.77 -2.26
C ALA A 40 -7.95 5.53 -0.98
N ARG A 41 -8.04 6.85 -1.08
CA ARG A 41 -8.25 7.71 0.08
C ARG A 41 -9.49 7.31 0.85
N ASN A 42 -10.60 7.10 0.15
CA ASN A 42 -11.86 6.69 0.77
C ASN A 42 -11.72 5.36 1.49
N LEU A 43 -10.97 4.47 0.88
CA LEU A 43 -10.68 3.16 1.47
C LEU A 43 -9.93 3.32 2.79
N PHE A 44 -8.86 4.09 2.74
CA PHE A 44 -7.98 4.26 3.90
C PHE A 44 -8.73 5.05 4.99
N LEU A 45 -9.59 5.97 4.54
CA LEU A 45 -10.44 6.78 5.42
C LEU A 45 -11.40 5.91 6.20
N SER A 46 -11.77 4.77 5.64
CA SER A 46 -12.63 3.83 6.28
C SER A 46 -11.90 3.19 7.48
N TRP A 47 -10.57 3.28 7.45
CA TRP A 47 -9.73 2.76 8.51
C TRP A 47 -9.38 3.88 9.48
N ARG A 48 -10.00 5.05 9.25
CA ARG A 48 -9.86 6.25 10.04
C ARG A 48 -8.42 6.77 10.07
N LEU A 49 -7.77 6.72 8.93
CA LEU A 49 -6.43 7.22 8.82
C LEU A 49 -6.42 8.74 8.60
N PRO A 50 -5.47 9.43 9.23
CA PRO A 50 -5.27 10.87 9.11
C PRO A 50 -4.75 11.18 7.75
N ARG A 51 -4.95 12.42 7.36
CA ARG A 51 -4.58 12.95 6.05
C ARG A 51 -3.08 12.91 5.90
N GLU A 52 -2.39 13.09 7.00
CA GLU A 52 -0.95 13.02 7.03
C GLU A 52 -0.46 11.57 6.82
N VAL A 53 -1.25 10.59 7.28
CA VAL A 53 -0.82 9.20 7.17
C VAL A 53 -1.21 8.73 5.81
N LEU A 54 -2.35 9.19 5.42
CA LEU A 54 -2.93 8.97 4.15
C LEU A 54 -1.98 9.31 3.02
N LYS A 55 -1.45 10.51 3.04
CA LYS A 55 -0.53 10.91 2.01
C LYS A 55 0.77 10.14 2.16
N HIS A 56 1.18 9.88 3.41
CA HIS A 56 2.44 9.21 3.69
C HIS A 56 2.40 7.79 3.13
N VAL A 57 1.28 7.11 3.32
CA VAL A 57 1.10 5.78 2.79
C VAL A 57 1.15 5.82 1.27
N TRP A 58 0.50 6.81 0.68
CA TRP A 58 0.51 6.98 -0.76
C TRP A 58 1.93 7.19 -1.25
N GLU A 59 2.63 8.10 -0.60
CA GLU A 59 4.01 8.44 -0.91
C GLU A 59 4.93 7.22 -0.91
N LEU A 60 4.64 6.28 -0.04
CA LEU A 60 5.42 5.08 0.02
C LEU A 60 4.97 4.09 -1.05
N SER A 61 3.68 3.84 -1.11
CA SER A 61 3.14 2.83 -2.02
C SER A 61 3.21 3.23 -3.49
N ASP A 62 2.77 4.40 -3.81
CA ASP A 62 2.82 4.87 -5.18
C ASP A 62 4.18 5.50 -5.44
N GLN A 63 5.09 4.61 -5.71
CA GLN A 63 6.51 4.90 -6.05
C GLN A 63 6.59 5.62 -7.36
N ASP A 64 5.57 5.42 -8.07
CA ASP A 64 5.37 5.82 -9.43
C ASP A 64 4.97 7.31 -9.53
N ASN A 65 4.84 7.96 -8.33
CA ASN A 65 4.53 9.43 -8.14
C ASN A 65 3.39 9.88 -8.98
N ASP A 66 2.50 9.01 -9.10
CA ASP A 66 1.36 9.08 -9.93
C ASP A 66 0.07 9.28 -9.08
N THR A 67 -1.02 9.45 -9.76
CA THR A 67 -2.29 9.77 -9.18
C THR A 67 -3.13 8.55 -8.83
N MET A 68 -2.76 7.39 -9.37
CA MET A 68 -3.54 6.16 -9.18
C MET A 68 -2.73 5.01 -8.60
N LEU A 69 -3.37 4.15 -7.82
CA LEU A 69 -2.68 2.99 -7.28
C LEU A 69 -3.02 1.75 -8.05
N SER A 70 -2.03 1.10 -8.56
CA SER A 70 -2.24 -0.16 -9.24
C SER A 70 -2.18 -1.28 -8.19
N LEU A 71 -2.54 -2.51 -8.55
CA LEU A 71 -2.57 -3.64 -7.60
C LEU A 71 -1.27 -3.79 -6.80
N ARG A 72 -0.15 -3.81 -7.51
CA ARG A 72 1.16 -3.92 -6.91
C ARG A 72 1.43 -2.82 -5.88
N GLU A 73 1.01 -1.61 -6.20
CA GLU A 73 1.24 -0.46 -5.35
C GLU A 73 0.24 -0.49 -4.18
N PHE A 74 -1.00 -0.85 -4.51
CA PHE A 74 -2.13 -0.93 -3.59
C PHE A 74 -1.87 -1.91 -2.45
N CYS A 75 -1.27 -3.04 -2.78
CA CYS A 75 -0.95 -4.03 -1.79
C CYS A 75 0.05 -3.47 -0.78
N ILE A 76 0.92 -2.61 -1.26
CA ILE A 76 1.90 -1.95 -0.44
C ILE A 76 1.20 -1.00 0.51
N SER A 77 0.20 -0.29 -0.02
CA SER A 77 -0.54 0.70 0.75
C SER A 77 -1.17 0.05 1.96
N LEU A 78 -1.91 -1.01 1.72
CA LEU A 78 -2.60 -1.72 2.76
C LEU A 78 -1.65 -2.40 3.71
N TYR A 79 -0.54 -2.91 3.17
CA TYR A 79 0.49 -3.53 4.00
C TYR A 79 0.99 -2.55 5.04
N LEU A 80 1.38 -1.37 4.56
CA LEU A 80 1.89 -0.31 5.41
C LEU A 80 0.85 0.09 6.42
N MET A 81 -0.40 0.18 5.97
CA MET A 81 -1.51 0.52 6.80
C MET A 81 -1.69 -0.47 7.94
N GLU A 82 -1.63 -1.79 7.64
CA GLU A 82 -1.78 -2.80 8.68
C GLU A 82 -0.64 -2.71 9.70
N ARG A 83 0.55 -2.36 9.22
CA ARG A 83 1.70 -2.25 10.10
C ARG A 83 1.60 -0.98 10.93
N TYR A 84 1.02 0.04 10.35
CA TYR A 84 0.79 1.28 11.06
C TYR A 84 -0.16 1.02 12.24
N ARG A 85 -1.23 0.28 11.96
CA ARG A 85 -2.24 -0.09 12.97
C ARG A 85 -1.64 -0.85 14.14
N GLU A 86 -0.64 -1.68 13.84
CA GLU A 86 -0.01 -2.51 14.85
C GLU A 86 0.91 -1.66 15.75
N GLY A 87 1.22 -0.45 15.31
CA GLY A 87 2.09 0.41 16.07
C GLY A 87 3.49 0.47 15.49
N ARG A 88 3.64 0.03 14.26
CA ARG A 88 4.91 0.09 13.58
C ARG A 88 4.90 1.37 12.72
N PRO A 89 5.95 2.20 12.84
CA PRO A 89 6.04 3.45 12.09
C PRO A 89 6.21 3.23 10.59
N LEU A 90 5.71 4.17 9.82
CA LEU A 90 5.76 4.13 8.39
C LEU A 90 7.11 4.65 7.94
N PRO A 91 7.78 3.88 7.07
CA PRO A 91 9.09 4.21 6.51
C PRO A 91 9.17 5.59 5.91
N THR A 92 10.34 6.13 5.94
CA THR A 92 10.62 7.38 5.31
C THR A 92 10.90 7.10 3.83
N ALA A 93 11.16 5.83 3.55
CA ALA A 93 11.41 5.32 2.22
C ALA A 93 10.99 3.87 2.21
N LEU A 94 10.23 3.49 1.20
CA LEU A 94 9.70 2.17 1.09
C LEU A 94 10.82 1.14 0.92
N PRO A 95 10.92 0.23 1.88
CA PRO A 95 11.93 -0.84 1.92
C PRO A 95 11.93 -1.73 0.68
N SER A 96 13.11 -1.96 0.15
CA SER A 96 13.30 -2.75 -1.06
C SER A 96 12.90 -4.22 -0.86
N SER A 97 12.99 -4.71 0.38
CA SER A 97 12.54 -6.06 0.71
C SER A 97 11.06 -6.21 0.34
N ILE A 98 10.31 -5.16 0.63
CA ILE A 98 8.88 -5.11 0.36
C ILE A 98 8.66 -4.95 -1.15
N MET A 99 9.54 -4.19 -1.73
CA MET A 99 9.51 -3.85 -3.16
C MET A 99 9.78 -5.05 -4.08
N PHE A 100 10.68 -5.90 -3.67
CA PHE A 100 11.18 -6.96 -4.53
C PHE A 100 10.37 -8.25 -4.47
N ASP A 101 9.20 -8.22 -3.90
CA ASP A 101 8.49 -9.47 -3.79
C ASP A 101 7.71 -9.78 -5.05
N GLU A 102 7.95 -10.97 -5.57
CA GLU A 102 7.38 -11.46 -6.81
C GLU A 102 5.86 -11.55 -6.79
N THR A 103 5.28 -11.59 -5.62
CA THR A 103 3.83 -11.74 -5.49
C THR A 103 3.06 -10.56 -6.07
N LEU A 104 3.72 -9.43 -6.14
CA LEU A 104 3.11 -8.24 -6.71
C LEU A 104 3.17 -8.29 -8.23
N LEU A 105 4.25 -8.85 -8.72
CA LEU A 105 4.52 -8.95 -10.09
C LEU A 105 3.68 -10.06 -10.72
N SER A 106 3.65 -11.19 -10.07
CA SER A 106 2.89 -12.31 -10.51
C SER A 106 1.52 -12.27 -9.81
CA CA B . 0.65 4.37 -9.67
N GLY A 3 16.64 6.89 11.67
CA GLY A 3 18.02 6.53 11.44
C GLY A 3 18.31 6.55 9.97
N ASN A 4 19.58 6.44 9.61
CA ASN A 4 19.99 6.42 8.22
C ASN A 4 19.46 5.16 7.57
N ASN A 5 19.70 4.06 8.22
CA ASN A 5 19.21 2.78 7.77
C ASN A 5 18.00 2.45 8.62
N GLN A 6 17.13 1.67 8.08
CA GLN A 6 15.96 1.24 8.80
C GLN A 6 16.03 -0.27 8.96
N PRO A 7 15.48 -0.83 10.05
CA PRO A 7 15.45 -2.27 10.25
C PRO A 7 14.51 -2.92 9.23
N PRO A 8 14.97 -4.02 8.62
CA PRO A 8 14.27 -4.67 7.53
C PRO A 8 12.97 -5.32 7.92
N TRP A 9 12.09 -5.37 6.97
CA TRP A 9 10.76 -5.82 7.18
C TRP A 9 10.52 -7.05 6.35
N PRO A 10 9.65 -7.94 6.82
CA PRO A 10 9.25 -9.09 6.04
C PRO A 10 8.26 -8.64 4.98
N LYS A 11 8.45 -9.07 3.78
CA LYS A 11 7.64 -8.57 2.70
C LYS A 11 6.33 -9.35 2.59
N MET A 12 5.50 -8.98 1.64
CA MET A 12 4.22 -9.61 1.44
C MET A 12 4.28 -11.10 1.22
N LYS A 13 3.22 -11.72 1.60
CA LYS A 13 3.05 -13.13 1.47
C LYS A 13 2.11 -13.32 0.32
N PRO A 14 2.23 -14.38 -0.48
CA PRO A 14 1.25 -14.65 -1.55
C PRO A 14 -0.20 -14.54 -1.00
N SER A 15 -0.43 -15.15 0.16
CA SER A 15 -1.71 -15.10 0.83
C SER A 15 -2.12 -13.67 1.20
N ASP A 16 -1.16 -12.88 1.66
CA ASP A 16 -1.45 -11.50 2.03
C ASP A 16 -1.73 -10.64 0.85
N VAL A 17 -1.06 -10.92 -0.24
CA VAL A 17 -1.29 -10.19 -1.47
C VAL A 17 -2.68 -10.51 -1.98
N GLN A 18 -3.10 -11.76 -1.84
CA GLN A 18 -4.45 -12.19 -2.21
C GLN A 18 -5.51 -11.44 -1.42
N LYS A 19 -5.23 -11.23 -0.13
CA LYS A 19 -6.05 -10.48 0.73
C LYS A 19 -6.18 -9.03 0.24
N TYR A 20 -5.07 -8.46 -0.14
CA TYR A 20 -5.05 -7.10 -0.62
C TYR A 20 -5.75 -7.00 -1.99
N THR A 21 -5.50 -7.98 -2.82
CA THR A 21 -6.06 -8.06 -4.16
C THR A 21 -7.61 -8.09 -4.13
N LYS A 22 -8.19 -8.75 -3.13
CA LYS A 22 -9.64 -8.85 -3.03
C LYS A 22 -10.25 -7.46 -2.84
N VAL A 23 -9.56 -6.71 -2.00
CA VAL A 23 -9.93 -5.36 -1.64
C VAL A 23 -9.80 -4.46 -2.84
N PHE A 24 -8.85 -4.80 -3.68
CA PHE A 24 -8.55 -3.99 -4.85
C PHE A 24 -9.70 -4.06 -5.82
N MET A 25 -10.32 -5.21 -5.86
CA MET A 25 -11.48 -5.46 -6.72
C MET A 25 -12.66 -4.69 -6.21
N GLU A 26 -12.68 -4.50 -4.91
CA GLU A 26 -13.72 -3.75 -4.25
C GLU A 26 -13.56 -2.25 -4.52
N VAL A 27 -12.35 -1.78 -4.41
CA VAL A 27 -12.05 -0.36 -4.54
C VAL A 27 -12.03 0.11 -6.01
N ASP A 28 -11.64 -0.76 -6.93
CA ASP A 28 -11.59 -0.39 -8.35
C ASP A 28 -12.98 -0.43 -8.96
N SER A 29 -13.72 0.59 -8.67
CA SER A 29 -15.05 0.77 -9.17
C SER A 29 -14.97 1.35 -10.60
N ASP A 30 -13.80 1.86 -10.95
CA ASP A 30 -13.58 2.49 -12.25
C ASP A 30 -13.18 1.46 -13.28
N LYS A 31 -12.92 0.25 -12.76
CA LYS A 31 -12.57 -0.94 -13.47
C LYS A 31 -11.54 -0.74 -14.53
N ASP A 32 -10.49 -0.08 -14.11
CA ASP A 32 -9.39 0.27 -14.97
C ASP A 32 -8.23 -0.68 -14.72
N GLY A 33 -8.24 -1.27 -13.55
CA GLY A 33 -7.15 -2.09 -13.12
C GLY A 33 -6.30 -1.36 -12.13
N LYS A 34 -6.71 -0.16 -11.83
CA LYS A 34 -6.10 0.66 -10.84
C LYS A 34 -7.10 1.58 -10.28
N ILE A 35 -6.83 1.99 -9.11
CA ILE A 35 -7.72 2.80 -8.35
C ILE A 35 -7.22 4.20 -8.35
N THR A 36 -8.15 5.10 -8.24
CA THR A 36 -7.84 6.50 -8.29
C THR A 36 -7.35 6.95 -6.93
N GLY A 37 -6.83 8.14 -6.83
CA GLY A 37 -6.40 8.66 -5.55
C GLY A 37 -7.55 8.71 -4.58
N GLU A 38 -8.69 9.14 -5.08
CA GLU A 38 -9.87 9.28 -4.27
C GLU A 38 -10.36 7.91 -3.79
N GLN A 39 -10.35 6.92 -4.68
CA GLN A 39 -10.78 5.56 -4.32
C GLN A 39 -9.94 5.04 -3.17
N ALA A 40 -8.64 5.25 -3.29
CA ALA A 40 -7.70 4.82 -2.29
C ALA A 40 -7.95 5.55 -0.99
N ARG A 41 -8.09 6.87 -1.06
CA ARG A 41 -8.33 7.68 0.13
C ARG A 41 -9.57 7.22 0.85
N ASN A 42 -10.66 7.03 0.11
CA ASN A 42 -11.94 6.55 0.69
C ASN A 42 -11.77 5.22 1.39
N LEU A 43 -10.96 4.35 0.83
CA LEU A 43 -10.67 3.06 1.43
C LEU A 43 -9.96 3.25 2.76
N PHE A 44 -8.89 4.02 2.73
CA PHE A 44 -8.03 4.21 3.88
C PHE A 44 -8.79 5.01 4.97
N LEU A 45 -9.64 5.90 4.51
CA LEU A 45 -10.52 6.70 5.38
C LEU A 45 -11.50 5.85 6.14
N SER A 46 -11.87 4.73 5.56
CA SER A 46 -12.76 3.82 6.19
C SER A 46 -12.04 3.07 7.32
N TRP A 47 -10.72 3.13 7.29
CA TRP A 47 -9.90 2.58 8.33
C TRP A 47 -9.61 3.68 9.37
N ARG A 48 -10.16 4.88 9.12
CA ARG A 48 -10.03 6.05 10.00
C ARG A 48 -8.60 6.57 10.07
N LEU A 49 -7.91 6.55 8.94
CA LEU A 49 -6.56 7.02 8.88
C LEU A 49 -6.54 8.54 8.72
N PRO A 50 -5.53 9.20 9.30
CA PRO A 50 -5.33 10.65 9.20
C PRO A 50 -4.88 11.01 7.82
N ARG A 51 -5.13 12.25 7.48
CA ARG A 51 -4.82 12.80 6.16
C ARG A 51 -3.32 12.80 5.95
N GLU A 52 -2.61 12.97 7.03
CA GLU A 52 -1.17 12.93 7.04
C GLU A 52 -0.65 11.50 6.86
N VAL A 53 -1.43 10.49 7.22
CA VAL A 53 -0.96 9.13 7.07
C VAL A 53 -1.25 8.74 5.67
N LEU A 54 -2.39 9.20 5.24
CA LEU A 54 -2.90 9.05 3.94
C LEU A 54 -1.90 9.48 2.86
N LYS A 55 -1.38 10.70 2.98
CA LYS A 55 -0.39 11.20 2.03
C LYS A 55 0.88 10.36 2.07
N HIS A 56 1.29 10.00 3.29
CA HIS A 56 2.56 9.31 3.51
C HIS A 56 2.48 7.88 2.98
N VAL A 57 1.35 7.22 3.21
CA VAL A 57 1.15 5.87 2.71
C VAL A 57 1.16 5.87 1.19
N TRP A 58 0.54 6.89 0.60
CA TRP A 58 0.52 7.03 -0.86
C TRP A 58 1.94 7.15 -1.39
N GLU A 59 2.73 7.94 -0.70
CA GLU A 59 4.12 8.18 -1.02
C GLU A 59 4.94 6.89 -1.06
N LEU A 60 4.69 6.02 -0.13
CA LEU A 60 5.42 4.78 -0.05
C LEU A 60 4.86 3.74 -1.03
N SER A 61 3.57 3.71 -1.18
CA SER A 61 2.98 2.73 -2.07
C SER A 61 3.10 3.13 -3.53
N ASP A 62 2.68 4.33 -3.86
CA ASP A 62 2.82 4.82 -5.21
C ASP A 62 4.18 5.47 -5.36
N GLN A 63 5.14 4.60 -5.48
CA GLN A 63 6.56 4.94 -5.73
C GLN A 63 6.70 5.55 -7.09
N ASP A 64 5.73 5.25 -7.86
CA ASP A 64 5.61 5.54 -9.25
C ASP A 64 5.23 7.01 -9.47
N ASN A 65 5.05 7.74 -8.31
CA ASN A 65 4.78 9.21 -8.22
C ASN A 65 3.72 9.66 -9.17
N ASP A 66 2.82 8.79 -9.29
CA ASP A 66 1.72 8.82 -10.20
C ASP A 66 0.39 9.08 -9.45
N THR A 67 -0.65 9.23 -10.20
CA THR A 67 -1.96 9.60 -9.71
C THR A 67 -2.84 8.42 -9.29
N MET A 68 -2.48 7.21 -9.69
CA MET A 68 -3.31 6.05 -9.40
C MET A 68 -2.55 4.91 -8.76
N LEU A 69 -3.24 4.12 -7.94
CA LEU A 69 -2.61 2.97 -7.32
C LEU A 69 -2.98 1.72 -8.07
N SER A 70 -2.01 1.03 -8.56
CA SER A 70 -2.25 -0.21 -9.22
C SER A 70 -2.10 -1.36 -8.18
N LEU A 71 -2.34 -2.61 -8.57
CA LEU A 71 -2.35 -3.75 -7.63
C LEU A 71 -1.07 -3.87 -6.80
N ARG A 72 0.08 -3.81 -7.46
CA ARG A 72 1.38 -3.93 -6.81
C ARG A 72 1.54 -2.87 -5.72
N GLU A 73 1.09 -1.67 -6.03
CA GLU A 73 1.26 -0.52 -5.19
C GLU A 73 0.25 -0.57 -4.04
N PHE A 74 -0.96 -0.95 -4.38
CA PHE A 74 -2.09 -1.06 -3.46
C PHE A 74 -1.79 -2.06 -2.34
N CYS A 75 -1.13 -3.14 -2.69
CA CYS A 75 -0.76 -4.15 -1.70
C CYS A 75 0.22 -3.56 -0.68
N ILE A 76 1.03 -2.62 -1.15
CA ILE A 76 1.98 -1.94 -0.30
C ILE A 76 1.23 -0.99 0.63
N SER A 77 0.19 -0.34 0.10
CA SER A 77 -0.59 0.62 0.85
C SER A 77 -1.18 -0.05 2.08
N LEU A 78 -1.84 -1.16 1.83
CA LEU A 78 -2.48 -1.90 2.88
C LEU A 78 -1.48 -2.55 3.80
N TYR A 79 -0.31 -2.95 3.28
CA TYR A 79 0.75 -3.50 4.11
C TYR A 79 1.17 -2.48 5.16
N LEU A 80 1.44 -1.27 4.70
CA LEU A 80 1.86 -0.17 5.54
C LEU A 80 0.77 0.19 6.52
N MET A 81 -0.45 0.14 6.06
CA MET A 81 -1.59 0.42 6.88
C MET A 81 -1.76 -0.60 8.00
N GLU A 82 -1.58 -1.89 7.71
CA GLU A 82 -1.64 -2.91 8.76
C GLU A 82 -0.48 -2.73 9.74
N ARG A 83 0.68 -2.34 9.20
CA ARG A 83 1.85 -2.04 10.02
C ARG A 83 1.57 -0.86 10.94
N TYR A 84 1.00 0.17 10.38
CA TYR A 84 0.62 1.37 11.08
C TYR A 84 -0.34 1.06 12.24
N ARG A 85 -1.31 0.16 11.97
CA ARG A 85 -2.29 -0.29 12.99
C ARG A 85 -1.63 -0.99 14.18
N GLU A 86 -0.40 -1.41 14.01
CA GLU A 86 0.36 -2.06 15.08
C GLU A 86 1.02 -1.02 15.97
N GLY A 87 0.94 0.21 15.55
CA GLY A 87 1.64 1.26 16.24
C GLY A 87 3.08 1.30 15.78
N ARG A 88 3.29 0.77 14.58
CA ARG A 88 4.59 0.69 13.99
C ARG A 88 4.74 1.88 13.04
N PRO A 89 5.86 2.63 13.14
CA PRO A 89 6.10 3.82 12.31
C PRO A 89 6.23 3.52 10.82
N LEU A 90 5.80 4.46 10.00
CA LEU A 90 5.84 4.32 8.57
C LEU A 90 7.17 4.82 8.05
N PRO A 91 7.84 3.99 7.26
CA PRO A 91 9.13 4.30 6.63
C PRO A 91 9.14 5.61 5.89
N THR A 92 10.26 6.25 5.89
CA THR A 92 10.45 7.46 5.14
C THR A 92 10.84 7.04 3.73
N ALA A 93 11.17 5.77 3.60
CA ALA A 93 11.56 5.16 2.36
C ALA A 93 11.12 3.71 2.39
N LEU A 94 10.48 3.27 1.34
CA LEU A 94 9.98 1.93 1.28
C LEU A 94 11.12 0.96 0.96
N PRO A 95 11.33 0.01 1.86
CA PRO A 95 12.39 -1.03 1.74
C PRO A 95 12.33 -1.77 0.41
N SER A 96 13.48 -1.87 -0.22
CA SER A 96 13.65 -2.52 -1.50
C SER A 96 13.30 -4.03 -1.42
N SER A 97 13.44 -4.61 -0.23
CA SER A 97 13.08 -6.01 -0.01
C SER A 97 11.56 -6.20 -0.21
N ILE A 98 10.81 -5.14 0.08
CA ILE A 98 9.35 -5.11 -0.07
C ILE A 98 9.02 -4.79 -1.51
N MET A 99 9.83 -3.91 -2.05
CA MET A 99 9.71 -3.43 -3.44
C MET A 99 9.79 -4.57 -4.44
N PHE A 100 10.64 -5.52 -4.16
CA PHE A 100 10.85 -6.64 -5.03
C PHE A 100 10.13 -7.87 -4.57
N ASP A 101 8.92 -7.67 -4.14
CA ASP A 101 8.07 -8.79 -3.80
C ASP A 101 7.56 -9.41 -5.09
N GLU A 102 7.85 -10.68 -5.25
CA GLU A 102 7.54 -11.40 -6.46
C GLU A 102 6.04 -11.53 -6.72
N THR A 103 5.23 -11.56 -5.69
CA THR A 103 3.81 -11.71 -5.89
C THR A 103 3.16 -10.43 -6.35
N LEU A 104 3.82 -9.33 -6.07
CA LEU A 104 3.35 -8.04 -6.54
C LEU A 104 3.68 -7.90 -8.00
N LEU A 105 4.89 -8.32 -8.34
CA LEU A 105 5.42 -8.26 -9.65
C LEU A 105 4.68 -9.21 -10.60
N SER A 106 4.22 -10.32 -10.06
CA SER A 106 3.51 -11.32 -10.85
C SER A 106 2.00 -11.05 -10.83
CA CA B . 0.85 4.10 -9.73
N GLY A 3 21.07 7.46 1.43
CA GLY A 3 19.88 7.46 2.27
C GLY A 3 20.20 6.89 3.62
N ASN A 4 19.18 6.53 4.36
CA ASN A 4 19.38 5.92 5.66
C ASN A 4 18.87 4.50 5.58
N ASN A 5 19.54 3.59 6.23
CA ASN A 5 19.13 2.20 6.20
C ASN A 5 18.26 1.90 7.40
N GLN A 6 17.28 1.08 7.19
CA GLN A 6 16.31 0.76 8.19
C GLN A 6 16.26 -0.76 8.31
N PRO A 7 15.83 -1.30 9.46
CA PRO A 7 15.73 -2.74 9.66
C PRO A 7 14.71 -3.34 8.70
N PRO A 8 15.05 -4.47 8.07
CA PRO A 8 14.25 -5.07 7.02
C PRO A 8 12.94 -5.60 7.51
N TRP A 9 12.00 -5.50 6.66
CA TRP A 9 10.65 -5.83 6.95
C TRP A 9 10.31 -7.12 6.29
N PRO A 10 9.43 -7.91 6.89
CA PRO A 10 8.97 -9.13 6.28
C PRO A 10 8.12 -8.81 5.08
N LYS A 11 8.44 -9.39 3.98
CA LYS A 11 7.70 -9.11 2.77
C LYS A 11 6.39 -9.81 2.82
N MET A 12 5.46 -9.25 2.13
CA MET A 12 4.12 -9.76 2.12
C MET A 12 4.10 -11.05 1.33
N LYS A 13 3.31 -11.96 1.81
CA LYS A 13 3.21 -13.30 1.25
C LYS A 13 2.36 -13.25 0.02
N PRO A 14 2.34 -14.30 -0.82
CA PRO A 14 1.40 -14.36 -1.92
C PRO A 14 -0.01 -14.18 -1.36
N SER A 15 -0.26 -14.87 -0.25
CA SER A 15 -1.50 -14.80 0.48
C SER A 15 -1.82 -13.37 0.95
N ASP A 16 -0.80 -12.62 1.40
CA ASP A 16 -1.03 -11.21 1.79
C ASP A 16 -1.51 -10.44 0.63
N VAL A 17 -0.80 -10.59 -0.47
CA VAL A 17 -1.11 -9.87 -1.68
C VAL A 17 -2.51 -10.27 -2.15
N GLN A 18 -2.79 -11.56 -2.11
CA GLN A 18 -4.09 -12.11 -2.49
C GLN A 18 -5.23 -11.56 -1.63
N LYS A 19 -4.96 -11.33 -0.36
CA LYS A 19 -5.97 -10.80 0.52
C LYS A 19 -6.19 -9.33 0.23
N TYR A 20 -5.13 -8.65 -0.19
CA TYR A 20 -5.25 -7.25 -0.57
C TYR A 20 -5.93 -7.14 -1.92
N THR A 21 -5.61 -8.09 -2.80
CA THR A 21 -6.16 -8.15 -4.15
C THR A 21 -7.70 -8.15 -4.16
N LYS A 22 -8.33 -8.81 -3.19
CA LYS A 22 -9.78 -8.87 -3.14
C LYS A 22 -10.33 -7.47 -2.92
N VAL A 23 -9.69 -6.78 -1.99
CA VAL A 23 -10.04 -5.46 -1.57
C VAL A 23 -9.80 -4.51 -2.72
N PHE A 24 -8.79 -4.82 -3.48
CA PHE A 24 -8.40 -4.03 -4.61
C PHE A 24 -9.52 -3.98 -5.63
N MET A 25 -10.15 -5.13 -5.82
CA MET A 25 -11.24 -5.25 -6.76
C MET A 25 -12.49 -4.59 -6.20
N GLU A 26 -12.57 -4.60 -4.88
CA GLU A 26 -13.66 -3.93 -4.18
C GLU A 26 -13.56 -2.40 -4.35
N VAL A 27 -12.34 -1.91 -4.32
CA VAL A 27 -12.07 -0.48 -4.41
C VAL A 27 -12.02 -0.02 -5.89
N ASP A 28 -11.58 -0.91 -6.79
CA ASP A 28 -11.53 -0.63 -8.24
C ASP A 28 -12.94 -0.58 -8.81
N SER A 29 -13.58 0.52 -8.53
CA SER A 29 -14.91 0.77 -8.95
C SER A 29 -14.94 1.22 -10.42
N ASP A 30 -13.91 1.94 -10.85
CA ASP A 30 -13.88 2.43 -12.21
C ASP A 30 -13.32 1.42 -13.20
N LYS A 31 -12.88 0.27 -12.66
CA LYS A 31 -12.48 -0.91 -13.42
C LYS A 31 -11.32 -0.62 -14.32
N ASP A 32 -10.32 -0.02 -13.77
CA ASP A 32 -9.17 0.36 -14.55
C ASP A 32 -8.12 -0.70 -14.39
N GLY A 33 -8.18 -1.37 -13.26
CA GLY A 33 -7.18 -2.34 -12.89
C GLY A 33 -6.26 -1.72 -11.88
N LYS A 34 -6.57 -0.49 -11.57
CA LYS A 34 -5.95 0.31 -10.58
C LYS A 34 -6.94 1.27 -10.07
N ILE A 35 -6.67 1.75 -8.93
CA ILE A 35 -7.56 2.61 -8.26
C ILE A 35 -7.05 4.00 -8.28
N THR A 36 -7.95 4.90 -8.37
CA THR A 36 -7.65 6.28 -8.45
C THR A 36 -7.38 6.85 -7.07
N GLY A 37 -6.73 8.00 -7.02
CA GLY A 37 -6.45 8.65 -5.73
C GLY A 37 -7.68 8.74 -4.84
N GLU A 38 -8.80 9.08 -5.46
CA GLU A 38 -10.06 9.23 -4.79
C GLU A 38 -10.47 7.90 -4.11
N GLN A 39 -10.39 6.80 -4.89
CA GLN A 39 -10.79 5.47 -4.41
C GLN A 39 -9.97 5.09 -3.19
N ALA A 40 -8.66 5.28 -3.31
CA ALA A 40 -7.71 4.92 -2.29
C ALA A 40 -7.95 5.68 -1.00
N ARG A 41 -8.09 6.99 -1.08
CA ARG A 41 -8.28 7.80 0.12
C ARG A 41 -9.52 7.40 0.85
N ASN A 42 -10.61 7.20 0.10
CA ASN A 42 -11.90 6.83 0.68
C ASN A 42 -11.81 5.52 1.43
N LEU A 43 -11.01 4.61 0.92
CA LEU A 43 -10.75 3.32 1.55
C LEU A 43 -10.02 3.51 2.88
N PHE A 44 -8.95 4.28 2.83
CA PHE A 44 -8.08 4.46 3.98
C PHE A 44 -8.81 5.29 5.05
N LEU A 45 -9.70 6.17 4.60
CA LEU A 45 -10.55 6.98 5.48
C LEU A 45 -11.50 6.10 6.29
N SER A 46 -11.88 4.95 5.74
CA SER A 46 -12.72 4.01 6.43
C SER A 46 -11.95 3.42 7.62
N TRP A 47 -10.62 3.52 7.57
CA TRP A 47 -9.76 3.05 8.62
C TRP A 47 -9.43 4.20 9.59
N ARG A 48 -9.98 5.38 9.30
CA ARG A 48 -9.79 6.60 10.10
C ARG A 48 -8.37 7.12 10.04
N LEU A 49 -7.73 6.95 8.91
CA LEU A 49 -6.38 7.38 8.76
C LEU A 49 -6.32 8.88 8.49
N PRO A 50 -5.37 9.55 9.13
CA PRO A 50 -5.14 10.98 8.96
C PRO A 50 -4.58 11.24 7.62
N ARG A 51 -4.78 12.44 7.18
CA ARG A 51 -4.37 12.89 5.85
C ARG A 51 -2.87 12.91 5.76
N GLU A 52 -2.23 13.16 6.88
CA GLU A 52 -0.81 13.08 6.95
C GLU A 52 -0.32 11.65 6.82
N VAL A 53 -1.12 10.68 7.25
CA VAL A 53 -0.71 9.28 7.16
C VAL A 53 -1.05 8.83 5.78
N LEU A 54 -2.20 9.28 5.35
CA LEU A 54 -2.75 9.07 4.07
C LEU A 54 -1.79 9.41 2.96
N LYS A 55 -1.25 10.62 2.99
CA LYS A 55 -0.34 11.02 1.95
C LYS A 55 0.99 10.30 2.11
N HIS A 56 1.35 10.01 3.35
CA HIS A 56 2.60 9.30 3.64
C HIS A 56 2.52 7.87 3.05
N VAL A 57 1.38 7.20 3.26
CA VAL A 57 1.14 5.87 2.70
C VAL A 57 1.22 5.92 1.19
N TRP A 58 0.65 6.97 0.61
CA TRP A 58 0.67 7.16 -0.82
C TRP A 58 2.12 7.29 -1.31
N GLU A 59 2.87 8.14 -0.64
CA GLU A 59 4.28 8.36 -0.93
C GLU A 59 5.10 7.06 -0.89
N LEU A 60 4.73 6.17 -0.01
CA LEU A 60 5.41 4.90 0.09
C LEU A 60 4.91 3.90 -0.95
N SER A 61 3.62 3.89 -1.18
CA SER A 61 3.02 2.93 -2.10
C SER A 61 3.20 3.35 -3.57
N ASP A 62 2.80 4.55 -3.90
CA ASP A 62 2.94 5.01 -5.25
C ASP A 62 4.27 5.69 -5.46
N GLN A 63 5.20 4.85 -5.71
CA GLN A 63 6.61 5.19 -6.01
C GLN A 63 6.71 5.69 -7.41
N ASP A 64 5.72 5.34 -8.12
CA ASP A 64 5.54 5.53 -9.52
C ASP A 64 5.13 6.99 -9.86
N ASN A 65 5.03 7.84 -8.78
CA ASN A 65 4.72 9.33 -8.84
C ASN A 65 3.52 9.65 -9.67
N ASP A 66 2.67 8.74 -9.64
CA ASP A 66 1.48 8.68 -10.40
C ASP A 66 0.23 8.93 -9.52
N THR A 67 -0.91 9.01 -10.16
CA THR A 67 -2.15 9.35 -9.50
C THR A 67 -2.94 8.11 -9.08
N MET A 68 -2.57 6.96 -9.60
CA MET A 68 -3.33 5.75 -9.32
C MET A 68 -2.51 4.68 -8.62
N LEU A 69 -3.17 3.93 -7.75
CA LEU A 69 -2.51 2.83 -7.10
C LEU A 69 -2.86 1.56 -7.80
N SER A 70 -1.87 0.90 -8.28
CA SER A 70 -2.05 -0.34 -8.96
C SER A 70 -1.98 -1.48 -7.92
N LEU A 71 -2.24 -2.71 -8.31
CA LEU A 71 -2.32 -3.85 -7.37
C LEU A 71 -1.07 -3.98 -6.51
N ARG A 72 0.08 -3.97 -7.15
CA ARG A 72 1.38 -4.06 -6.50
C ARG A 72 1.54 -2.96 -5.43
N GLU A 73 1.11 -1.75 -5.78
CA GLU A 73 1.29 -0.57 -4.97
C GLU A 73 0.26 -0.58 -3.84
N PHE A 74 -0.93 -1.02 -4.16
CA PHE A 74 -2.04 -1.11 -3.24
C PHE A 74 -1.78 -2.13 -2.12
N CYS A 75 -1.09 -3.19 -2.47
CA CYS A 75 -0.74 -4.21 -1.51
C CYS A 75 0.22 -3.64 -0.50
N ILE A 76 1.03 -2.71 -0.95
CA ILE A 76 1.95 -2.01 -0.11
C ILE A 76 1.18 -1.11 0.84
N SER A 77 0.14 -0.47 0.32
CA SER A 77 -0.65 0.47 1.09
C SER A 77 -1.27 -0.23 2.28
N LEU A 78 -1.96 -1.32 2.01
CA LEU A 78 -2.63 -2.06 3.04
C LEU A 78 -1.65 -2.71 3.98
N TYR A 79 -0.49 -3.11 3.44
CA TYR A 79 0.57 -3.67 4.24
C TYR A 79 0.98 -2.66 5.31
N LEU A 80 1.31 -1.46 4.86
CA LEU A 80 1.77 -0.37 5.72
C LEU A 80 0.67 0.05 6.67
N MET A 81 -0.54 0.15 6.16
CA MET A 81 -1.68 0.54 6.94
C MET A 81 -1.93 -0.44 8.09
N GLU A 82 -1.83 -1.74 7.82
CA GLU A 82 -1.94 -2.74 8.87
C GLU A 82 -0.86 -2.53 9.93
N ARG A 83 0.36 -2.27 9.47
CA ARG A 83 1.50 -2.08 10.37
C ARG A 83 1.24 -0.89 11.27
N TYR A 84 0.72 0.17 10.66
CA TYR A 84 0.36 1.40 11.37
C TYR A 84 -0.67 1.12 12.44
N ARG A 85 -1.71 0.36 12.08
CA ARG A 85 -2.77 0.01 13.03
C ARG A 85 -2.19 -0.76 14.20
N GLU A 86 -1.26 -1.66 13.90
CA GLU A 86 -0.63 -2.50 14.91
C GLU A 86 0.49 -1.79 15.68
N GLY A 87 0.57 -0.49 15.54
CA GLY A 87 1.45 0.29 16.35
C GLY A 87 2.81 0.54 15.77
N ARG A 88 3.02 0.28 14.51
CA ARG A 88 4.30 0.57 13.93
C ARG A 88 4.18 1.74 12.96
N PRO A 89 4.99 2.79 13.18
CA PRO A 89 5.04 3.96 12.31
C PRO A 89 5.49 3.62 10.89
N LEU A 90 5.20 4.52 9.99
CA LEU A 90 5.46 4.35 8.60
C LEU A 90 6.87 4.81 8.26
N PRO A 91 7.62 3.99 7.51
CA PRO A 91 9.00 4.28 7.13
C PRO A 91 9.12 5.50 6.22
N THR A 92 10.29 6.07 6.22
CA THR A 92 10.62 7.22 5.41
C THR A 92 10.89 6.81 3.97
N ALA A 93 11.05 5.54 3.79
CA ALA A 93 11.30 4.96 2.51
C ALA A 93 10.83 3.55 2.54
N LEU A 94 10.30 3.10 1.46
CA LEU A 94 9.84 1.77 1.35
C LEU A 94 10.96 0.90 0.80
N PRO A 95 11.35 -0.11 1.59
CA PRO A 95 12.41 -1.06 1.23
C PRO A 95 12.18 -1.68 -0.15
N SER A 96 13.26 -1.71 -0.93
CA SER A 96 13.26 -2.22 -2.29
C SER A 96 12.87 -3.71 -2.31
N SER A 97 13.22 -4.42 -1.26
CA SER A 97 12.94 -5.83 -1.12
C SER A 97 11.44 -6.10 -1.01
N ILE A 98 10.70 -5.11 -0.57
CA ILE A 98 9.26 -5.20 -0.42
C ILE A 98 8.58 -5.02 -1.77
N MET A 99 8.96 -3.99 -2.46
CA MET A 99 8.34 -3.67 -3.76
C MET A 99 8.80 -4.58 -4.88
N PHE A 100 10.02 -5.07 -4.81
CA PHE A 100 10.52 -5.95 -5.81
C PHE A 100 10.40 -7.38 -5.38
N ASP A 101 9.45 -7.62 -4.53
CA ASP A 101 9.17 -8.96 -4.10
C ASP A 101 8.38 -9.65 -5.16
N GLU A 102 8.66 -10.91 -5.31
CA GLU A 102 8.09 -11.79 -6.30
C GLU A 102 6.56 -11.77 -6.33
N THR A 103 5.94 -11.43 -5.23
CA THR A 103 4.50 -11.37 -5.15
C THR A 103 3.93 -10.12 -5.84
N LEU A 104 4.71 -9.04 -5.88
CA LEU A 104 4.22 -7.77 -6.42
C LEU A 104 4.53 -7.63 -7.89
N LEU A 105 5.37 -8.49 -8.41
CA LEU A 105 5.75 -8.50 -9.78
C LEU A 105 4.61 -9.00 -10.65
N SER A 106 3.68 -9.64 -10.01
CA SER A 106 2.46 -10.13 -10.62
C SER A 106 1.65 -8.95 -11.20
CA CA B . 0.85 3.89 -9.69
N GLY A 3 20.80 9.75 6.35
CA GLY A 3 20.85 8.29 6.45
C GLY A 3 19.61 7.74 7.11
N ASN A 4 19.64 6.46 7.43
CA ASN A 4 18.55 5.78 8.14
C ASN A 4 18.89 4.32 8.37
N ASN A 5 18.84 3.52 7.31
CA ASN A 5 19.01 2.07 7.37
C ASN A 5 18.04 1.44 8.34
N GLN A 6 16.82 1.41 7.93
CA GLN A 6 15.73 0.86 8.73
C GLN A 6 15.83 -0.67 8.68
N PRO A 7 15.45 -1.36 9.76
CA PRO A 7 15.53 -2.81 9.81
C PRO A 7 14.55 -3.45 8.85
N PRO A 8 14.96 -4.53 8.17
CA PRO A 8 14.18 -5.14 7.12
C PRO A 8 12.94 -5.79 7.64
N TRP A 9 11.92 -5.51 6.95
CA TRP A 9 10.60 -5.91 7.30
C TRP A 9 10.34 -7.28 6.75
N PRO A 10 9.52 -8.08 7.44
CA PRO A 10 9.04 -9.32 6.88
C PRO A 10 8.18 -8.96 5.70
N LYS A 11 8.46 -9.54 4.58
CA LYS A 11 7.83 -9.12 3.35
C LYS A 11 6.37 -9.52 3.25
N MET A 12 5.76 -9.16 2.17
CA MET A 12 4.35 -9.37 2.00
C MET A 12 4.13 -10.83 1.66
N LYS A 13 3.14 -11.44 2.27
CA LYS A 13 2.89 -12.87 2.05
C LYS A 13 2.15 -13.04 0.74
N PRO A 14 2.33 -14.17 0.05
CA PRO A 14 1.53 -14.44 -1.15
C PRO A 14 0.03 -14.30 -0.85
N SER A 15 -0.46 -14.97 0.19
CA SER A 15 -1.84 -14.91 0.58
C SER A 15 -2.19 -13.50 1.12
N ASP A 16 -1.20 -12.84 1.71
CA ASP A 16 -1.39 -11.46 2.19
C ASP A 16 -1.68 -10.55 0.98
N VAL A 17 -0.98 -10.77 -0.11
CA VAL A 17 -1.20 -10.04 -1.35
C VAL A 17 -2.55 -10.44 -1.97
N GLN A 18 -2.88 -11.72 -1.88
CA GLN A 18 -4.16 -12.26 -2.37
C GLN A 18 -5.34 -11.57 -1.71
N LYS A 19 -5.27 -11.39 -0.40
CA LYS A 19 -6.34 -10.74 0.34
C LYS A 19 -6.42 -9.27 -0.07
N TYR A 20 -5.28 -8.66 -0.38
CA TYR A 20 -5.24 -7.29 -0.83
C TYR A 20 -5.84 -7.18 -2.23
N THR A 21 -5.54 -8.18 -3.04
CA THR A 21 -6.02 -8.24 -4.39
C THR A 21 -7.57 -8.32 -4.44
N LYS A 22 -8.17 -9.00 -3.48
CA LYS A 22 -9.62 -9.13 -3.45
C LYS A 22 -10.23 -7.76 -3.22
N VAL A 23 -9.63 -7.06 -2.28
CA VAL A 23 -10.05 -5.74 -1.88
C VAL A 23 -9.86 -4.79 -3.03
N PHE A 24 -8.84 -5.05 -3.80
CA PHE A 24 -8.52 -4.21 -4.94
C PHE A 24 -9.62 -4.25 -5.96
N MET A 25 -10.19 -5.42 -6.15
CA MET A 25 -11.26 -5.59 -7.12
C MET A 25 -12.51 -4.89 -6.63
N GLU A 26 -12.61 -4.84 -5.33
CA GLU A 26 -13.72 -4.18 -4.65
C GLU A 26 -13.58 -2.64 -4.78
N VAL A 27 -12.34 -2.18 -4.76
CA VAL A 27 -12.03 -0.72 -4.85
C VAL A 27 -11.92 -0.27 -6.32
N ASP A 28 -11.62 -1.22 -7.22
CA ASP A 28 -11.51 -0.96 -8.67
C ASP A 28 -12.87 -0.65 -9.28
N SER A 29 -13.42 0.45 -8.86
CA SER A 29 -14.58 0.99 -9.37
C SER A 29 -14.28 1.75 -10.66
N ASP A 30 -12.99 2.08 -10.85
CA ASP A 30 -12.55 2.83 -12.02
C ASP A 30 -12.38 1.91 -13.19
N LYS A 31 -12.45 0.62 -12.90
CA LYS A 31 -12.40 -0.48 -13.86
C LYS A 31 -11.19 -0.41 -14.77
N ASP A 32 -10.12 0.11 -14.27
CA ASP A 32 -8.95 0.33 -15.07
C ASP A 32 -7.95 -0.78 -14.83
N GLY A 33 -7.98 -1.30 -13.63
CA GLY A 33 -7.00 -2.24 -13.19
C GLY A 33 -6.08 -1.53 -12.25
N LYS A 34 -6.46 -0.31 -11.98
CA LYS A 34 -5.84 0.58 -11.08
C LYS A 34 -6.96 1.33 -10.43
N ILE A 35 -6.70 1.90 -9.32
CA ILE A 35 -7.66 2.68 -8.63
C ILE A 35 -7.17 4.09 -8.57
N THR A 36 -8.07 5.00 -8.54
CA THR A 36 -7.69 6.38 -8.51
C THR A 36 -7.34 6.80 -7.11
N GLY A 37 -6.67 7.92 -6.99
CA GLY A 37 -6.26 8.43 -5.70
C GLY A 37 -7.37 8.49 -4.69
N GLU A 38 -8.52 8.94 -5.13
CA GLU A 38 -9.63 9.14 -4.23
C GLU A 38 -10.17 7.81 -3.74
N GLN A 39 -10.21 6.81 -4.62
CA GLN A 39 -10.72 5.47 -4.26
C GLN A 39 -9.89 4.91 -3.12
N ALA A 40 -8.59 5.09 -3.26
CA ALA A 40 -7.62 4.63 -2.28
C ALA A 40 -7.81 5.39 -0.98
N ARG A 41 -7.90 6.71 -1.08
CA ARG A 41 -8.11 7.54 0.10
C ARG A 41 -9.37 7.17 0.85
N ASN A 42 -10.46 7.01 0.12
CA ASN A 42 -11.75 6.62 0.70
C ASN A 42 -11.66 5.29 1.43
N LEU A 43 -10.83 4.40 0.92
CA LEU A 43 -10.58 3.12 1.55
C LEU A 43 -9.87 3.31 2.88
N PHE A 44 -8.78 4.08 2.86
CA PHE A 44 -7.96 4.30 4.06
C PHE A 44 -8.74 5.13 5.08
N LEU A 45 -9.59 6.01 4.57
CA LEU A 45 -10.49 6.84 5.37
C LEU A 45 -11.50 6.02 6.11
N SER A 46 -11.85 4.89 5.53
CA SER A 46 -12.76 3.95 6.14
C SER A 46 -12.09 3.31 7.35
N TRP A 47 -10.77 3.45 7.44
CA TRP A 47 -10.02 2.95 8.56
C TRP A 47 -9.68 4.10 9.50
N ARG A 48 -10.25 5.28 9.19
CA ARG A 48 -10.06 6.52 9.96
C ARG A 48 -8.62 6.97 10.05
N LEU A 49 -7.89 6.86 8.96
CA LEU A 49 -6.52 7.32 8.96
C LEU A 49 -6.46 8.82 8.71
N PRO A 50 -5.50 9.50 9.36
CA PRO A 50 -5.28 10.94 9.25
C PRO A 50 -4.75 11.27 7.91
N ARG A 51 -4.97 12.50 7.53
CA ARG A 51 -4.57 13.03 6.22
C ARG A 51 -3.07 12.99 6.08
N GLU A 52 -2.38 13.12 7.20
CA GLU A 52 -0.93 13.04 7.22
C GLU A 52 -0.46 11.60 7.01
N VAL A 53 -1.27 10.62 7.43
CA VAL A 53 -0.84 9.23 7.33
C VAL A 53 -1.18 8.77 5.96
N LEU A 54 -2.33 9.23 5.53
CA LEU A 54 -2.89 9.00 4.25
C LEU A 54 -1.91 9.35 3.14
N LYS A 55 -1.39 10.56 3.17
CA LYS A 55 -0.45 11.00 2.15
C LYS A 55 0.86 10.23 2.27
N HIS A 56 1.26 9.92 3.51
CA HIS A 56 2.50 9.24 3.76
C HIS A 56 2.42 7.81 3.19
N VAL A 57 1.28 7.15 3.40
CA VAL A 57 1.06 5.81 2.86
C VAL A 57 1.11 5.87 1.33
N TRP A 58 0.53 6.91 0.76
CA TRP A 58 0.52 7.09 -0.68
C TRP A 58 1.94 7.23 -1.19
N GLU A 59 2.70 8.11 -0.56
CA GLU A 59 4.10 8.36 -0.88
C GLU A 59 4.94 7.08 -0.87
N LEU A 60 4.59 6.17 -0.01
CA LEU A 60 5.28 4.90 0.07
C LEU A 60 4.77 3.91 -0.97
N SER A 61 3.49 3.91 -1.21
CA SER A 61 2.90 2.95 -2.12
C SER A 61 3.11 3.36 -3.58
N ASP A 62 2.71 4.57 -3.89
CA ASP A 62 2.85 5.08 -5.23
C ASP A 62 4.19 5.76 -5.36
N GLN A 63 5.14 4.94 -5.62
CA GLN A 63 6.54 5.33 -5.87
C GLN A 63 6.66 5.91 -7.23
N ASP A 64 5.71 5.56 -7.97
CA ASP A 64 5.52 5.80 -9.38
C ASP A 64 5.02 7.25 -9.64
N ASN A 65 4.89 8.03 -8.53
CA ASN A 65 4.48 9.49 -8.47
C ASN A 65 3.27 9.83 -9.31
N ASP A 66 2.50 8.83 -9.49
CA ASP A 66 1.35 8.84 -10.34
C ASP A 66 0.04 8.82 -9.53
N THR A 67 -0.96 9.50 -10.04
CA THR A 67 -2.24 9.68 -9.37
C THR A 67 -3.01 8.41 -9.02
N MET A 68 -2.65 7.31 -9.60
CA MET A 68 -3.40 6.09 -9.40
C MET A 68 -2.59 4.98 -8.73
N LEU A 69 -3.25 4.17 -7.91
CA LEU A 69 -2.58 3.05 -7.31
C LEU A 69 -2.91 1.81 -8.08
N SER A 70 -1.93 1.06 -8.42
CA SER A 70 -2.17 -0.19 -9.10
C SER A 70 -2.26 -1.29 -8.08
N LEU A 71 -2.49 -2.51 -8.51
CA LEU A 71 -2.64 -3.64 -7.61
C LEU A 71 -1.44 -3.80 -6.68
N ARG A 72 -0.25 -3.79 -7.25
CA ARG A 72 0.93 -3.98 -6.46
C ARG A 72 1.19 -2.82 -5.50
N GLU A 73 0.88 -1.60 -5.93
CA GLU A 73 1.07 -0.41 -5.10
C GLU A 73 0.02 -0.42 -3.97
N PHE A 74 -1.18 -0.83 -4.31
CA PHE A 74 -2.31 -0.93 -3.40
C PHE A 74 -2.03 -1.93 -2.29
N CYS A 75 -1.38 -3.02 -2.63
CA CYS A 75 -1.00 -4.03 -1.66
C CYS A 75 -0.07 -3.42 -0.61
N ILE A 76 0.80 -2.53 -1.08
CA ILE A 76 1.73 -1.83 -0.21
C ILE A 76 0.96 -0.95 0.77
N SER A 77 -0.05 -0.27 0.25
CA SER A 77 -0.88 0.63 1.04
C SER A 77 -1.53 -0.10 2.21
N LEU A 78 -2.09 -1.24 1.92
CA LEU A 78 -2.77 -2.04 2.91
C LEU A 78 -1.78 -2.64 3.89
N TYR A 79 -0.63 -3.05 3.38
CA TYR A 79 0.45 -3.57 4.19
C TYR A 79 0.87 -2.52 5.22
N LEU A 80 1.09 -1.30 4.74
CA LEU A 80 1.46 -0.18 5.57
C LEU A 80 0.39 0.12 6.60
N MET A 81 -0.87 0.12 6.15
CA MET A 81 -1.99 0.37 7.06
C MET A 81 -2.00 -0.59 8.23
N GLU A 82 -1.84 -1.89 7.95
CA GLU A 82 -1.81 -2.85 9.02
C GLU A 82 -0.62 -2.62 9.96
N ARG A 83 0.58 -2.48 9.39
CA ARG A 83 1.81 -2.29 10.18
C ARG A 83 1.77 -1.00 11.04
N TYR A 84 1.11 0.02 10.51
CA TYR A 84 0.89 1.28 11.22
C TYR A 84 0.06 1.05 12.48
N ARG A 85 -0.98 0.24 12.35
CA ARG A 85 -1.88 -0.08 13.47
C ARG A 85 -1.15 -0.90 14.52
N GLU A 86 -0.14 -1.62 14.05
CA GLU A 86 0.72 -2.44 14.90
C GLU A 86 1.65 -1.55 15.72
N GLY A 87 1.72 -0.29 15.34
CA GLY A 87 2.50 0.66 16.05
C GLY A 87 3.83 0.95 15.38
N ARG A 88 4.10 0.28 14.27
CA ARG A 88 5.36 0.47 13.62
C ARG A 88 5.28 1.70 12.74
N PRO A 89 6.29 2.59 12.83
CA PRO A 89 6.32 3.82 12.05
C PRO A 89 6.41 3.57 10.56
N LEU A 90 5.79 4.43 9.80
CA LEU A 90 5.79 4.33 8.38
C LEU A 90 7.12 4.83 7.86
N PRO A 91 7.78 4.01 7.02
CA PRO A 91 9.08 4.31 6.42
C PRO A 91 9.13 5.65 5.75
N THR A 92 10.24 6.27 5.83
CA THR A 92 10.49 7.48 5.12
C THR A 92 10.84 7.14 3.67
N ALA A 93 11.11 5.85 3.47
CA ALA A 93 11.41 5.29 2.18
C ALA A 93 11.02 3.83 2.24
N LEU A 94 10.23 3.39 1.29
CA LEU A 94 9.78 2.03 1.26
C LEU A 94 10.90 1.14 0.76
N PRO A 95 11.26 0.14 1.55
CA PRO A 95 12.31 -0.82 1.23
C PRO A 95 12.02 -1.58 -0.07
N SER A 96 13.06 -1.74 -0.86
CA SER A 96 13.01 -2.42 -2.15
C SER A 96 12.59 -3.88 -1.96
N SER A 97 12.87 -4.40 -0.78
CA SER A 97 12.56 -5.75 -0.36
C SER A 97 11.04 -5.98 -0.37
N ILE A 98 10.30 -4.90 -0.23
CA ILE A 98 8.85 -4.94 -0.18
C ILE A 98 8.25 -4.81 -1.58
N MET A 99 8.76 -3.88 -2.33
CA MET A 99 8.22 -3.59 -3.67
C MET A 99 8.67 -4.58 -4.74
N PHE A 100 9.86 -5.13 -4.59
CA PHE A 100 10.35 -6.09 -5.54
C PHE A 100 10.08 -7.48 -5.03
N ASP A 101 8.95 -7.62 -4.44
CA ASP A 101 8.51 -8.88 -3.92
C ASP A 101 7.87 -9.65 -5.04
N GLU A 102 8.17 -10.93 -5.06
CA GLU A 102 7.73 -11.87 -6.05
C GLU A 102 6.21 -11.89 -6.19
N THR A 103 5.51 -11.59 -5.13
CA THR A 103 4.08 -11.59 -5.12
C THR A 103 3.52 -10.33 -5.77
N LEU A 104 4.30 -9.25 -5.78
CA LEU A 104 3.83 -8.00 -6.35
C LEU A 104 4.12 -7.95 -7.83
N LEU A 105 5.14 -8.68 -8.21
CA LEU A 105 5.55 -8.82 -9.55
C LEU A 105 4.61 -9.77 -10.28
N SER A 106 4.04 -10.68 -9.54
CA SER A 106 3.08 -11.62 -10.08
C SER A 106 1.69 -10.97 -10.14
CA CA B . 0.84 4.30 -9.59
N GLY A 3 26.10 6.84 3.21
CA GLY A 3 25.97 5.64 4.05
C GLY A 3 24.55 5.45 4.50
N ASN A 4 23.64 5.26 3.58
CA ASN A 4 22.24 5.09 3.93
C ASN A 4 21.75 3.73 3.47
N ASN A 5 21.45 2.88 4.43
CA ASN A 5 20.86 1.58 4.17
C ASN A 5 19.76 1.40 5.17
N GLN A 6 18.58 1.14 4.70
CA GLN A 6 17.45 0.99 5.59
C GLN A 6 17.29 -0.46 6.02
N PRO A 7 16.82 -0.68 7.24
CA PRO A 7 16.57 -2.00 7.75
C PRO A 7 15.33 -2.60 7.08
N PRO A 8 15.43 -3.84 6.62
CA PRO A 8 14.37 -4.48 5.88
C PRO A 8 13.24 -4.96 6.74
N TRP A 9 12.13 -5.04 6.10
CA TRP A 9 10.91 -5.46 6.69
C TRP A 9 10.48 -6.73 6.02
N PRO A 10 9.82 -7.63 6.76
CA PRO A 10 9.32 -8.88 6.21
C PRO A 10 8.33 -8.61 5.10
N LYS A 11 8.66 -9.09 3.94
CA LYS A 11 7.85 -8.87 2.75
C LYS A 11 6.57 -9.66 2.82
N MET A 12 5.62 -9.27 2.02
CA MET A 12 4.29 -9.86 2.04
C MET A 12 4.29 -11.23 1.47
N LYS A 13 3.41 -12.04 1.98
CA LYS A 13 3.25 -13.38 1.49
C LYS A 13 2.34 -13.32 0.32
N PRO A 14 2.30 -14.32 -0.55
CA PRO A 14 1.28 -14.39 -1.59
C PRO A 14 -0.08 -14.24 -0.93
N SER A 15 -0.27 -14.94 0.20
CA SER A 15 -1.47 -14.88 1.01
C SER A 15 -1.81 -13.43 1.43
N ASP A 16 -0.79 -12.64 1.86
CA ASP A 16 -1.05 -11.23 2.21
C ASP A 16 -1.52 -10.49 1.00
N VAL A 17 -0.85 -10.69 -0.10
CA VAL A 17 -1.17 -10.00 -1.30
C VAL A 17 -2.56 -10.40 -1.81
N GLN A 18 -2.92 -11.65 -1.61
CA GLN A 18 -4.24 -12.16 -1.96
C GLN A 18 -5.33 -11.45 -1.17
N LYS A 19 -5.11 -11.30 0.13
CA LYS A 19 -6.08 -10.64 0.99
C LYS A 19 -6.20 -9.17 0.61
N TYR A 20 -5.09 -8.60 0.15
CA TYR A 20 -5.08 -7.22 -0.31
C TYR A 20 -5.78 -7.12 -1.67
N THR A 21 -5.53 -8.09 -2.53
CA THR A 21 -6.09 -8.15 -3.86
C THR A 21 -7.62 -8.23 -3.85
N LYS A 22 -8.19 -8.92 -2.86
CA LYS A 22 -9.66 -9.04 -2.74
C LYS A 22 -10.26 -7.68 -2.53
N VAL A 23 -9.59 -6.93 -1.73
CA VAL A 23 -9.95 -5.58 -1.38
C VAL A 23 -9.82 -4.70 -2.60
N PHE A 24 -8.88 -5.02 -3.46
CA PHE A 24 -8.60 -4.21 -4.63
C PHE A 24 -9.76 -4.32 -5.59
N MET A 25 -10.32 -5.50 -5.64
CA MET A 25 -11.47 -5.81 -6.48
C MET A 25 -12.66 -4.99 -6.04
N GLU A 26 -12.69 -4.71 -4.77
CA GLU A 26 -13.75 -3.92 -4.16
C GLU A 26 -13.54 -2.43 -4.44
N VAL A 27 -12.31 -1.99 -4.38
CA VAL A 27 -11.97 -0.57 -4.57
C VAL A 27 -11.94 -0.16 -6.05
N ASP A 28 -11.53 -1.09 -6.91
CA ASP A 28 -11.40 -0.83 -8.35
C ASP A 28 -12.76 -0.75 -9.02
N SER A 29 -13.34 0.41 -8.94
CA SER A 29 -14.58 0.73 -9.60
C SER A 29 -14.33 1.05 -11.07
N ASP A 30 -13.12 1.51 -11.35
CA ASP A 30 -12.76 2.02 -12.67
C ASP A 30 -12.39 0.89 -13.61
N LYS A 31 -12.23 -0.30 -13.00
CA LYS A 31 -11.94 -1.56 -13.67
C LYS A 31 -10.72 -1.46 -14.53
N ASP A 32 -9.78 -0.71 -14.06
CA ASP A 32 -8.60 -0.44 -14.84
C ASP A 32 -7.50 -1.41 -14.49
N GLY A 33 -7.52 -1.86 -13.27
CA GLY A 33 -6.46 -2.70 -12.77
C GLY A 33 -5.61 -1.87 -11.87
N LYS A 34 -6.04 -0.63 -11.73
CA LYS A 34 -5.47 0.35 -10.86
C LYS A 34 -6.62 1.08 -10.28
N ILE A 35 -6.38 1.75 -9.22
CA ILE A 35 -7.38 2.56 -8.59
C ILE A 35 -6.90 3.97 -8.59
N THR A 36 -7.83 4.88 -8.59
CA THR A 36 -7.46 6.24 -8.64
C THR A 36 -7.22 6.73 -7.22
N GLY A 37 -6.48 7.80 -7.07
CA GLY A 37 -6.18 8.34 -5.74
C GLY A 37 -7.41 8.49 -4.86
N GLU A 38 -8.46 8.98 -5.47
CA GLU A 38 -9.73 9.24 -4.80
C GLU A 38 -10.30 7.94 -4.20
N GLN A 39 -10.29 6.89 -5.01
CA GLN A 39 -10.83 5.59 -4.63
C GLN A 39 -9.97 4.99 -3.51
N ALA A 40 -8.66 5.12 -3.68
CA ALA A 40 -7.69 4.60 -2.73
C ALA A 40 -7.82 5.27 -1.38
N ARG A 41 -7.85 6.59 -1.40
CA ARG A 41 -7.94 7.35 -0.17
C ARG A 41 -9.23 7.11 0.55
N ASN A 42 -10.32 6.95 -0.20
CA ASN A 42 -11.63 6.62 0.41
C ASN A 42 -11.56 5.36 1.23
N LEU A 43 -10.79 4.40 0.75
CA LEU A 43 -10.57 3.14 1.46
C LEU A 43 -9.87 3.42 2.79
N PHE A 44 -8.76 4.13 2.72
CA PHE A 44 -7.92 4.41 3.88
C PHE A 44 -8.69 5.30 4.87
N LEU A 45 -9.50 6.20 4.32
CA LEU A 45 -10.35 7.11 5.09
C LEU A 45 -11.40 6.36 5.88
N SER A 46 -11.81 5.21 5.36
CA SER A 46 -12.76 4.38 6.04
C SER A 46 -12.13 3.80 7.31
N TRP A 47 -10.81 3.74 7.33
CA TRP A 47 -10.05 3.25 8.48
C TRP A 47 -9.73 4.42 9.42
N ARG A 48 -10.22 5.62 9.03
CA ARG A 48 -10.03 6.86 9.76
C ARG A 48 -8.56 7.24 9.86
N LEU A 49 -7.82 7.00 8.80
CA LEU A 49 -6.42 7.32 8.78
C LEU A 49 -6.25 8.80 8.54
N PRO A 50 -5.29 9.41 9.26
CA PRO A 50 -5.02 10.84 9.20
C PRO A 50 -4.53 11.21 7.84
N ARG A 51 -4.71 12.48 7.55
CA ARG A 51 -4.34 13.07 6.28
C ARG A 51 -2.85 12.91 6.05
N GLU A 52 -2.09 12.98 7.13
CA GLU A 52 -0.65 12.80 7.07
C GLU A 52 -0.29 11.33 6.87
N VAL A 53 -1.15 10.40 7.29
CA VAL A 53 -0.79 9.00 7.17
C VAL A 53 -1.15 8.61 5.79
N LEU A 54 -2.24 9.14 5.36
CA LEU A 54 -2.74 9.02 4.05
C LEU A 54 -1.70 9.41 3.02
N LYS A 55 -1.14 10.61 3.17
CA LYS A 55 -0.17 11.09 2.26
C LYS A 55 1.10 10.25 2.37
N HIS A 56 1.42 9.81 3.58
CA HIS A 56 2.64 9.07 3.85
C HIS A 56 2.56 7.67 3.24
N VAL A 57 1.42 7.02 3.38
CA VAL A 57 1.20 5.71 2.80
C VAL A 57 1.30 5.81 1.29
N TRP A 58 0.81 6.93 0.75
CA TRP A 58 0.89 7.18 -0.67
C TRP A 58 2.36 7.30 -1.08
N GLU A 59 3.12 8.10 -0.34
CA GLU A 59 4.54 8.33 -0.59
C GLU A 59 5.33 7.02 -0.61
N LEU A 60 4.92 6.08 0.20
CA LEU A 60 5.60 4.82 0.26
C LEU A 60 5.13 3.89 -0.86
N SER A 61 3.83 3.81 -1.06
CA SER A 61 3.26 2.89 -2.02
C SER A 61 3.43 3.36 -3.47
N ASP A 62 3.06 4.59 -3.73
CA ASP A 62 3.06 5.12 -5.07
C ASP A 62 4.39 5.63 -5.51
N GLN A 63 5.11 4.74 -6.05
CA GLN A 63 6.45 4.97 -6.53
C GLN A 63 6.49 5.77 -7.80
N ASP A 64 5.44 5.71 -8.55
CA ASP A 64 5.41 6.44 -9.86
C ASP A 64 5.15 7.90 -9.63
N ASN A 65 4.76 8.23 -8.38
CA ASN A 65 4.33 9.55 -7.96
C ASN A 65 3.24 10.08 -8.83
N ASP A 66 2.36 9.19 -9.16
CA ASP A 66 1.25 9.43 -10.01
C ASP A 66 -0.05 9.43 -9.20
N THR A 67 -1.10 9.72 -9.83
CA THR A 67 -2.37 9.84 -9.19
C THR A 67 -3.04 8.50 -8.88
N MET A 68 -2.57 7.45 -9.49
CA MET A 68 -3.19 6.16 -9.35
C MET A 68 -2.34 5.10 -8.64
N LEU A 69 -3.04 4.25 -7.86
CA LEU A 69 -2.38 3.16 -7.19
C LEU A 69 -2.68 1.89 -7.92
N SER A 70 -1.67 1.18 -8.28
CA SER A 70 -1.90 -0.07 -8.94
C SER A 70 -1.94 -1.20 -7.91
N LEU A 71 -2.28 -2.40 -8.35
CA LEU A 71 -2.43 -3.57 -7.46
C LEU A 71 -1.23 -3.74 -6.52
N ARG A 72 -0.03 -3.69 -7.08
CA ARG A 72 1.18 -3.83 -6.34
C ARG A 72 1.31 -2.78 -5.23
N GLU A 73 0.99 -1.54 -5.57
CA GLU A 73 1.14 -0.40 -4.67
C GLU A 73 0.08 -0.49 -3.59
N PHE A 74 -1.09 -0.93 -3.98
CA PHE A 74 -2.23 -1.08 -3.10
C PHE A 74 -1.94 -2.13 -2.02
N CYS A 75 -1.29 -3.21 -2.41
CA CYS A 75 -0.91 -4.25 -1.47
C CYS A 75 0.10 -3.71 -0.47
N ILE A 76 0.94 -2.79 -0.95
CA ILE A 76 1.91 -2.11 -0.11
C ILE A 76 1.18 -1.20 0.88
N SER A 77 0.18 -0.50 0.38
CA SER A 77 -0.57 0.45 1.18
C SER A 77 -1.20 -0.24 2.36
N LEU A 78 -1.90 -1.31 2.09
CA LEU A 78 -2.57 -2.06 3.12
C LEU A 78 -1.59 -2.72 4.06
N TYR A 79 -0.44 -3.16 3.54
CA TYR A 79 0.62 -3.71 4.35
C TYR A 79 1.05 -2.69 5.41
N LEU A 80 1.37 -1.50 4.94
CA LEU A 80 1.82 -0.41 5.78
C LEU A 80 0.72 -0.03 6.76
N MET A 81 -0.50 0.03 6.26
CA MET A 81 -1.65 0.35 7.05
C MET A 81 -1.85 -0.64 8.18
N GLU A 82 -1.75 -1.95 7.89
CA GLU A 82 -1.89 -2.96 8.94
C GLU A 82 -0.81 -2.82 9.99
N ARG A 83 0.41 -2.48 9.56
CA ARG A 83 1.54 -2.28 10.48
C ARG A 83 1.24 -1.08 11.36
N TYR A 84 0.75 -0.03 10.72
CA TYR A 84 0.37 1.20 11.39
C TYR A 84 -0.70 0.93 12.46
N ARG A 85 -1.69 0.10 12.12
CA ARG A 85 -2.77 -0.31 13.05
C ARG A 85 -2.22 -1.03 14.29
N GLU A 86 -1.02 -1.58 14.19
CA GLU A 86 -0.37 -2.28 15.30
C GLU A 86 0.39 -1.33 16.18
N GLY A 87 0.49 -0.11 15.74
CA GLY A 87 1.25 0.87 16.48
C GLY A 87 2.65 0.98 15.99
N ARG A 88 2.85 0.66 14.74
CA ARG A 88 4.16 0.71 14.15
C ARG A 88 4.25 1.96 13.28
N PRO A 89 5.35 2.70 13.38
CA PRO A 89 5.58 3.90 12.56
C PRO A 89 5.82 3.54 11.10
N LEU A 90 5.42 4.45 10.23
CA LEU A 90 5.55 4.23 8.81
C LEU A 90 6.92 4.65 8.32
N PRO A 91 7.57 3.74 7.56
CA PRO A 91 8.89 3.93 6.94
C PRO A 91 9.11 5.29 6.33
N THR A 92 10.31 5.74 6.45
CA THR A 92 10.74 6.97 5.85
C THR A 92 11.05 6.71 4.37
N ALA A 93 11.16 5.44 4.05
CA ALA A 93 11.39 4.96 2.72
C ALA A 93 10.88 3.54 2.65
N LEU A 94 10.13 3.21 1.62
CA LEU A 94 9.65 1.87 1.45
C LEU A 94 10.76 1.02 0.86
N PRO A 95 11.11 -0.05 1.57
CA PRO A 95 12.12 -1.01 1.12
C PRO A 95 11.79 -1.60 -0.25
N SER A 96 12.74 -1.47 -1.15
CA SER A 96 12.67 -1.96 -2.51
C SER A 96 12.38 -3.47 -2.56
N SER A 97 12.92 -4.20 -1.59
CA SER A 97 12.73 -5.64 -1.49
C SER A 97 11.23 -6.00 -1.36
N ILE A 98 10.48 -5.08 -0.78
CA ILE A 98 9.06 -5.22 -0.54
C ILE A 98 8.29 -5.06 -1.84
N MET A 99 8.63 -4.04 -2.57
CA MET A 99 7.90 -3.70 -3.81
C MET A 99 8.24 -4.62 -4.96
N PHE A 100 9.41 -5.21 -4.92
CA PHE A 100 9.84 -6.10 -5.96
C PHE A 100 9.60 -7.54 -5.60
N ASP A 101 8.59 -7.76 -4.80
CA ASP A 101 8.15 -9.09 -4.45
C ASP A 101 7.42 -9.62 -5.67
N GLU A 102 7.55 -10.92 -5.93
CA GLU A 102 7.03 -11.52 -7.14
C GLU A 102 5.52 -11.49 -7.21
N THR A 103 4.89 -11.33 -6.07
CA THR A 103 3.45 -11.26 -6.04
C THR A 103 2.98 -9.88 -6.50
N LEU A 104 3.80 -8.85 -6.23
CA LEU A 104 3.46 -7.49 -6.62
C LEU A 104 3.81 -7.26 -8.08
N LEU A 105 4.81 -7.99 -8.55
CA LEU A 105 5.23 -7.92 -9.88
C LEU A 105 4.10 -8.39 -10.80
N SER A 106 3.54 -9.55 -10.49
CA SER A 106 2.47 -10.19 -11.25
C SER A 106 2.72 -10.19 -12.76
CA CA B . 1.26 4.32 -9.19
N GLY A 3 18.72 5.35 14.18
CA GLY A 3 19.19 5.32 12.79
C GLY A 3 18.17 5.96 11.90
N ASN A 4 18.59 6.90 11.08
CA ASN A 4 17.69 7.64 10.20
C ASN A 4 17.54 6.93 8.86
N ASN A 5 17.42 5.64 8.99
CA ASN A 5 17.23 4.70 7.93
C ASN A 5 16.55 3.54 8.59
N GLN A 6 15.51 3.05 8.00
CA GLN A 6 14.71 2.08 8.69
C GLN A 6 15.07 0.63 8.33
N PRO A 7 14.87 -0.29 9.29
CA PRO A 7 15.21 -1.68 9.13
C PRO A 7 14.17 -2.40 8.29
N PRO A 8 14.62 -3.36 7.45
CA PRO A 8 13.77 -4.04 6.48
C PRO A 8 12.69 -4.88 7.09
N TRP A 9 11.61 -4.93 6.40
CA TRP A 9 10.42 -5.54 6.85
C TRP A 9 10.16 -6.77 5.99
N PRO A 10 9.32 -7.70 6.47
CA PRO A 10 8.90 -8.86 5.68
C PRO A 10 8.17 -8.41 4.43
N LYS A 11 8.49 -9.01 3.32
CA LYS A 11 7.90 -8.65 2.05
C LYS A 11 6.48 -9.18 1.90
N MET A 12 5.84 -8.86 0.80
CA MET A 12 4.46 -9.24 0.63
C MET A 12 4.29 -10.72 0.39
N LYS A 13 3.59 -11.34 1.30
CA LYS A 13 3.32 -12.77 1.27
C LYS A 13 2.37 -13.07 0.15
N PRO A 14 2.59 -14.14 -0.61
CA PRO A 14 1.63 -14.57 -1.64
C PRO A 14 0.20 -14.63 -1.08
N SER A 15 0.08 -15.24 0.09
CA SER A 15 -1.19 -15.37 0.77
C SER A 15 -1.78 -14.01 1.21
N ASP A 16 -0.91 -13.08 1.63
CA ASP A 16 -1.40 -11.77 2.08
C ASP A 16 -1.77 -10.91 0.87
N VAL A 17 -1.06 -11.13 -0.24
CA VAL A 17 -1.33 -10.40 -1.50
C VAL A 17 -2.70 -10.78 -2.04
N GLN A 18 -3.05 -12.06 -1.90
CA GLN A 18 -4.38 -12.57 -2.35
C GLN A 18 -5.51 -11.82 -1.66
N LYS A 19 -5.29 -11.55 -0.40
CA LYS A 19 -6.16 -10.84 0.45
C LYS A 19 -6.29 -9.39 -0.03
N TYR A 20 -5.16 -8.75 -0.32
CA TYR A 20 -5.15 -7.36 -0.79
C TYR A 20 -5.84 -7.26 -2.13
N THR A 21 -5.51 -8.20 -2.98
CA THR A 21 -6.02 -8.27 -4.34
C THR A 21 -7.56 -8.31 -4.37
N LYS A 22 -8.18 -9.03 -3.43
CA LYS A 22 -9.63 -9.14 -3.42
C LYS A 22 -10.25 -7.78 -3.15
N VAL A 23 -9.66 -7.10 -2.20
CA VAL A 23 -10.09 -5.80 -1.75
C VAL A 23 -9.92 -4.81 -2.87
N PHE A 24 -8.91 -5.05 -3.69
CA PHE A 24 -8.61 -4.14 -4.79
C PHE A 24 -9.73 -4.19 -5.79
N MET A 25 -10.24 -5.36 -5.98
CA MET A 25 -11.33 -5.61 -6.92
C MET A 25 -12.60 -4.98 -6.40
N GLU A 26 -12.67 -4.86 -5.09
CA GLU A 26 -13.80 -4.23 -4.42
C GLU A 26 -13.70 -2.70 -4.55
N VAL A 27 -12.50 -2.18 -4.46
CA VAL A 27 -12.27 -0.74 -4.53
C VAL A 27 -12.26 -0.23 -5.99
N ASP A 28 -11.76 -1.06 -6.91
CA ASP A 28 -11.68 -0.70 -8.34
C ASP A 28 -13.06 -0.72 -9.00
N SER A 29 -13.80 0.33 -8.74
CA SER A 29 -15.07 0.52 -9.39
C SER A 29 -14.84 1.14 -10.78
N ASP A 30 -13.66 1.74 -10.95
CA ASP A 30 -13.33 2.46 -12.19
C ASP A 30 -12.94 1.52 -13.29
N LYS A 31 -12.73 0.27 -12.90
CA LYS A 31 -12.44 -0.86 -13.77
C LYS A 31 -11.28 -0.56 -14.66
N ASP A 32 -10.29 0.07 -14.09
CA ASP A 32 -9.15 0.51 -14.84
C ASP A 32 -8.00 -0.46 -14.66
N GLY A 33 -8.01 -1.11 -13.51
CA GLY A 33 -6.93 -1.98 -13.14
C GLY A 33 -6.09 -1.29 -12.12
N LYS A 34 -6.49 -0.06 -11.84
CA LYS A 34 -5.90 0.77 -10.84
C LYS A 34 -7.05 1.47 -10.21
N ILE A 35 -6.85 1.94 -9.05
CA ILE A 35 -7.84 2.69 -8.36
C ILE A 35 -7.42 4.11 -8.35
N THR A 36 -8.35 4.99 -8.28
CA THR A 36 -8.02 6.38 -8.34
C THR A 36 -7.52 6.86 -7.00
N GLY A 37 -6.91 8.02 -6.96
CA GLY A 37 -6.42 8.57 -5.72
C GLY A 37 -7.50 8.66 -4.69
N GLU A 38 -8.67 9.07 -5.14
CA GLU A 38 -9.81 9.22 -4.30
C GLU A 38 -10.25 7.86 -3.76
N GLN A 39 -10.34 6.86 -4.66
CA GLN A 39 -10.76 5.49 -4.29
C GLN A 39 -9.87 4.95 -3.19
N ALA A 40 -8.58 5.15 -3.38
CA ALA A 40 -7.59 4.68 -2.45
C ALA A 40 -7.71 5.37 -1.11
N ARG A 41 -7.75 6.69 -1.11
CA ARG A 41 -7.82 7.43 0.14
C ARG A 41 -9.11 7.16 0.86
N ASN A 42 -10.21 7.02 0.12
CA ASN A 42 -11.53 6.71 0.71
C ASN A 42 -11.50 5.39 1.46
N LEU A 43 -10.74 4.45 0.94
CA LEU A 43 -10.54 3.16 1.59
C LEU A 43 -9.87 3.36 2.94
N PHE A 44 -8.76 4.08 2.91
CA PHE A 44 -7.91 4.31 4.08
C PHE A 44 -8.65 5.19 5.10
N LEU A 45 -9.48 6.10 4.59
CA LEU A 45 -10.31 6.99 5.41
C LEU A 45 -11.26 6.21 6.28
N SER A 46 -11.65 5.04 5.82
CA SER A 46 -12.54 4.17 6.57
C SER A 46 -11.81 3.63 7.80
N TRP A 47 -10.48 3.66 7.75
CA TRP A 47 -9.66 3.17 8.85
C TRP A 47 -9.26 4.35 9.74
N ARG A 48 -9.83 5.51 9.40
CA ARG A 48 -9.63 6.79 10.11
C ARG A 48 -8.18 7.24 10.12
N LEU A 49 -7.53 7.12 9.00
CA LEU A 49 -6.17 7.55 8.89
C LEU A 49 -6.13 9.05 8.64
N PRO A 50 -5.17 9.72 9.26
CA PRO A 50 -4.94 11.15 9.11
C PRO A 50 -4.47 11.44 7.73
N ARG A 51 -4.70 12.66 7.35
CA ARG A 51 -4.39 13.14 6.01
C ARG A 51 -2.90 13.06 5.73
N GLU A 52 -2.11 13.26 6.76
CA GLU A 52 -0.67 13.13 6.66
C GLU A 52 -0.23 11.68 6.59
N VAL A 53 -1.04 10.75 7.11
CA VAL A 53 -0.63 9.36 7.08
C VAL A 53 -1.00 8.83 5.76
N LEU A 54 -2.15 9.26 5.33
CA LEU A 54 -2.71 8.98 4.06
C LEU A 54 -1.74 9.32 2.93
N LYS A 55 -1.25 10.54 2.93
CA LYS A 55 -0.34 10.97 1.89
C LYS A 55 1.03 10.29 2.01
N HIS A 56 1.39 9.93 3.23
CA HIS A 56 2.65 9.25 3.48
C HIS A 56 2.54 7.80 2.96
N VAL A 57 1.40 7.16 3.20
CA VAL A 57 1.14 5.82 2.69
C VAL A 57 1.24 5.84 1.17
N TRP A 58 0.69 6.88 0.57
CA TRP A 58 0.72 7.06 -0.86
C TRP A 58 2.16 7.10 -1.36
N GLU A 59 2.99 7.91 -0.71
CA GLU A 59 4.40 8.05 -1.04
C GLU A 59 5.16 6.71 -1.01
N LEU A 60 4.78 5.86 -0.10
CA LEU A 60 5.40 4.58 0.03
C LEU A 60 4.81 3.57 -0.97
N SER A 61 3.53 3.67 -1.22
CA SER A 61 2.86 2.71 -2.10
C SER A 61 3.00 3.09 -3.58
N ASP A 62 2.65 4.32 -3.92
CA ASP A 62 2.77 4.77 -5.28
C ASP A 62 4.14 5.32 -5.51
N GLN A 63 4.99 4.39 -5.73
CA GLN A 63 6.41 4.59 -6.05
C GLN A 63 6.53 5.10 -7.45
N ASP A 64 5.50 4.83 -8.13
CA ASP A 64 5.31 5.12 -9.52
C ASP A 64 4.99 6.60 -9.76
N ASN A 65 4.93 7.37 -8.64
CA ASN A 65 4.71 8.85 -8.60
C ASN A 65 3.59 9.32 -9.46
N ASP A 66 2.64 8.50 -9.51
CA ASP A 66 1.46 8.66 -10.31
C ASP A 66 0.21 8.96 -9.42
N THR A 67 -0.90 9.23 -10.06
CA THR A 67 -2.09 9.71 -9.41
C THR A 67 -2.99 8.58 -8.92
N MET A 68 -2.75 7.38 -9.40
CA MET A 68 -3.61 6.24 -9.11
C MET A 68 -2.85 5.09 -8.48
N LEU A 69 -3.52 4.33 -7.61
CA LEU A 69 -2.86 3.21 -7.01
C LEU A 69 -3.13 1.98 -7.79
N SER A 70 -2.09 1.38 -8.23
CA SER A 70 -2.18 0.18 -8.97
C SER A 70 -2.16 -0.99 -7.97
N LEU A 71 -2.47 -2.20 -8.43
CA LEU A 71 -2.58 -3.38 -7.54
C LEU A 71 -1.36 -3.57 -6.65
N ARG A 72 -0.18 -3.58 -7.25
CA ARG A 72 1.07 -3.76 -6.55
C ARG A 72 1.23 -2.69 -5.45
N GLU A 73 0.85 -1.48 -5.77
CA GLU A 73 1.00 -0.33 -4.90
C GLU A 73 -0.03 -0.42 -3.79
N PHE A 74 -1.24 -0.80 -4.16
CA PHE A 74 -2.36 -0.97 -3.26
C PHE A 74 -2.07 -2.01 -2.18
N CYS A 75 -1.38 -3.06 -2.56
CA CYS A 75 -1.00 -4.10 -1.64
C CYS A 75 -0.05 -3.54 -0.57
N ILE A 76 0.82 -2.65 -1.00
CA ILE A 76 1.76 -1.98 -0.13
C ILE A 76 1.00 -1.09 0.85
N SER A 77 -0.04 -0.44 0.35
CA SER A 77 -0.86 0.45 1.14
C SER A 77 -1.49 -0.30 2.32
N LEU A 78 -2.06 -1.44 2.02
CA LEU A 78 -2.70 -2.25 3.02
C LEU A 78 -1.69 -2.85 3.97
N TYR A 79 -0.54 -3.23 3.43
CA TYR A 79 0.56 -3.74 4.22
C TYR A 79 0.93 -2.71 5.29
N LEU A 80 1.18 -1.49 4.83
CA LEU A 80 1.57 -0.40 5.69
C LEU A 80 0.48 -0.01 6.65
N MET A 81 -0.76 0.03 6.17
CA MET A 81 -1.89 0.39 7.02
C MET A 81 -2.00 -0.50 8.22
N GLU A 82 -1.97 -1.82 8.01
CA GLU A 82 -2.10 -2.74 9.13
C GLU A 82 -0.91 -2.61 10.08
N ARG A 83 0.29 -2.39 9.54
CA ARG A 83 1.50 -2.21 10.38
C ARG A 83 1.34 -0.98 11.26
N TYR A 84 0.81 0.07 10.67
CA TYR A 84 0.54 1.32 11.36
C TYR A 84 -0.48 1.09 12.48
N ARG A 85 -1.52 0.31 12.17
CA ARG A 85 -2.56 -0.07 13.14
C ARG A 85 -1.98 -0.90 14.30
N GLU A 86 -0.83 -1.50 14.07
CA GLU A 86 -0.16 -2.32 15.07
C GLU A 86 0.67 -1.47 16.05
N GLY A 87 0.81 -0.19 15.73
CA GLY A 87 1.59 0.68 16.58
C GLY A 87 2.95 0.97 15.99
N ARG A 88 3.06 0.88 14.69
CA ARG A 88 4.28 1.20 14.00
C ARG A 88 4.15 2.46 13.16
N PRO A 89 5.19 3.30 13.17
CA PRO A 89 5.24 4.49 12.33
C PRO A 89 5.64 4.09 10.91
N LEU A 90 5.17 4.86 9.96
CA LEU A 90 5.41 4.59 8.56
C LEU A 90 6.83 4.96 8.16
N PRO A 91 7.51 3.99 7.50
CA PRO A 91 8.86 4.12 6.93
C PRO A 91 9.11 5.42 6.23
N THR A 92 10.30 5.91 6.42
CA THR A 92 10.76 7.11 5.78
C THR A 92 11.04 6.82 4.31
N ALA A 93 11.19 5.55 4.05
CA ALA A 93 11.44 5.03 2.73
C ALA A 93 10.99 3.60 2.76
N LEU A 94 10.37 3.13 1.70
CA LEU A 94 9.90 1.79 1.64
C LEU A 94 11.11 0.90 1.37
N PRO A 95 11.26 -0.14 2.18
CA PRO A 95 12.38 -1.07 2.09
C PRO A 95 12.39 -1.76 0.75
N SER A 96 13.51 -1.70 0.07
CA SER A 96 13.68 -2.31 -1.23
C SER A 96 13.51 -3.84 -1.13
N SER A 97 13.72 -4.36 0.07
CA SER A 97 13.53 -5.77 0.40
C SER A 97 12.08 -6.17 0.06
N ILE A 98 11.15 -5.27 0.36
CA ILE A 98 9.74 -5.45 0.08
C ILE A 98 9.51 -5.26 -1.39
N MET A 99 10.09 -4.19 -1.89
CA MET A 99 9.90 -3.69 -3.28
C MET A 99 10.15 -4.73 -4.38
N PHE A 100 10.99 -5.68 -4.12
CA PHE A 100 11.30 -6.69 -5.09
C PHE A 100 10.46 -7.94 -4.94
N ASP A 101 9.22 -7.75 -4.55
CA ASP A 101 8.31 -8.85 -4.38
C ASP A 101 7.67 -9.30 -5.67
N GLU A 102 7.94 -10.53 -5.99
CA GLU A 102 7.52 -11.20 -7.16
C GLU A 102 6.03 -11.44 -7.13
N THR A 103 5.48 -11.39 -5.94
CA THR A 103 4.10 -11.59 -5.70
C THR A 103 3.28 -10.41 -6.21
N LEU A 104 3.88 -9.24 -6.17
CA LEU A 104 3.23 -8.05 -6.70
C LEU A 104 3.58 -7.90 -8.17
N LEU A 105 4.77 -8.34 -8.53
CA LEU A 105 5.25 -8.30 -9.86
C LEU A 105 4.45 -9.23 -10.78
N SER A 106 4.34 -10.47 -10.39
CA SER A 106 3.69 -11.47 -11.18
C SER A 106 2.50 -12.04 -10.42
CA CA B . 0.49 4.19 -9.54
N GLY A 3 16.59 10.30 9.70
CA GLY A 3 17.66 9.41 9.31
C GLY A 3 17.50 8.92 7.89
N ASN A 4 18.57 8.47 7.29
CA ASN A 4 18.54 7.93 5.93
C ASN A 4 18.83 6.44 5.99
N ASN A 5 18.59 5.88 7.14
CA ASN A 5 18.87 4.50 7.40
C ASN A 5 17.63 3.82 7.96
N GLN A 6 17.34 2.65 7.46
CA GLN A 6 16.28 1.82 7.92
C GLN A 6 16.47 0.40 7.40
N PRO A 7 16.29 -0.59 8.29
CA PRO A 7 16.36 -1.99 7.91
C PRO A 7 15.09 -2.41 7.14
N PRO A 8 15.21 -3.43 6.29
CA PRO A 8 14.11 -3.90 5.46
C PRO A 8 13.10 -4.68 6.25
N TRP A 9 11.93 -4.71 5.70
CA TRP A 9 10.81 -5.30 6.33
C TRP A 9 10.50 -6.62 5.69
N PRO A 10 9.83 -7.51 6.47
CA PRO A 10 9.42 -8.84 6.00
C PRO A 10 8.60 -8.76 4.74
N LYS A 11 8.92 -9.64 3.82
CA LYS A 11 8.26 -9.74 2.59
C LYS A 11 6.79 -10.02 2.76
N MET A 12 6.06 -9.42 1.89
CA MET A 12 4.63 -9.49 1.85
C MET A 12 4.29 -10.85 1.34
N LYS A 13 3.56 -11.63 2.10
CA LYS A 13 3.35 -13.00 1.73
C LYS A 13 2.27 -13.09 0.68
N PRO A 14 2.26 -14.12 -0.17
CA PRO A 14 1.21 -14.30 -1.17
C PRO A 14 -0.19 -14.11 -0.56
N SER A 15 -0.40 -14.72 0.61
CA SER A 15 -1.64 -14.61 1.33
C SER A 15 -1.94 -13.13 1.71
N ASP A 16 -0.90 -12.33 2.06
CA ASP A 16 -1.12 -10.91 2.36
C ASP A 16 -1.56 -10.21 1.11
N VAL A 17 -0.87 -10.51 0.03
CA VAL A 17 -1.13 -9.88 -1.25
C VAL A 17 -2.52 -10.21 -1.71
N GLN A 18 -2.90 -11.45 -1.57
CA GLN A 18 -4.19 -11.92 -2.01
C GLN A 18 -5.33 -11.35 -1.19
N LYS A 19 -5.08 -11.10 0.09
CA LYS A 19 -6.12 -10.49 0.91
C LYS A 19 -6.27 -9.03 0.49
N TYR A 20 -5.18 -8.41 0.06
CA TYR A 20 -5.23 -7.05 -0.41
C TYR A 20 -5.89 -7.01 -1.79
N THR A 21 -5.51 -7.96 -2.63
CA THR A 21 -6.00 -8.11 -3.98
C THR A 21 -7.54 -8.25 -4.04
N LYS A 22 -8.12 -8.97 -3.09
CA LYS A 22 -9.56 -9.20 -3.09
C LYS A 22 -10.30 -7.90 -2.87
N VAL A 23 -9.75 -7.13 -2.00
CA VAL A 23 -10.26 -5.83 -1.63
C VAL A 23 -10.10 -4.87 -2.81
N PHE A 24 -9.04 -5.09 -3.58
CA PHE A 24 -8.69 -4.22 -4.69
C PHE A 24 -9.76 -4.24 -5.73
N MET A 25 -10.30 -5.40 -5.93
CA MET A 25 -11.36 -5.64 -6.90
C MET A 25 -12.60 -4.86 -6.52
N GLU A 26 -12.79 -4.75 -5.24
CA GLU A 26 -13.93 -4.03 -4.70
C GLU A 26 -13.73 -2.53 -4.84
N VAL A 27 -12.50 -2.09 -4.70
CA VAL A 27 -12.17 -0.68 -4.75
C VAL A 27 -12.09 -0.19 -6.22
N ASP A 28 -11.73 -1.10 -7.14
CA ASP A 28 -11.61 -0.78 -8.59
C ASP A 28 -12.98 -0.58 -9.23
N SER A 29 -13.59 0.49 -8.83
CA SER A 29 -14.83 0.95 -9.33
C SER A 29 -14.61 1.68 -10.65
N ASP A 30 -13.37 2.06 -10.90
CA ASP A 30 -13.05 2.82 -12.08
C ASP A 30 -12.73 1.90 -13.24
N LYS A 31 -12.62 0.59 -12.90
CA LYS A 31 -12.42 -0.49 -13.84
C LYS A 31 -11.28 -0.26 -14.77
N ASP A 32 -10.20 0.18 -14.21
CA ASP A 32 -9.04 0.51 -15.02
C ASP A 32 -7.94 -0.51 -14.81
N GLY A 33 -8.03 -1.23 -13.71
CA GLY A 33 -6.99 -2.17 -13.34
C GLY A 33 -6.16 -1.56 -12.23
N LYS A 34 -6.46 -0.33 -11.96
CA LYS A 34 -5.92 0.45 -10.92
C LYS A 34 -6.96 1.36 -10.44
N ILE A 35 -6.81 1.76 -9.26
CA ILE A 35 -7.77 2.57 -8.60
C ILE A 35 -7.31 3.97 -8.56
N THR A 36 -8.23 4.86 -8.50
CA THR A 36 -7.93 6.23 -8.50
C THR A 36 -7.59 6.72 -7.10
N GLY A 37 -6.92 7.84 -7.02
CA GLY A 37 -6.57 8.43 -5.72
C GLY A 37 -7.76 8.56 -4.79
N GLU A 38 -8.89 8.96 -5.36
CA GLU A 38 -10.10 9.13 -4.59
C GLU A 38 -10.53 7.82 -3.93
N GLN A 39 -10.53 6.74 -4.73
CA GLN A 39 -10.94 5.41 -4.22
C GLN A 39 -10.04 4.98 -3.10
N ALA A 40 -8.74 5.20 -3.31
CA ALA A 40 -7.72 4.83 -2.36
C ALA A 40 -7.92 5.56 -1.05
N ARG A 41 -8.04 6.89 -1.12
CA ARG A 41 -8.22 7.70 0.09
C ARG A 41 -9.44 7.25 0.84
N ASN A 42 -10.54 7.01 0.12
CA ASN A 42 -11.79 6.59 0.74
C ASN A 42 -11.62 5.29 1.50
N LEU A 43 -10.87 4.38 0.91
CA LEU A 43 -10.60 3.10 1.52
C LEU A 43 -9.83 3.30 2.83
N PHE A 44 -8.82 4.13 2.77
CA PHE A 44 -7.94 4.38 3.90
C PHE A 44 -8.71 5.15 4.98
N LEU A 45 -9.59 6.04 4.53
CA LEU A 45 -10.49 6.81 5.41
C LEU A 45 -11.42 5.91 6.18
N SER A 46 -11.73 4.77 5.60
CA SER A 46 -12.56 3.77 6.22
C SER A 46 -11.80 3.08 7.36
N TRP A 47 -10.48 3.27 7.38
CA TRP A 47 -9.63 2.73 8.42
C TRP A 47 -9.28 3.84 9.39
N ARG A 48 -9.95 4.97 9.17
CA ARG A 48 -9.83 6.20 9.94
C ARG A 48 -8.40 6.74 9.93
N LEU A 49 -7.78 6.69 8.78
CA LEU A 49 -6.42 7.15 8.67
C LEU A 49 -6.35 8.65 8.48
N PRO A 50 -5.38 9.28 9.18
CA PRO A 50 -5.15 10.72 9.13
C PRO A 50 -4.62 11.13 7.81
N ARG A 51 -4.81 12.39 7.54
CA ARG A 51 -4.41 13.02 6.29
C ARG A 51 -2.90 12.97 6.12
N GLU A 52 -2.19 13.00 7.25
CA GLU A 52 -0.75 12.86 7.29
C GLU A 52 -0.34 11.42 6.93
N VAL A 53 -1.17 10.44 7.29
CA VAL A 53 -0.79 9.06 7.10
C VAL A 53 -1.14 8.72 5.70
N LEU A 54 -2.24 9.26 5.30
CA LEU A 54 -2.75 9.18 4.00
C LEU A 54 -1.72 9.59 2.95
N LYS A 55 -1.13 10.77 3.14
CA LYS A 55 -0.12 11.23 2.20
C LYS A 55 1.14 10.38 2.29
N HIS A 56 1.52 10.00 3.52
CA HIS A 56 2.76 9.27 3.73
C HIS A 56 2.67 7.86 3.15
N VAL A 57 1.55 7.20 3.37
CA VAL A 57 1.32 5.86 2.83
C VAL A 57 1.34 5.92 1.31
N TRP A 58 0.73 6.95 0.76
CA TRP A 58 0.71 7.15 -0.68
C TRP A 58 2.15 7.30 -1.17
N GLU A 59 2.91 8.15 -0.51
CA GLU A 59 4.31 8.41 -0.85
C GLU A 59 5.17 7.15 -0.86
N LEU A 60 4.85 6.21 0.01
CA LEU A 60 5.56 4.96 0.05
C LEU A 60 5.06 3.98 -1.00
N SER A 61 3.76 3.79 -1.07
CA SER A 61 3.20 2.80 -1.97
C SER A 61 3.20 3.25 -3.43
N ASP A 62 2.81 4.47 -3.67
CA ASP A 62 2.78 5.02 -5.00
C ASP A 62 4.13 5.58 -5.32
N GLN A 63 4.94 4.71 -5.80
CA GLN A 63 6.32 4.97 -6.13
C GLN A 63 6.44 5.91 -7.29
N ASP A 64 5.59 5.73 -8.25
CA ASP A 64 5.72 6.43 -9.51
C ASP A 64 5.13 7.83 -9.48
N ASN A 65 4.85 8.32 -8.24
CA ASN A 65 4.26 9.67 -7.89
C ASN A 65 3.14 10.08 -8.79
N ASP A 66 2.32 9.13 -8.98
CA ASP A 66 1.19 9.15 -9.85
C ASP A 66 -0.15 9.17 -9.06
N THR A 67 -1.24 9.30 -9.77
CA THR A 67 -2.57 9.45 -9.20
C THR A 67 -3.30 8.13 -8.97
N MET A 68 -2.84 7.07 -9.58
CA MET A 68 -3.57 5.81 -9.47
C MET A 68 -2.79 4.75 -8.78
N LEU A 69 -3.45 3.97 -7.96
CA LEU A 69 -2.77 2.90 -7.28
C LEU A 69 -3.04 1.62 -7.98
N SER A 70 -1.99 0.99 -8.42
CA SER A 70 -2.11 -0.28 -9.07
C SER A 70 -2.20 -1.36 -8.01
N LEU A 71 -2.43 -2.58 -8.44
CA LEU A 71 -2.53 -3.71 -7.54
C LEU A 71 -1.25 -3.83 -6.72
N ARG A 72 -0.12 -3.67 -7.38
CA ARG A 72 1.15 -3.82 -6.74
C ARG A 72 1.40 -2.74 -5.71
N GLU A 73 0.96 -1.53 -6.00
CA GLU A 73 1.13 -0.41 -5.08
C GLU A 73 0.12 -0.52 -3.94
N PHE A 74 -1.11 -0.90 -4.31
CA PHE A 74 -2.25 -1.03 -3.40
C PHE A 74 -1.96 -2.00 -2.26
N CYS A 75 -1.35 -3.13 -2.60
CA CYS A 75 -0.98 -4.13 -1.60
C CYS A 75 0.01 -3.54 -0.60
N ILE A 76 0.83 -2.64 -1.09
CA ILE A 76 1.81 -1.97 -0.27
C ILE A 76 1.13 -0.97 0.64
N SER A 77 0.14 -0.28 0.10
CA SER A 77 -0.59 0.74 0.83
C SER A 77 -1.21 0.11 2.07
N LEU A 78 -1.94 -0.96 1.85
CA LEU A 78 -2.63 -1.66 2.90
C LEU A 78 -1.65 -2.31 3.85
N TYR A 79 -0.53 -2.79 3.30
CA TYR A 79 0.53 -3.40 4.10
C TYR A 79 0.99 -2.41 5.16
N LEU A 80 1.29 -1.20 4.73
CA LEU A 80 1.76 -0.13 5.58
C LEU A 80 0.67 0.29 6.57
N MET A 81 -0.55 0.35 6.07
CA MET A 81 -1.70 0.71 6.86
C MET A 81 -1.93 -0.25 8.01
N GLU A 82 -1.76 -1.54 7.76
CA GLU A 82 -1.89 -2.54 8.81
C GLU A 82 -0.77 -2.37 9.84
N ARG A 83 0.40 -1.93 9.37
CA ARG A 83 1.55 -1.72 10.26
C ARG A 83 1.30 -0.49 11.12
N TYR A 84 0.69 0.50 10.54
CA TYR A 84 0.33 1.69 11.25
C TYR A 84 -0.67 1.34 12.36
N ARG A 85 -1.68 0.56 11.99
CA ARG A 85 -2.71 0.12 12.95
C ARG A 85 -2.14 -0.67 14.11
N GLU A 86 -1.17 -1.52 13.83
CA GLU A 86 -0.53 -2.31 14.86
C GLU A 86 0.42 -1.48 15.73
N GLY A 87 0.57 -0.21 15.38
CA GLY A 87 1.38 0.68 16.18
C GLY A 87 2.82 0.75 15.72
N ARG A 88 3.06 0.40 14.50
CA ARG A 88 4.39 0.43 13.97
C ARG A 88 4.51 1.66 13.07
N PRO A 89 5.61 2.42 13.21
CA PRO A 89 5.84 3.65 12.42
C PRO A 89 6.03 3.36 10.93
N LEU A 90 5.68 4.35 10.13
CA LEU A 90 5.77 4.24 8.69
C LEU A 90 7.15 4.67 8.23
N PRO A 91 7.82 3.76 7.50
CA PRO A 91 9.13 3.98 6.87
C PRO A 91 9.22 5.27 6.10
N THR A 92 10.39 5.81 6.02
CA THR A 92 10.59 7.01 5.26
C THR A 92 10.89 6.59 3.82
N ALA A 93 11.17 5.31 3.66
CA ALA A 93 11.43 4.72 2.37
C ALA A 93 10.85 3.33 2.36
N LEU A 94 10.29 2.93 1.27
CA LEU A 94 9.74 1.64 1.14
C LEU A 94 10.83 0.63 0.81
N PRO A 95 11.05 -0.33 1.71
CA PRO A 95 12.07 -1.36 1.60
C PRO A 95 11.96 -2.17 0.31
N SER A 96 13.08 -2.36 -0.33
CA SER A 96 13.18 -3.07 -1.58
C SER A 96 12.82 -4.56 -1.43
N SER A 97 12.95 -5.09 -0.21
CA SER A 97 12.59 -6.47 0.09
C SER A 97 11.09 -6.65 -0.16
N ILE A 98 10.35 -5.59 0.13
CA ILE A 98 8.92 -5.52 -0.04
C ILE A 98 8.63 -5.22 -1.52
N MET A 99 9.35 -4.24 -2.01
CA MET A 99 9.19 -3.72 -3.38
C MET A 99 9.37 -4.76 -4.46
N PHE A 100 10.34 -5.61 -4.29
CA PHE A 100 10.68 -6.54 -5.30
C PHE A 100 10.36 -7.95 -4.90
N ASP A 101 9.24 -8.10 -4.29
CA ASP A 101 8.77 -9.42 -3.97
C ASP A 101 8.03 -9.98 -5.16
N GLU A 102 8.28 -11.25 -5.42
CA GLU A 102 7.74 -12.00 -6.56
C GLU A 102 6.22 -11.92 -6.68
N THR A 103 5.52 -11.65 -5.60
CA THR A 103 4.09 -11.54 -5.63
C THR A 103 3.63 -10.28 -6.36
N LEU A 104 4.41 -9.23 -6.23
CA LEU A 104 4.06 -7.97 -6.83
C LEU A 104 4.68 -7.81 -8.19
N LEU A 105 5.77 -8.53 -8.42
CA LEU A 105 6.47 -8.51 -9.64
C LEU A 105 5.67 -9.25 -10.71
N SER A 106 4.96 -10.27 -10.30
CA SER A 106 4.13 -11.02 -11.19
C SER A 106 2.66 -10.69 -10.91
CA CA B . 0.74 4.47 -9.29
N GLY A 3 20.75 3.31 14.61
CA GLY A 3 21.55 3.85 13.53
C GLY A 3 20.68 4.49 12.50
N ASN A 4 21.18 4.70 11.32
CA ASN A 4 20.39 5.27 10.26
C ASN A 4 19.90 4.15 9.36
N ASN A 5 19.09 3.29 9.91
CA ASN A 5 18.57 2.17 9.15
C ASN A 5 17.31 1.70 9.81
N GLN A 6 16.50 1.04 9.05
CA GLN A 6 15.31 0.42 9.54
C GLN A 6 15.54 -1.07 9.44
N PRO A 7 14.97 -1.85 10.33
CA PRO A 7 15.08 -3.28 10.26
C PRO A 7 14.25 -3.80 9.09
N PRO A 8 14.77 -4.77 8.35
CA PRO A 8 14.15 -5.25 7.14
C PRO A 8 12.85 -5.93 7.41
N TRP A 9 11.98 -5.73 6.50
CA TRP A 9 10.65 -6.19 6.59
C TRP A 9 10.50 -7.44 5.78
N PRO A 10 9.71 -8.39 6.26
CA PRO A 10 9.39 -9.59 5.51
C PRO A 10 8.63 -9.21 4.25
N LYS A 11 9.09 -9.71 3.14
CA LYS A 11 8.48 -9.38 1.88
C LYS A 11 7.09 -9.95 1.80
N MET A 12 6.24 -9.20 1.14
CA MET A 12 4.82 -9.45 1.02
C MET A 12 4.60 -10.82 0.42
N LYS A 13 3.92 -11.70 1.14
CA LYS A 13 3.76 -13.05 0.70
C LYS A 13 2.58 -13.15 -0.25
N PRO A 14 2.44 -14.22 -1.05
CA PRO A 14 1.31 -14.36 -1.97
C PRO A 14 0.00 -14.19 -1.23
N SER A 15 -0.08 -14.80 -0.05
CA SER A 15 -1.23 -14.74 0.80
C SER A 15 -1.53 -13.28 1.23
N ASP A 16 -0.48 -12.45 1.42
CA ASP A 16 -0.71 -11.04 1.75
C ASP A 16 -1.29 -10.34 0.57
N VAL A 17 -0.69 -10.57 -0.58
CA VAL A 17 -1.12 -9.93 -1.79
C VAL A 17 -2.56 -10.29 -2.09
N GLN A 18 -2.91 -11.54 -1.84
CA GLN A 18 -4.25 -12.04 -2.05
C GLN A 18 -5.25 -11.27 -1.23
N LYS A 19 -4.95 -11.08 0.06
CA LYS A 19 -5.87 -10.37 0.94
C LYS A 19 -6.03 -8.91 0.51
N TYR A 20 -4.95 -8.34 -0.02
CA TYR A 20 -4.97 -6.96 -0.48
C TYR A 20 -5.69 -6.86 -1.82
N THR A 21 -5.58 -7.91 -2.62
CA THR A 21 -6.18 -7.96 -3.94
C THR A 21 -7.68 -8.10 -3.79
N LYS A 22 -8.05 -8.81 -2.76
CA LYS A 22 -9.35 -9.02 -2.36
C LYS A 22 -10.03 -7.69 -2.00
N VAL A 23 -9.32 -6.88 -1.27
CA VAL A 23 -9.79 -5.54 -0.88
C VAL A 23 -9.86 -4.65 -2.13
N PHE A 24 -8.96 -4.90 -3.06
CA PHE A 24 -8.82 -4.07 -4.25
C PHE A 24 -10.04 -4.20 -5.12
N MET A 25 -10.63 -5.36 -5.12
CA MET A 25 -11.84 -5.68 -5.91
C MET A 25 -13.01 -4.82 -5.45
N GLU A 26 -12.93 -4.41 -4.22
CA GLU A 26 -13.93 -3.54 -3.63
C GLU A 26 -13.74 -2.12 -4.14
N VAL A 27 -12.50 -1.69 -4.16
CA VAL A 27 -12.13 -0.31 -4.46
C VAL A 27 -12.08 -0.02 -5.97
N ASP A 28 -11.65 -1.01 -6.74
CA ASP A 28 -11.48 -0.84 -8.19
C ASP A 28 -12.80 -0.93 -8.90
N SER A 29 -13.44 0.20 -8.97
CA SER A 29 -14.72 0.33 -9.60
C SER A 29 -14.57 0.43 -11.13
N ASP A 30 -13.36 0.72 -11.58
CA ASP A 30 -13.12 0.95 -13.01
C ASP A 30 -12.65 -0.28 -13.72
N LYS A 31 -12.29 -1.29 -12.94
CA LYS A 31 -11.79 -2.57 -13.41
C LYS A 31 -10.56 -2.37 -14.29
N ASP A 32 -9.78 -1.40 -13.91
CA ASP A 32 -8.62 -0.98 -14.67
C ASP A 32 -7.36 -1.59 -14.09
N GLY A 33 -7.45 -2.10 -12.88
CA GLY A 33 -6.28 -2.70 -12.26
C GLY A 33 -5.58 -1.72 -11.37
N LYS A 34 -6.13 -0.53 -11.32
CA LYS A 34 -5.68 0.53 -10.49
C LYS A 34 -6.81 1.41 -10.14
N ILE A 35 -6.65 2.08 -9.08
CA ILE A 35 -7.65 2.92 -8.52
C ILE A 35 -7.17 4.32 -8.49
N THR A 36 -8.08 5.23 -8.46
CA THR A 36 -7.74 6.62 -8.49
C THR A 36 -7.28 7.07 -7.11
N GLY A 37 -6.73 8.27 -7.02
CA GLY A 37 -6.31 8.79 -5.74
C GLY A 37 -7.47 8.84 -4.78
N GLU A 38 -8.61 9.24 -5.30
CA GLU A 38 -9.82 9.36 -4.55
C GLU A 38 -10.27 8.00 -4.02
N GLN A 39 -10.30 6.98 -4.90
CA GLN A 39 -10.75 5.62 -4.54
C GLN A 39 -9.92 5.09 -3.38
N ALA A 40 -8.62 5.26 -3.50
CA ALA A 40 -7.67 4.81 -2.51
C ALA A 40 -7.84 5.55 -1.20
N ARG A 41 -7.83 6.88 -1.26
CA ARG A 41 -7.92 7.68 -0.06
C ARG A 41 -9.23 7.47 0.66
N ASN A 42 -10.30 7.32 -0.09
CA ASN A 42 -11.62 7.03 0.51
C ASN A 42 -11.63 5.72 1.26
N LEU A 43 -10.89 4.75 0.75
CA LEU A 43 -10.73 3.47 1.42
C LEU A 43 -10.06 3.68 2.76
N PHE A 44 -8.98 4.42 2.74
CA PHE A 44 -8.19 4.66 3.93
C PHE A 44 -8.98 5.56 4.90
N LEU A 45 -9.79 6.45 4.33
CA LEU A 45 -10.70 7.32 5.06
C LEU A 45 -11.77 6.51 5.76
N SER A 46 -12.12 5.36 5.19
CA SER A 46 -13.06 4.47 5.80
C SER A 46 -12.43 3.85 7.07
N TRP A 47 -11.11 3.81 7.11
CA TRP A 47 -10.38 3.32 8.28
C TRP A 47 -10.11 4.49 9.23
N ARG A 48 -10.51 5.67 8.75
CA ARG A 48 -10.32 6.96 9.38
C ARG A 48 -8.88 7.26 9.71
N LEU A 49 -8.03 7.06 8.73
CA LEU A 49 -6.64 7.36 8.86
C LEU A 49 -6.44 8.88 8.71
N PRO A 50 -5.41 9.42 9.36
CA PRO A 50 -5.10 10.83 9.30
C PRO A 50 -4.60 11.22 7.95
N ARG A 51 -4.80 12.46 7.66
CA ARG A 51 -4.42 13.08 6.40
C ARG A 51 -2.92 13.01 6.17
N GLU A 52 -2.16 13.05 7.26
CA GLU A 52 -0.72 12.89 7.15
C GLU A 52 -0.34 11.43 6.91
N VAL A 53 -1.18 10.48 7.35
CA VAL A 53 -0.81 9.08 7.20
C VAL A 53 -1.20 8.68 5.83
N LEU A 54 -2.30 9.23 5.43
CA LEU A 54 -2.85 9.08 4.14
C LEU A 54 -1.83 9.41 3.06
N LYS A 55 -1.24 10.58 3.15
CA LYS A 55 -0.26 10.99 2.18
C LYS A 55 1.01 10.19 2.36
N HIS A 56 1.36 9.87 3.61
CA HIS A 56 2.57 9.13 3.89
C HIS A 56 2.48 7.72 3.28
N VAL A 57 1.34 7.08 3.42
CA VAL A 57 1.11 5.76 2.84
C VAL A 57 1.19 5.85 1.33
N TRP A 58 0.61 6.91 0.78
CA TRP A 58 0.62 7.15 -0.64
C TRP A 58 2.06 7.28 -1.13
N GLU A 59 2.83 8.11 -0.45
CA GLU A 59 4.23 8.35 -0.76
C GLU A 59 5.08 7.06 -0.74
N LEU A 60 4.72 6.15 0.15
CA LEU A 60 5.42 4.89 0.24
C LEU A 60 4.93 3.89 -0.80
N SER A 61 3.66 3.91 -1.09
CA SER A 61 3.08 2.96 -2.03
C SER A 61 3.28 3.42 -3.49
N ASP A 62 2.86 4.62 -3.78
CA ASP A 62 2.99 5.15 -5.11
C ASP A 62 4.33 5.80 -5.27
N GLN A 63 5.24 4.95 -5.58
CA GLN A 63 6.65 5.30 -5.88
C GLN A 63 6.73 5.87 -7.27
N ASP A 64 5.73 5.51 -7.99
CA ASP A 64 5.54 5.78 -9.39
C ASP A 64 5.07 7.23 -9.60
N ASN A 65 4.90 7.95 -8.46
CA ASN A 65 4.56 9.39 -8.35
C ASN A 65 3.41 9.81 -9.21
N ASP A 66 2.59 8.87 -9.39
CA ASP A 66 1.43 8.95 -10.23
C ASP A 66 0.13 8.97 -9.39
N THR A 67 -0.87 9.62 -9.92
CA THR A 67 -2.14 9.87 -9.23
C THR A 67 -2.93 8.61 -8.81
N MET A 68 -2.58 7.47 -9.35
CA MET A 68 -3.36 6.27 -9.12
C MET A 68 -2.56 5.21 -8.42
N LEU A 69 -3.23 4.41 -7.58
CA LEU A 69 -2.56 3.29 -6.98
C LEU A 69 -2.93 2.07 -7.72
N SER A 70 -1.97 1.40 -8.27
CA SER A 70 -2.23 0.18 -8.95
C SER A 70 -2.25 -0.96 -7.96
N LEU A 71 -2.70 -2.13 -8.37
CA LEU A 71 -2.80 -3.30 -7.50
C LEU A 71 -1.51 -3.54 -6.71
N ARG A 72 -0.39 -3.53 -7.40
CA ARG A 72 0.91 -3.74 -6.82
C ARG A 72 1.21 -2.69 -5.69
N GLU A 73 0.85 -1.43 -5.95
CA GLU A 73 1.12 -0.32 -5.05
C GLU A 73 0.12 -0.36 -3.89
N PHE A 74 -1.11 -0.72 -4.22
CA PHE A 74 -2.20 -0.82 -3.29
C PHE A 74 -1.94 -1.88 -2.23
N CYS A 75 -1.33 -2.97 -2.64
CA CYS A 75 -0.95 -4.04 -1.73
C CYS A 75 0.04 -3.51 -0.70
N ILE A 76 0.89 -2.59 -1.15
CA ILE A 76 1.87 -1.96 -0.29
C ILE A 76 1.16 -1.06 0.72
N SER A 77 0.13 -0.37 0.25
CA SER A 77 -0.63 0.57 1.06
C SER A 77 -1.22 -0.13 2.26
N LEU A 78 -1.92 -1.21 2.00
CA LEU A 78 -2.58 -1.98 3.03
C LEU A 78 -1.56 -2.65 3.93
N TYR A 79 -0.44 -3.08 3.36
CA TYR A 79 0.63 -3.70 4.10
C TYR A 79 1.15 -2.75 5.18
N LEU A 80 1.32 -1.51 4.80
CA LEU A 80 1.79 -0.47 5.69
C LEU A 80 0.70 -0.05 6.67
N MET A 81 -0.52 0.06 6.17
CA MET A 81 -1.67 0.45 6.97
C MET A 81 -1.90 -0.47 8.13
N GLU A 82 -1.75 -1.79 7.93
CA GLU A 82 -1.92 -2.74 9.03
C GLU A 82 -0.89 -2.47 10.13
N ARG A 83 0.34 -2.17 9.73
CA ARG A 83 1.46 -1.94 10.66
C ARG A 83 1.17 -0.72 11.50
N TYR A 84 0.58 0.27 10.87
CA TYR A 84 0.19 1.50 11.52
C TYR A 84 -0.82 1.22 12.63
N ARG A 85 -1.79 0.35 12.33
CA ARG A 85 -2.84 -0.06 13.30
C ARG A 85 -2.21 -0.81 14.47
N GLU A 86 -1.09 -1.46 14.19
CA GLU A 86 -0.35 -2.20 15.21
C GLU A 86 0.41 -1.24 16.13
N GLY A 87 0.52 0.00 15.72
CA GLY A 87 1.20 1.01 16.51
C GLY A 87 2.64 1.18 16.04
N ARG A 88 2.90 0.75 14.84
CA ARG A 88 4.21 0.83 14.25
C ARG A 88 4.23 1.95 13.23
N PRO A 89 5.20 2.87 13.35
CA PRO A 89 5.36 3.99 12.43
C PRO A 89 5.70 3.56 11.02
N LEU A 90 5.42 4.43 10.09
CA LEU A 90 5.61 4.21 8.69
C LEU A 90 6.99 4.69 8.28
N PRO A 91 7.74 3.83 7.56
CA PRO A 91 9.11 4.10 7.09
C PRO A 91 9.28 5.40 6.39
N THR A 92 10.50 5.83 6.47
CA THR A 92 11.01 6.97 5.84
C THR A 92 11.11 6.71 4.35
N ALA A 93 11.28 5.45 4.04
CA ALA A 93 11.41 4.99 2.68
C ALA A 93 10.97 3.56 2.61
N LEU A 94 10.30 3.20 1.54
CA LEU A 94 9.80 1.87 1.36
C LEU A 94 10.93 0.98 0.89
N PRO A 95 11.19 -0.08 1.63
CA PRO A 95 12.22 -1.06 1.29
C PRO A 95 11.92 -1.75 -0.05
N SER A 96 12.92 -1.78 -0.90
CA SER A 96 12.83 -2.35 -2.22
C SER A 96 12.49 -3.84 -2.15
N SER A 97 12.90 -4.47 -1.06
CA SER A 97 12.66 -5.87 -0.77
C SER A 97 11.14 -6.18 -0.77
N ILE A 98 10.36 -5.17 -0.42
CA ILE A 98 8.92 -5.30 -0.34
C ILE A 98 8.29 -5.26 -1.73
N MET A 99 8.73 -4.32 -2.51
CA MET A 99 8.16 -4.10 -3.85
C MET A 99 8.70 -5.07 -4.91
N PHE A 100 9.91 -5.56 -4.72
CA PHE A 100 10.51 -6.43 -5.71
C PHE A 100 10.25 -7.89 -5.46
N ASP A 101 9.20 -8.19 -4.76
CA ASP A 101 8.80 -9.55 -4.56
C ASP A 101 7.97 -9.99 -5.75
N GLU A 102 8.17 -11.25 -6.11
CA GLU A 102 7.56 -11.89 -7.26
C GLU A 102 6.04 -11.79 -7.28
N THR A 103 5.43 -11.64 -6.13
CA THR A 103 3.99 -11.57 -6.03
C THR A 103 3.43 -10.24 -6.55
N LEU A 104 4.25 -9.20 -6.52
CA LEU A 104 3.83 -7.92 -7.03
C LEU A 104 4.21 -7.78 -8.48
N LEU A 105 5.29 -8.48 -8.86
CA LEU A 105 5.79 -8.50 -10.18
C LEU A 105 4.88 -9.33 -11.09
N SER A 106 4.25 -10.32 -10.51
CA SER A 106 3.35 -11.17 -11.24
C SER A 106 1.92 -10.71 -10.96
CA CA B . 0.82 4.51 -9.42
#